data_9OPY
#
_entry.id   9OPY
#
_cell.length_a   1.00
_cell.length_b   1.00
_cell.length_c   1.00
_cell.angle_alpha   90.00
_cell.angle_beta   90.00
_cell.angle_gamma   90.00
#
_symmetry.space_group_name_H-M   'P 1'
#
loop_
_entity.id
_entity.type
_entity.pdbx_description
1 polymer 'Taste receptor type 1 member 2'
2 polymer 'Taste receptor type 1 member 3'
#
loop_
_entity_poly.entity_id
_entity_poly.type
_entity_poly.pdbx_seq_one_letter_code
_entity_poly.pdbx_strand_id
1 'polypeptide(L)'
;EPAENSDFYLPGDYLLGGLFSLHANMKGIVHLNFLQVPMCKEYEVKVIGYNLMQAMRFAVEEINNDSSLLPGVLLGYEIV
DVCYISNNVQPVLYFLAHEDNLLPIQEDYSNYSSRVVAVIGPDNSESVMTVANFLSLFLLPQITYSAISDELRDKVRFPA
LLRTTPSADHHIEAMVQLMLHFRWNWIIVLVSNDTYGRDNGQLLGERVARRDICIAFQETLPTLQPNQNMTSEERQRLVT
IVDKLQQSTARVVVVFSPDLTLYHFFNEVLRQNFTGAVWIASESWAIDPVLHNLTELRHLGTFLGITIQSVPIPGFSEFR
EWGPQAGPPPLSRTSQSYTCNQECDNCLNATLSFNTILRLSGERVVYSVYSAVYAVAHALHSLLGCDKSTCTKRVVYPWQ
LLEEIWKVNFTLLDHQIFFDPQGDVALHLEIVQWQWDRSQNPFQSVASYYPLQRQLKNIQDISWHTINNTIPMSMCSKRC
QSGQKKKPVGIHVCCFECIDCLPGTFLNHTEDEYECQACPNNEWSYQSETSCFKRQLVFLEWHEAPTIAVALLAALGFLS
TLAILVIFWRHFQTPIVRSAGGPMCFLMLTLLLVAYMVVPVYVGPPKVSTCLCRQALFPLCFTICISCIAVRSFQIVCAF
KMASRFPRAYSYWVRYQGPYVSMAFITVLKMVIVVIGMLATGLSPTTRTDPDDPKITIVSCNPNYRNSLLFNTSLDLLLS
VVGFSFAYMGKELPTNYNEAKFITLSMTFYFTSSVSLCTFMSAYSGVLVTIVDLLVTVLNLLAISLGYFGPKCYMILFYP
ERNTPAYFNSMIQGYTMRRD
;
A
2 'polypeptide(L)'
;LCLSQQFKAQGDYILGGLFPLGSTEEATLNQRTQPNSIPCNRFSPLGLFLAMAMKMAVEEINNGSALLPGLRLGYDLFDT
CSEPVVTMKSSLMFLAKVGSQSIAAYCNYTQYQPRVLAVIGPHSSELALITGKFFSFFLMPQVSYSASMDRLSDRETFPS
FFRTVPSDRVQLQAVVTLLQNFSWNWVAALGSDDDYGREGLSIFSSLANARGICIAHEGLVPQHDTSGQQLGKVLDVLRQ
VNQSKVQVVVLFASARAVYSLFSYSIHHGLSPKVWVASESWLTSDLVMTLPNIARVGTVLGFLQRGALLPEFSHYVETHL
ALAADPAFCASLNAELDLEEHVMGQRCPRCDDIMLQNLSSGLLQNLSAGQLHHQIFATYAAVYSVAQALHNTLQCNVSHC
HVSEHVLPWQLLENMYNMSFHARDLTLQFDAEGNVDMEYDLKMWVWQSPTPVLHTVGTFNGTLQLQQSKMYWPGNQVPVS
QCSRQCKDGQVRRVKGFHSCCYDCVDCKAGSYRKHPDDFTCTPCNQDQWSPEKSTACLPRRPKFLAWGEPVVLSLLLLLC
LVLGLALAALGLSVHHWDSPLVQASGGSQFCFGLICLGLFCLSVLLFPGRPSSASCLAQQPMAHLPLTGCLSTLFLQAAE
TFVESELPLSWANWLCSYLRGLWAWLVVLLATFVEAALCAWYLIAFPPEVVTDWSVLPTEVLEHCHVRSWVSLGLVHITN
AMLAFLCFLGTFLVQSQPGRYNRARGLTFAMLAYFITWVSFVPLLANVQVAYQPAVQMGAILVCALGILVTFHLPKCYVL
LWLPKLNTQEFFL
;
B
#
# COMPACT_ATOMS: atom_id res chain seq x y z
N SER A 6 24.25 12.26 -64.21
CA SER A 6 23.00 12.18 -63.41
C SER A 6 22.75 13.47 -62.66
N ASP A 7 21.55 13.60 -62.08
CA ASP A 7 21.19 14.77 -61.29
C ASP A 7 21.72 14.71 -59.87
N PHE A 8 22.39 13.63 -59.46
CA PHE A 8 22.92 13.53 -58.12
C PHE A 8 24.08 14.48 -57.86
N TYR A 9 24.61 15.14 -58.89
CA TYR A 9 25.75 16.02 -58.75
C TYR A 9 25.57 17.27 -59.59
N LEU A 10 25.92 18.42 -59.02
CA LEU A 10 26.01 19.68 -59.73
C LEU A 10 27.24 20.44 -59.23
N PRO A 11 27.99 21.09 -60.12
CA PRO A 11 29.18 21.82 -59.68
C PRO A 11 28.84 23.14 -59.02
N GLY A 12 29.84 23.71 -58.37
CA GLY A 12 29.71 25.04 -57.78
C GLY A 12 31.03 25.46 -57.15
N ASP A 13 31.02 26.68 -56.61
CA ASP A 13 32.18 27.17 -55.87
C ASP A 13 32.32 26.48 -54.52
N TYR A 14 31.22 26.03 -53.94
CA TYR A 14 31.22 25.31 -52.68
C TYR A 14 30.15 24.22 -52.76
N LEU A 15 30.43 23.09 -52.11
CA LEU A 15 29.64 21.88 -52.28
C LEU A 15 29.09 21.39 -50.95
N LEU A 16 27.85 20.88 -50.99
CA LEU A 16 27.22 20.26 -49.83
C LEU A 16 27.06 18.76 -50.08
N GLY A 17 27.36 17.97 -49.06
CA GLY A 17 27.05 16.55 -49.11
C GLY A 17 25.63 16.27 -48.67
N GLY A 18 25.04 15.24 -49.28
CA GLY A 18 23.68 14.87 -48.95
C GLY A 18 23.47 13.38 -48.92
N LEU A 19 22.91 12.87 -47.82
CA LEU A 19 22.66 11.43 -47.65
C LEU A 19 21.16 11.22 -47.45
N PHE A 20 20.55 10.48 -48.37
CA PHE A 20 19.12 10.22 -48.31
C PHE A 20 18.87 8.76 -48.62
N SER A 21 17.89 8.17 -47.92
CA SER A 21 17.58 6.75 -48.04
C SER A 21 16.54 6.53 -49.14
N LEU A 22 17.03 6.53 -50.37
CA LEU A 22 16.17 6.19 -51.50
C LEU A 22 15.77 4.73 -51.53
N HIS A 23 16.55 3.85 -50.87
CA HIS A 23 16.28 2.41 -50.92
C HIS A 23 16.17 1.92 -49.48
N ALA A 24 15.90 0.64 -49.26
CA ALA A 24 15.83 0.00 -47.93
C ALA A 24 15.66 0.99 -46.78
N HIS A 31 24.71 -9.81 -47.70
CA HIS A 31 25.94 -10.38 -48.25
C HIS A 31 25.63 -11.36 -49.38
N ASN A 33 27.13 -14.90 -48.82
CA ASN A 33 28.47 -14.75 -48.28
C ASN A 33 28.77 -13.26 -48.05
N PHE A 34 29.30 -12.95 -46.86
CA PHE A 34 29.54 -11.56 -46.48
C PHE A 34 30.59 -10.88 -47.35
N LEU A 35 31.41 -11.64 -48.08
CA LEU A 35 32.34 -11.01 -49.01
C LEU A 35 31.60 -10.40 -50.19
N GLN A 36 30.44 -10.93 -50.54
CA GLN A 36 29.65 -10.44 -51.66
C GLN A 36 28.77 -9.27 -51.18
N VAL A 37 29.40 -8.11 -51.02
CA VAL A 37 28.72 -6.92 -50.52
C VAL A 37 27.69 -6.46 -51.54
N PRO A 38 26.41 -6.34 -51.17
CA PRO A 38 25.39 -5.96 -52.15
C PRO A 38 25.45 -4.48 -52.52
N MET A 39 25.09 -4.19 -53.76
CA MET A 39 24.96 -2.81 -54.21
C MET A 39 23.65 -2.20 -53.73
N CYS A 40 23.66 -0.88 -53.52
CA CYS A 40 22.50 -0.20 -52.95
C CYS A 40 21.26 -0.31 -53.83
N LYS A 41 21.42 -0.54 -55.13
CA LYS A 41 20.27 -0.57 -56.05
C LYS A 41 19.46 -1.85 -55.93
N GLU A 42 19.92 -2.81 -55.14
CA GLU A 42 19.35 -4.17 -55.15
C GLU A 42 18.20 -4.29 -54.15
N TYR A 43 17.55 -3.17 -53.84
CA TYR A 43 16.49 -3.15 -52.85
C TYR A 43 15.38 -2.22 -53.33
N GLU A 44 14.18 -2.41 -52.77
CA GLU A 44 13.01 -1.67 -53.23
C GLU A 44 13.18 -0.18 -53.02
N VAL A 45 12.59 0.60 -53.94
CA VAL A 45 12.63 2.04 -53.87
C VAL A 45 11.65 2.55 -52.81
N LYS A 46 12.02 3.64 -52.14
CA LYS A 46 11.19 4.28 -51.15
C LYS A 46 10.95 5.73 -51.56
N VAL A 47 9.68 6.13 -51.63
CA VAL A 47 9.29 7.40 -52.24
C VAL A 47 9.74 8.60 -51.40
N ILE A 48 9.70 8.46 -50.07
CA ILE A 48 10.07 9.58 -49.21
C ILE A 48 11.49 10.03 -49.49
N GLY A 49 12.36 9.11 -49.92
CA GLY A 49 13.69 9.50 -50.33
C GLY A 49 13.68 10.44 -51.52
N TYR A 50 12.83 10.16 -52.50
CA TYR A 50 12.69 11.08 -53.63
C TYR A 50 12.20 12.44 -53.16
N ASN A 51 11.22 12.45 -52.25
CA ASN A 51 10.72 13.73 -51.75
C ASN A 51 11.82 14.55 -51.09
N LEU A 52 12.59 13.92 -50.19
CA LEU A 52 13.64 14.64 -49.47
C LEU A 52 14.75 15.11 -50.40
N MET A 53 15.17 14.25 -51.33
CA MET A 53 16.21 14.62 -52.28
C MET A 53 15.76 15.81 -53.12
N GLN A 54 14.53 15.77 -53.63
CA GLN A 54 14.03 16.90 -54.40
C GLN A 54 13.89 18.15 -53.55
N ALA A 55 13.61 17.99 -52.25
CA ALA A 55 13.59 19.16 -51.37
C ALA A 55 14.97 19.81 -51.29
N MET A 56 16.02 19.01 -51.12
CA MET A 56 17.37 19.58 -51.09
C MET A 56 17.71 20.26 -52.41
N ARG A 57 17.40 19.60 -53.53
CA ARG A 57 17.73 20.18 -54.84
C ARG A 57 16.96 21.48 -55.06
N PHE A 58 15.69 21.52 -54.67
CA PHE A 58 14.92 22.75 -54.79
C PHE A 58 15.54 23.86 -53.94
N ALA A 59 15.92 23.54 -52.71
CA ALA A 59 16.50 24.55 -51.83
C ALA A 59 17.77 25.13 -52.43
N VAL A 60 18.66 24.26 -52.93
CA VAL A 60 19.93 24.75 -53.46
C VAL A 60 19.72 25.55 -54.74
N GLU A 61 18.82 25.09 -55.61
CA GLU A 61 18.55 25.85 -56.83
C GLU A 61 17.95 27.21 -56.51
N GLU A 62 17.01 27.25 -55.57
CA GLU A 62 16.42 28.53 -55.17
C GLU A 62 17.49 29.47 -54.60
N ILE A 63 18.39 28.93 -53.77
CA ILE A 63 19.44 29.76 -53.20
C ILE A 63 20.36 30.27 -54.30
N ASN A 64 20.61 29.47 -55.34
CA ASN A 64 21.40 29.96 -56.46
C ASN A 64 20.65 31.03 -57.24
N ASN A 65 19.32 30.96 -57.30
CA ASN A 65 18.54 31.99 -57.97
C ASN A 65 18.47 33.28 -57.17
N ASP A 66 18.47 33.19 -55.84
CA ASP A 66 18.36 34.37 -54.99
C ASP A 66 19.67 35.13 -55.00
N SER A 67 19.74 36.20 -55.80
CA SER A 67 20.98 36.97 -55.93
C SER A 67 21.35 37.72 -54.65
N SER A 68 20.44 37.85 -53.70
CA SER A 68 20.70 38.60 -52.48
C SER A 68 21.36 37.78 -51.38
N LEU A 69 21.35 36.44 -51.51
CA LEU A 69 21.84 35.55 -50.48
C LEU A 69 23.27 35.11 -50.71
N LEU A 70 23.63 34.77 -51.95
CA LEU A 70 25.01 34.43 -52.31
C LEU A 70 25.34 35.10 -53.64
N PRO A 71 25.66 36.40 -53.62
CA PRO A 71 25.92 37.12 -54.87
C PRO A 71 27.19 36.63 -55.54
N GLY A 72 27.07 36.21 -56.79
CA GLY A 72 28.23 35.81 -57.56
C GLY A 72 28.86 34.51 -57.15
N VAL A 73 28.14 33.67 -56.40
CA VAL A 73 28.65 32.39 -55.93
C VAL A 73 27.59 31.32 -56.14
N LEU A 74 28.02 30.15 -56.61
CA LEU A 74 27.14 29.03 -56.91
C LEU A 74 27.37 27.91 -55.90
N LEU A 75 26.29 27.44 -55.28
CA LEU A 75 26.36 26.23 -54.47
C LEU A 75 26.20 25.00 -55.34
N GLY A 76 27.00 23.97 -55.04
CA GLY A 76 26.84 22.67 -55.62
C GLY A 76 26.58 21.63 -54.54
N TYR A 77 26.49 20.38 -54.97
CA TYR A 77 26.20 19.30 -54.03
C TYR A 77 26.65 17.97 -54.64
N GLU A 78 26.85 16.99 -53.75
CA GLU A 78 27.02 15.59 -54.11
C GLU A 78 26.12 14.76 -53.21
N ILE A 79 25.17 14.06 -53.81
CA ILE A 79 24.15 13.30 -53.07
C ILE A 79 24.39 11.82 -53.27
N VAL A 80 24.27 11.06 -52.19
CA VAL A 80 24.57 9.63 -52.19
C VAL A 80 23.40 8.89 -51.54
N ASP A 81 22.94 7.81 -52.19
CA ASP A 81 21.73 7.07 -51.82
C ASP A 81 21.97 6.01 -50.74
N VAL A 82 22.48 6.42 -49.58
CA VAL A 82 22.72 5.52 -48.45
C VAL A 82 21.46 4.73 -48.10
N CYS A 83 21.59 3.40 -48.05
CA CYS A 83 20.43 2.51 -47.89
C CYS A 83 20.18 2.20 -46.41
N TYR A 84 20.01 3.27 -45.64
CA TYR A 84 19.32 3.31 -44.36
C TYR A 84 20.09 2.72 -43.18
N ILE A 85 20.96 1.74 -43.40
CA ILE A 85 22.03 1.43 -42.45
C ILE A 85 23.28 1.05 -43.23
N SER A 86 23.10 0.13 -44.18
CA SER A 86 24.20 -0.53 -44.86
C SER A 86 24.95 0.43 -45.77
N ASN A 87 26.18 0.05 -46.11
CA ASN A 87 27.01 0.81 -47.04
C ASN A 87 27.27 2.24 -46.54
N ASN A 88 27.43 2.39 -45.24
CA ASN A 88 27.99 3.61 -44.67
C ASN A 88 29.50 3.62 -44.93
N VAL A 89 30.20 4.58 -44.33
CA VAL A 89 31.65 4.69 -44.41
C VAL A 89 32.09 5.17 -45.79
N GLN A 90 31.69 4.47 -46.84
CA GLN A 90 32.09 4.89 -48.18
C GLN A 90 31.70 6.33 -48.46
N PRO A 91 30.49 6.79 -48.14
CA PRO A 91 30.15 8.20 -48.42
C PRO A 91 31.04 9.20 -47.70
N VAL A 92 31.41 8.96 -46.45
CA VAL A 92 32.20 9.94 -45.72
C VAL A 92 33.63 9.98 -46.24
N LEU A 93 34.20 8.83 -46.61
CA LEU A 93 35.49 8.84 -47.30
C LEU A 93 35.39 9.57 -48.63
N TYR A 94 34.30 9.37 -49.35
CA TYR A 94 34.06 10.06 -50.62
C TYR A 94 34.00 11.57 -50.41
N PHE A 95 33.35 12.01 -49.33
CA PHE A 95 33.20 13.44 -49.06
C PHE A 95 34.50 14.06 -48.56
N LEU A 96 35.21 13.37 -47.66
CA LEU A 96 36.35 13.96 -46.96
C LEU A 96 37.58 14.09 -47.84
N ALA A 97 37.59 13.48 -49.02
CA ALA A 97 38.81 13.42 -49.82
C ALA A 97 39.30 14.82 -50.17
N HIS A 98 40.63 14.95 -50.28
CA HIS A 98 41.23 16.23 -50.61
C HIS A 98 41.14 16.50 -52.11
N GLU A 99 41.54 15.52 -52.92
CA GLU A 99 41.44 15.62 -54.37
C GLU A 99 41.29 14.21 -54.92
N ASP A 100 40.50 14.09 -55.98
CA ASP A 100 40.10 12.78 -56.48
C ASP A 100 39.60 11.91 -55.33
N ASN A 101 40.39 10.91 -54.92
CA ASN A 101 39.95 9.92 -53.94
C ASN A 101 40.77 9.92 -52.66
N LEU A 102 41.75 10.80 -52.53
CA LEU A 102 42.80 10.65 -51.53
C LEU A 102 42.50 11.50 -50.29
N LEU A 103 42.70 10.90 -49.13
CA LEU A 103 42.51 11.56 -47.83
C LEU A 103 43.80 11.46 -47.03
N PRO A 104 44.47 12.57 -46.71
CA PRO A 104 45.69 12.46 -45.90
C PRO A 104 45.41 12.26 -44.42
N ILE A 105 46.33 11.56 -43.75
CA ILE A 105 46.25 11.32 -42.32
C ILE A 105 47.28 12.21 -41.63
N GLN A 106 46.84 12.97 -40.63
CA GLN A 106 47.74 13.87 -39.93
C GLN A 106 47.18 14.23 -38.58
N GLU A 107 48.03 14.84 -37.75
CA GLU A 107 47.65 15.18 -36.38
C GLU A 107 46.60 16.29 -36.35
N ASP A 108 46.77 17.32 -37.18
CA ASP A 108 45.96 18.52 -37.08
C ASP A 108 45.40 18.89 -38.45
N TYR A 109 44.11 19.17 -38.50
CA TYR A 109 43.40 19.45 -39.75
C TYR A 109 42.93 20.90 -39.84
N SER A 110 43.46 21.80 -39.02
CA SER A 110 42.95 23.18 -39.01
C SER A 110 43.23 23.91 -40.32
N ASN A 111 44.11 23.40 -41.17
CA ASN A 111 44.42 24.01 -42.46
C ASN A 111 43.94 23.15 -43.62
N TYR A 112 43.05 22.20 -43.37
CA TYR A 112 42.61 21.24 -44.37
C TYR A 112 41.36 21.77 -45.10
N SER A 113 41.12 21.23 -46.29
CA SER A 113 40.01 21.65 -47.14
C SER A 113 39.43 20.41 -47.81
N SER A 114 38.30 19.91 -47.30
CA SER A 114 37.68 18.73 -47.86
C SER A 114 36.88 19.07 -49.11
N ARG A 115 36.42 18.03 -49.80
CA ARG A 115 35.67 18.21 -51.03
C ARG A 115 34.38 18.99 -50.79
N VAL A 116 33.67 18.64 -49.71
CA VAL A 116 32.42 19.31 -49.34
C VAL A 116 32.63 20.01 -48.01
N VAL A 117 31.88 21.08 -47.80
CA VAL A 117 32.01 21.89 -46.59
C VAL A 117 30.97 21.56 -45.53
N ALA A 118 29.87 20.91 -45.90
CA ALA A 118 28.87 20.50 -44.92
C ALA A 118 28.09 19.30 -45.46
N VAL A 119 27.54 18.53 -44.54
CA VAL A 119 26.83 17.29 -44.86
C VAL A 119 25.40 17.41 -44.33
N ILE A 120 24.42 17.20 -45.21
CA ILE A 120 23.03 17.02 -44.81
C ILE A 120 22.86 15.53 -44.56
N GLY A 121 22.78 15.14 -43.28
CA GLY A 121 23.09 13.79 -42.88
C GLY A 121 21.92 12.82 -42.94
N PRO A 122 22.18 11.58 -42.53
CA PRO A 122 21.18 10.52 -42.64
C PRO A 122 19.97 10.77 -41.75
N ASP A 123 19.00 9.88 -41.88
CA ASP A 123 17.76 9.91 -41.11
C ASP A 123 17.82 9.01 -39.88
N ASN A 124 18.23 7.75 -40.06
CA ASN A 124 18.24 6.80 -38.96
C ASN A 124 19.27 7.22 -37.92
N SER A 125 18.87 7.20 -36.64
CA SER A 125 19.75 7.65 -35.58
C SER A 125 21.04 6.84 -35.50
N GLU A 126 20.95 5.52 -35.74
CA GLU A 126 22.14 4.69 -35.76
C GLU A 126 23.12 5.19 -36.82
N SER A 127 22.60 5.46 -38.02
CA SER A 127 23.45 5.97 -39.09
C SER A 127 23.96 7.36 -38.78
N VAL A 128 23.16 8.19 -38.11
CA VAL A 128 23.61 9.54 -37.77
C VAL A 128 24.80 9.46 -36.81
N MET A 129 24.70 8.63 -35.78
CA MET A 129 25.84 8.46 -34.87
C MET A 129 27.05 7.87 -35.58
N THR A 130 26.82 6.91 -36.48
CA THR A 130 27.92 6.30 -37.22
C THR A 130 28.67 7.35 -38.03
N VAL A 131 27.94 8.17 -38.78
CA VAL A 131 28.57 9.19 -39.61
C VAL A 131 29.20 10.28 -38.75
N ALA A 132 28.52 10.64 -37.65
CA ALA A 132 29.01 11.72 -36.79
C ALA A 132 30.34 11.37 -36.16
N ASN A 133 30.51 10.12 -35.72
CA ASN A 133 31.79 9.75 -35.12
C ASN A 133 32.94 9.88 -36.11
N PHE A 134 32.69 9.64 -37.40
CA PHE A 134 33.73 9.76 -38.41
C PHE A 134 33.98 11.20 -38.81
N LEU A 135 32.94 12.03 -38.87
CA LEU A 135 33.14 13.43 -39.20
C LEU A 135 33.71 14.22 -38.03
N SER A 136 33.54 13.74 -36.80
CA SER A 136 33.85 14.55 -35.63
C SER A 136 35.31 14.98 -35.61
N LEU A 137 36.22 14.07 -35.93
CA LEU A 137 37.64 14.41 -35.83
C LEU A 137 38.04 15.51 -36.81
N PHE A 138 37.25 15.75 -37.86
CA PHE A 138 37.48 16.91 -38.72
C PHE A 138 36.65 18.12 -38.34
N LEU A 139 35.60 17.94 -37.55
CA LEU A 139 34.65 19.01 -37.24
C LEU A 139 34.03 19.55 -38.53
N LEU A 140 33.78 18.64 -39.46
CA LEU A 140 33.00 18.98 -40.64
C LEU A 140 31.53 19.01 -40.24
N PRO A 141 30.84 20.15 -40.37
CA PRO A 141 29.50 20.26 -39.78
C PRO A 141 28.50 19.34 -40.46
N GLN A 142 27.68 18.67 -39.65
CA GLN A 142 26.60 17.83 -40.14
C GLN A 142 25.28 18.35 -39.60
N ILE A 143 24.27 18.43 -40.47
CA ILE A 143 22.90 18.74 -40.08
C ILE A 143 22.01 17.60 -40.53
N THR A 144 21.16 17.11 -39.63
CA THR A 144 20.24 16.02 -39.91
C THR A 144 18.81 16.48 -39.65
N TYR A 145 17.86 15.83 -40.30
CA TYR A 145 16.50 16.34 -40.40
C TYR A 145 15.44 15.53 -39.67
N SER A 146 15.70 14.24 -39.35
CA SER A 146 14.63 13.44 -38.74
C SER A 146 15.10 12.54 -37.59
N ALA A 147 16.36 12.59 -37.17
CA ALA A 147 16.85 11.74 -36.10
C ALA A 147 16.45 12.37 -34.77
N ILE A 148 15.43 11.81 -34.12
CA ILE A 148 14.91 12.37 -32.88
C ILE A 148 15.59 11.84 -31.63
N SER A 149 16.56 10.94 -31.77
CA SER A 149 17.21 10.36 -30.60
C SER A 149 17.77 11.47 -29.70
N ASP A 150 17.55 11.33 -28.39
CA ASP A 150 17.93 12.38 -27.46
C ASP A 150 19.41 12.38 -27.12
N GLU A 151 20.13 11.29 -27.40
CA GLU A 151 21.55 11.23 -27.09
C GLU A 151 22.37 12.20 -27.93
N LEU A 152 21.84 12.64 -29.07
CA LEU A 152 22.58 13.52 -29.96
C LEU A 152 22.82 14.91 -29.39
N ARG A 153 22.29 15.20 -28.19
CA ARG A 153 22.52 16.50 -27.56
C ARG A 153 23.86 16.61 -26.86
N ASP A 154 24.62 15.51 -26.74
CA ASP A 154 25.91 15.54 -26.10
C ASP A 154 26.97 16.09 -27.05
N LYS A 155 27.22 17.40 -26.99
CA LYS A 155 28.19 18.03 -27.88
C LYS A 155 29.63 17.81 -27.44
N VAL A 156 29.86 17.30 -26.23
CA VAL A 156 31.16 16.72 -25.91
C VAL A 156 31.38 15.48 -26.78
N ARG A 157 30.31 14.72 -27.01
CA ARG A 157 30.38 13.48 -27.77
C ARG A 157 30.21 13.72 -29.26
N PHE A 158 29.33 14.65 -29.64
CA PHE A 158 29.03 14.93 -31.05
C PHE A 158 29.18 16.43 -31.32
N PRO A 159 30.40 16.96 -31.29
CA PRO A 159 30.57 18.41 -31.48
C PRO A 159 30.15 18.92 -32.85
N ALA A 160 30.13 18.06 -33.89
CA ALA A 160 29.91 18.51 -35.25
C ALA A 160 28.45 18.51 -35.68
N LEU A 161 27.54 18.06 -34.83
CA LEU A 161 26.20 17.68 -35.24
C LEU A 161 25.16 18.69 -34.78
N LEU A 162 24.24 19.03 -35.68
CA LEU A 162 23.09 19.87 -35.38
C LEU A 162 21.85 19.25 -36.03
N ARG A 163 20.68 19.72 -35.62
CA ARG A 163 19.42 19.17 -36.10
C ARG A 163 18.41 20.27 -36.41
N THR A 164 17.66 20.08 -37.49
CA THR A 164 16.45 20.88 -37.76
C THR A 164 15.19 20.18 -37.28
N THR A 165 15.14 19.77 -36.02
CA THR A 165 13.92 19.17 -35.48
C THR A 165 14.00 19.11 -33.97
N PRO A 166 12.86 19.18 -33.27
CA PRO A 166 12.87 18.87 -31.83
C PRO A 166 13.20 17.40 -31.59
N SER A 167 13.75 17.12 -30.41
CA SER A 167 14.18 15.78 -30.06
C SER A 167 13.02 14.99 -29.44
N ALA A 168 13.31 13.73 -29.07
CA ALA A 168 12.29 12.91 -28.44
C ALA A 168 11.76 13.53 -27.15
N ASP A 169 12.56 14.38 -26.50
CA ASP A 169 12.11 15.05 -25.27
C ASP A 169 10.78 15.74 -25.48
N HIS A 170 10.67 16.55 -26.54
CA HIS A 170 9.48 17.34 -26.76
C HIS A 170 8.30 16.48 -27.22
N HIS A 171 8.56 15.41 -27.97
CA HIS A 171 7.48 14.47 -28.31
C HIS A 171 6.89 13.84 -27.05
N ILE A 172 7.75 13.37 -26.16
CA ILE A 172 7.27 12.77 -24.92
C ILE A 172 6.50 13.80 -24.10
N GLU A 173 6.98 15.06 -24.09
CA GLU A 173 6.27 16.09 -23.37
C GLU A 173 4.91 16.39 -23.99
N ALA A 174 4.81 16.34 -25.31
CA ALA A 174 3.51 16.46 -25.96
C ALA A 174 2.57 15.37 -25.47
N MET A 175 3.05 14.13 -25.43
CA MET A 175 2.20 13.03 -24.96
C MET A 175 1.76 13.27 -23.52
N VAL A 176 2.70 13.65 -22.65
CA VAL A 176 2.41 13.80 -21.24
C VAL A 176 1.41 14.94 -21.00
N GLN A 177 1.60 16.06 -21.69
CA GLN A 177 0.68 17.18 -21.49
C GLN A 177 -0.69 16.89 -22.10
N LEU A 178 -0.75 16.09 -23.16
CA LEU A 178 -2.05 15.59 -23.61
C LEU A 178 -2.73 14.78 -22.52
N MET A 179 -1.98 13.91 -21.87
CA MET A 179 -2.56 13.10 -20.79
C MET A 179 -3.02 13.98 -19.63
N LEU A 180 -2.23 14.99 -19.28
CA LEU A 180 -2.62 15.89 -18.19
C LEU A 180 -3.87 16.69 -18.54
N HIS A 181 -3.97 17.17 -19.78
CA HIS A 181 -5.10 18.00 -20.15
C HIS A 181 -6.42 17.25 -20.01
N PHE A 182 -6.48 16.03 -20.50
CA PHE A 182 -7.66 15.19 -20.39
C PHE A 182 -7.65 14.32 -19.14
N ARG A 183 -6.68 14.52 -18.25
CA ARG A 183 -6.69 13.90 -16.92
C ARG A 183 -6.71 12.37 -16.99
N TRP A 184 -5.95 11.80 -17.93
CA TRP A 184 -5.72 10.37 -17.98
C TRP A 184 -4.64 10.01 -16.97
N ASN A 185 -4.99 9.21 -15.96
CA ASN A 185 -4.12 8.96 -14.83
C ASN A 185 -3.37 7.64 -14.90
N TRP A 186 -3.70 6.77 -15.85
CA TRP A 186 -3.41 5.34 -15.72
C TRP A 186 -3.29 4.77 -17.13
N ILE A 187 -2.08 4.41 -17.54
CA ILE A 187 -1.78 4.17 -18.95
C ILE A 187 -1.06 2.84 -19.14
N ILE A 188 -1.03 2.40 -20.39
CA ILE A 188 -0.29 1.21 -20.82
C ILE A 188 0.74 1.65 -21.86
N VAL A 189 1.91 1.03 -21.82
CA VAL A 189 2.99 1.33 -22.76
C VAL A 189 3.37 0.05 -23.49
N LEU A 190 3.46 0.14 -24.81
CA LEU A 190 3.94 -0.95 -25.66
C LEU A 190 5.13 -0.43 -26.46
N VAL A 191 6.18 -1.24 -26.54
CA VAL A 191 7.43 -0.82 -27.17
C VAL A 191 7.91 -1.91 -28.14
N SER A 192 8.57 -1.46 -29.21
CA SER A 192 9.34 -2.37 -30.05
C SER A 192 10.65 -2.75 -29.35
N ASN A 193 11.24 -3.86 -29.81
CA ASN A 193 12.52 -4.30 -29.26
C ASN A 193 13.69 -3.42 -29.69
N ASP A 194 13.47 -2.52 -30.66
CA ASP A 194 14.54 -1.67 -31.15
C ASP A 194 15.06 -0.76 -30.05
N THR A 195 16.18 -0.10 -30.35
CA THR A 195 16.65 0.98 -29.48
C THR A 195 15.63 2.10 -29.43
N TYR A 196 14.93 2.36 -30.53
CA TYR A 196 13.90 3.39 -30.55
C TYR A 196 12.86 3.15 -29.46
N GLY A 197 12.28 1.95 -29.43
CA GLY A 197 11.23 1.67 -28.47
C GLY A 197 11.71 1.69 -27.03
N ARG A 198 12.83 1.04 -26.77
CA ARG A 198 13.33 0.95 -25.40
C ARG A 198 13.72 2.33 -24.87
N ASP A 199 14.42 3.12 -25.70
CA ASP A 199 14.81 4.46 -25.31
C ASP A 199 13.59 5.32 -25.01
N ASN A 200 12.62 5.35 -25.93
CA ASN A 200 11.47 6.22 -25.73
C ASN A 200 10.60 5.75 -24.57
N GLY A 201 10.51 4.43 -24.33
CA GLY A 201 9.77 3.95 -23.18
C GLY A 201 10.41 4.35 -21.87
N GLN A 202 11.73 4.25 -21.77
CA GLN A 202 12.40 4.69 -20.55
C GLN A 202 12.24 6.20 -20.36
N LEU A 203 12.34 6.97 -21.45
CA LEU A 203 12.17 8.42 -21.35
C LEU A 203 10.75 8.77 -20.89
N LEU A 204 9.75 8.09 -21.43
CA LEU A 204 8.39 8.29 -20.96
C LEU A 204 8.28 7.92 -19.49
N GLY A 205 8.95 6.85 -19.07
CA GLY A 205 8.98 6.49 -17.67
C GLY A 205 9.56 7.58 -16.79
N GLU A 206 10.59 8.26 -17.28
CA GLU A 206 11.20 9.36 -16.53
C GLU A 206 10.32 10.60 -16.48
N ARG A 207 9.50 10.82 -17.50
CA ARG A 207 8.62 11.98 -17.48
C ARG A 207 7.31 11.73 -16.72
N VAL A 208 6.81 10.49 -16.73
CA VAL A 208 5.48 10.22 -16.23
C VAL A 208 5.43 10.30 -14.70
N ALA A 209 6.24 9.47 -14.03
CA ALA A 209 6.19 9.42 -12.57
C ALA A 209 6.46 10.80 -11.97
N ARG A 210 7.25 11.61 -12.66
CA ARG A 210 7.58 12.94 -12.19
C ARG A 210 6.36 13.83 -12.07
N ARG A 211 5.31 13.55 -12.85
CA ARG A 211 4.13 14.41 -12.92
C ARG A 211 2.86 13.74 -12.42
N ASP A 212 2.97 12.60 -11.75
CA ASP A 212 1.84 11.98 -11.09
C ASP A 212 1.06 10.96 -11.91
N ILE A 213 1.38 10.78 -13.18
CA ILE A 213 0.77 9.71 -13.96
C ILE A 213 1.50 8.41 -13.64
N CYS A 214 0.80 7.29 -13.81
CA CYS A 214 1.34 5.97 -13.50
C CYS A 214 1.13 5.03 -14.67
N ILE A 215 2.14 4.22 -14.96
CA ILE A 215 2.07 3.21 -16.01
C ILE A 215 1.53 1.92 -15.41
N ALA A 216 0.44 1.40 -15.97
CA ALA A 216 -0.10 0.13 -15.48
C ALA A 216 0.87 -1.01 -15.74
N PHE A 217 1.33 -1.14 -16.99
CA PHE A 217 2.37 -2.12 -17.30
C PHE A 217 2.98 -1.78 -18.66
N GLN A 218 4.17 -2.32 -18.88
CA GLN A 218 4.92 -2.14 -20.12
C GLN A 218 5.42 -3.49 -20.60
N GLU A 219 5.32 -3.73 -21.92
CA GLU A 219 5.76 -4.99 -22.49
C GLU A 219 6.28 -4.77 -23.90
N THR A 220 7.26 -5.58 -24.28
CA THR A 220 7.91 -5.46 -25.59
C THR A 220 7.17 -6.29 -26.63
N LEU A 221 6.90 -5.67 -27.77
CA LEU A 221 6.28 -6.41 -28.88
C LEU A 221 7.32 -7.27 -29.60
N PRO A 222 6.89 -8.37 -30.21
CA PRO A 222 7.80 -9.14 -31.05
C PRO A 222 8.14 -8.41 -32.34
N THR A 223 9.33 -8.69 -32.85
CA THR A 223 9.84 -8.04 -34.06
C THR A 223 9.36 -8.74 -35.33
N LEU A 224 8.04 -8.78 -35.50
CA LEU A 224 7.44 -9.38 -36.67
C LEU A 224 7.65 -8.50 -37.90
N GLN A 225 7.46 -9.09 -39.07
CA GLN A 225 7.49 -8.36 -40.33
C GLN A 225 6.24 -8.71 -41.13
N PRO A 226 5.74 -7.75 -41.93
CA PRO A 226 4.39 -7.91 -42.50
C PRO A 226 4.29 -8.93 -43.62
N ASN A 227 5.38 -9.28 -44.30
CA ASN A 227 5.26 -10.12 -45.48
C ASN A 227 5.22 -11.61 -45.13
N GLN A 228 6.02 -12.03 -44.17
CA GLN A 228 6.18 -13.46 -43.90
C GLN A 228 5.06 -13.99 -43.02
N ASN A 229 4.93 -15.32 -43.02
CA ASN A 229 3.99 -15.99 -42.16
C ASN A 229 4.44 -15.93 -40.70
N MET A 230 3.47 -15.83 -39.80
CA MET A 230 3.74 -15.76 -38.37
C MET A 230 3.94 -17.16 -37.80
N THR A 231 4.96 -17.30 -36.94
CA THR A 231 5.19 -18.58 -36.28
C THR A 231 4.21 -18.76 -35.12
N SER A 232 4.10 -20.01 -34.65
CA SER A 232 3.18 -20.32 -33.57
C SER A 232 3.56 -19.57 -32.28
N GLU A 233 4.84 -19.53 -31.94
CA GLU A 233 5.25 -18.86 -30.72
C GLU A 233 5.01 -17.36 -30.79
N GLU A 234 5.25 -16.74 -31.94
CA GLU A 234 4.93 -15.33 -32.12
C GLU A 234 3.43 -15.09 -32.02
N ARG A 235 2.63 -15.98 -32.61
CA ARG A 235 1.18 -15.89 -32.48
C ARG A 235 0.78 -15.89 -31.01
N GLN A 236 1.31 -16.84 -30.24
CA GLN A 236 0.97 -16.90 -28.82
C GLN A 236 1.49 -15.69 -28.07
N ARG A 237 2.61 -15.13 -28.50
CA ARG A 237 3.14 -13.91 -27.88
C ARG A 237 2.15 -12.75 -28.05
N LEU A 238 1.68 -12.54 -29.27
CA LEU A 238 0.69 -11.49 -29.50
C LEU A 238 -0.58 -11.75 -28.71
N VAL A 239 -1.03 -13.01 -28.68
CA VAL A 239 -2.21 -13.35 -27.88
C VAL A 239 -1.99 -13.00 -26.41
N THR A 240 -0.80 -13.32 -25.89
CA THR A 240 -0.51 -13.07 -24.49
C THR A 240 -0.50 -11.57 -24.18
N ILE A 241 -0.03 -10.75 -25.12
CA ILE A 241 -0.06 -9.30 -24.90
C ILE A 241 -1.50 -8.79 -24.94
N VAL A 242 -2.28 -9.23 -25.93
CA VAL A 242 -3.65 -8.73 -26.04
C VAL A 242 -4.49 -9.17 -24.85
N ASP A 243 -4.21 -10.34 -24.28
CA ASP A 243 -4.92 -10.75 -23.08
C ASP A 243 -4.66 -9.78 -21.93
N LYS A 244 -3.42 -9.35 -21.76
CA LYS A 244 -3.12 -8.37 -20.72
C LYS A 244 -3.78 -7.03 -21.01
N LEU A 245 -3.86 -6.64 -22.27
CA LEU A 245 -4.62 -5.44 -22.61
C LEU A 245 -6.08 -5.58 -22.21
N GLN A 246 -6.69 -6.73 -22.53
CA GLN A 246 -8.11 -6.91 -22.29
C GLN A 246 -8.43 -7.04 -20.80
N GLN A 247 -7.48 -7.53 -20.00
CA GLN A 247 -7.73 -7.71 -18.58
C GLN A 247 -7.56 -6.42 -17.79
N SER A 248 -6.75 -5.50 -18.27
CA SER A 248 -6.44 -4.29 -17.51
C SER A 248 -7.60 -3.30 -17.53
N THR A 249 -7.64 -2.46 -16.51
CA THR A 249 -8.63 -1.37 -16.45
C THR A 249 -8.16 -0.11 -17.15
N ALA A 250 -6.87 0.00 -17.47
CA ALA A 250 -6.38 1.16 -18.21
C ALA A 250 -6.85 1.10 -19.65
N ARG A 251 -6.92 2.27 -20.29
CA ARG A 251 -7.34 2.34 -21.67
C ARG A 251 -6.52 3.29 -22.54
N VAL A 252 -5.65 4.11 -21.96
CA VAL A 252 -4.68 4.86 -22.75
C VAL A 252 -3.52 3.93 -23.06
N VAL A 253 -3.27 3.70 -24.34
CA VAL A 253 -2.20 2.81 -24.80
C VAL A 253 -1.23 3.64 -25.62
N VAL A 254 0.03 3.65 -25.19
CA VAL A 254 1.10 4.36 -25.88
C VAL A 254 1.97 3.32 -26.57
N VAL A 255 2.25 3.54 -27.85
CA VAL A 255 2.94 2.55 -28.69
C VAL A 255 4.16 3.24 -29.29
N PHE A 256 5.35 2.73 -28.95
CA PHE A 256 6.61 3.19 -29.52
C PHE A 256 7.15 2.08 -30.41
N SER A 257 6.87 2.16 -31.71
CA SER A 257 7.31 1.12 -32.62
C SER A 257 7.41 1.67 -34.03
N PRO A 258 8.30 1.11 -34.86
CA PRO A 258 8.22 1.36 -36.29
C PRO A 258 6.86 0.92 -36.85
N ASP A 259 6.49 1.53 -37.98
CA ASP A 259 5.17 1.29 -38.55
C ASP A 259 5.02 -0.12 -39.12
N LEU A 260 6.06 -0.62 -39.81
CA LEU A 260 5.91 -1.85 -40.57
C LEU A 260 5.50 -3.03 -39.70
N THR A 261 5.92 -3.05 -38.43
CA THR A 261 5.69 -4.20 -37.56
C THR A 261 4.28 -4.25 -36.98
N LEU A 262 3.55 -3.14 -36.94
CA LEU A 262 2.31 -3.05 -36.20
C LEU A 262 1.12 -3.67 -36.93
N TYR A 263 1.29 -4.01 -38.22
CA TYR A 263 0.18 -4.58 -38.99
C TYR A 263 -0.33 -5.88 -38.38
N HIS A 264 0.60 -6.78 -38.01
CA HIS A 264 0.21 -8.02 -37.35
C HIS A 264 -0.45 -7.76 -36.01
N PHE A 265 0.12 -6.82 -35.24
CA PHE A 265 -0.42 -6.55 -33.91
C PHE A 265 -1.86 -6.09 -33.99
N PHE A 266 -2.16 -5.18 -34.93
CA PHE A 266 -3.52 -4.68 -35.03
C PHE A 266 -4.46 -5.69 -35.69
N ASN A 267 -3.96 -6.52 -36.60
CA ASN A 267 -4.77 -7.63 -37.07
C ASN A 267 -5.20 -8.52 -35.92
N GLU A 268 -4.26 -8.84 -35.03
CA GLU A 268 -4.57 -9.68 -33.88
C GLU A 268 -5.56 -8.99 -32.96
N VAL A 269 -5.34 -7.71 -32.67
CA VAL A 269 -6.23 -6.98 -31.77
C VAL A 269 -7.65 -6.97 -32.32
N LEU A 270 -7.79 -6.78 -33.64
CA LEU A 270 -9.10 -6.88 -34.26
C LEU A 270 -9.68 -8.28 -34.09
N ARG A 271 -8.87 -9.30 -34.37
CA ARG A 271 -9.34 -10.68 -34.26
C ARG A 271 -9.80 -11.00 -32.85
N GLN A 272 -9.23 -10.35 -31.84
CA GLN A 272 -9.56 -10.64 -30.45
C GLN A 272 -10.81 -9.92 -29.95
N ASN A 273 -11.50 -9.16 -30.81
CA ASN A 273 -12.75 -8.49 -30.43
C ASN A 273 -12.51 -7.40 -29.38
N PHE A 274 -11.30 -6.85 -29.36
CA PHE A 274 -10.96 -5.77 -28.45
C PHE A 274 -11.55 -4.46 -28.92
N THR A 275 -11.89 -3.59 -27.97
CA THR A 275 -12.38 -2.26 -28.32
C THR A 275 -12.35 -1.36 -27.10
N GLY A 276 -12.39 -0.05 -27.35
CA GLY A 276 -12.61 0.94 -26.33
C GLY A 276 -11.40 1.73 -25.87
N ALA A 277 -10.26 1.58 -26.54
CA ALA A 277 -9.03 2.20 -26.08
C ALA A 277 -8.77 3.52 -26.80
N VAL A 278 -7.84 4.29 -26.23
CA VAL A 278 -7.24 5.45 -26.87
C VAL A 278 -5.80 5.08 -27.20
N TRP A 279 -5.47 5.14 -28.49
CA TRP A 279 -4.12 4.80 -28.95
C TRP A 279 -3.37 6.10 -29.26
N ILE A 280 -2.24 6.28 -28.60
CA ILE A 280 -1.39 7.45 -28.79
C ILE A 280 -0.17 7.00 -29.58
N ALA A 281 -0.03 7.51 -30.79
CA ALA A 281 0.97 7.03 -31.74
C ALA A 281 2.21 7.93 -31.70
N SER A 282 3.38 7.31 -31.65
CA SER A 282 4.63 8.05 -31.65
C SER A 282 4.96 8.53 -33.08
N GLU A 283 6.05 9.30 -33.18
CA GLU A 283 6.44 9.88 -34.46
C GLU A 283 6.63 8.85 -35.55
N SER A 284 7.04 7.63 -35.20
CA SER A 284 7.43 6.66 -36.22
C SER A 284 6.25 6.10 -37.01
N TRP A 285 5.04 6.11 -36.44
CA TRP A 285 3.87 5.60 -37.14
C TRP A 285 2.64 6.49 -37.03
N ALA A 286 2.76 7.70 -36.49
CA ALA A 286 1.59 8.55 -36.27
C ALA A 286 0.88 8.94 -37.56
N ILE A 287 1.52 8.80 -38.72
CA ILE A 287 0.95 9.28 -39.97
C ILE A 287 1.01 8.23 -41.08
N ASP A 288 1.18 6.98 -40.70
CA ASP A 288 1.36 5.91 -41.70
C ASP A 288 0.10 5.72 -42.53
N PRO A 289 0.17 5.86 -43.86
CA PRO A 289 -1.01 5.53 -44.69
C PRO A 289 -1.42 4.07 -44.62
N VAL A 290 -0.48 3.14 -44.57
CA VAL A 290 -0.82 1.72 -44.68
C VAL A 290 -1.66 1.28 -43.48
N LEU A 291 -1.23 1.64 -42.28
CA LEU A 291 -2.00 1.32 -41.08
C LEU A 291 -3.35 2.02 -41.11
N HIS A 292 -3.38 3.28 -41.54
CA HIS A 292 -4.63 4.03 -41.60
C HIS A 292 -5.64 3.34 -42.51
N ASN A 293 -5.17 2.71 -43.59
CA ASN A 293 -6.05 2.09 -44.56
C ASN A 293 -6.54 0.73 -44.13
N LEU A 294 -6.04 0.19 -43.02
CA LEU A 294 -6.56 -1.07 -42.49
C LEU A 294 -8.03 -0.86 -42.15
N THR A 295 -8.92 -1.55 -42.88
CA THR A 295 -10.30 -1.10 -43.01
C THR A 295 -11.04 -1.04 -41.69
N GLU A 296 -10.83 -2.01 -40.81
CA GLU A 296 -11.67 -2.17 -39.62
C GLU A 296 -11.11 -1.50 -38.37
N LEU A 297 -10.00 -0.75 -38.47
CA LEU A 297 -9.44 -0.11 -37.28
C LEU A 297 -10.45 0.79 -36.59
N ARG A 298 -11.38 1.39 -37.35
CA ARG A 298 -12.25 2.42 -36.80
C ARG A 298 -13.08 1.93 -35.64
N HIS A 299 -13.29 0.62 -35.51
CA HIS A 299 -14.09 0.08 -34.41
C HIS A 299 -13.33 0.01 -33.10
N LEU A 300 -11.99 0.07 -33.14
CA LEU A 300 -11.19 -0.17 -31.94
C LEU A 300 -11.26 0.99 -30.95
N GLY A 301 -11.16 2.21 -31.43
CA GLY A 301 -11.13 3.35 -30.53
C GLY A 301 -10.62 4.59 -31.24
N THR A 302 -10.08 5.52 -30.44
CA THR A 302 -9.59 6.81 -30.93
C THR A 302 -8.08 6.73 -31.12
N PHE A 303 -7.61 7.12 -32.30
CA PHE A 303 -6.19 7.10 -32.64
C PHE A 303 -5.67 8.53 -32.69
N LEU A 304 -4.74 8.85 -31.79
CA LEU A 304 -4.09 10.15 -31.75
C LEU A 304 -2.59 9.96 -31.99
N GLY A 305 -1.97 10.92 -32.65
CA GLY A 305 -0.57 10.80 -32.98
C GLY A 305 0.22 12.09 -32.92
N ILE A 306 1.39 12.02 -32.29
CA ILE A 306 2.29 13.16 -32.24
C ILE A 306 3.11 13.19 -33.53
N THR A 307 3.15 14.34 -34.18
CA THR A 307 3.93 14.49 -35.41
C THR A 307 4.31 15.94 -35.60
N ILE A 308 5.43 16.14 -36.30
CA ILE A 308 5.94 17.48 -36.55
C ILE A 308 5.04 18.20 -37.56
N GLN A 309 4.80 19.48 -37.31
CA GLN A 309 3.76 20.21 -38.02
C GLN A 309 4.18 20.52 -39.45
N SER A 310 3.25 20.35 -40.39
CA SER A 310 3.53 20.57 -41.80
C SER A 310 3.62 22.06 -42.12
N VAL A 311 4.63 22.43 -42.91
CA VAL A 311 4.78 23.78 -43.43
C VAL A 311 4.90 23.69 -44.95
N PRO A 312 4.03 24.34 -45.72
CA PRO A 312 4.04 24.16 -47.19
C PRO A 312 5.13 24.99 -47.85
N ILE A 313 5.98 24.34 -48.62
CA ILE A 313 6.95 25.05 -49.46
C ILE A 313 6.22 25.67 -50.65
N PRO A 314 6.40 26.96 -50.96
CA PRO A 314 5.61 27.56 -52.04
C PRO A 314 5.81 26.90 -53.40
N GLY A 315 7.06 26.74 -53.84
CA GLY A 315 7.34 26.30 -55.20
C GLY A 315 7.54 24.82 -55.38
N PHE A 316 7.45 24.04 -54.30
CA PHE A 316 7.86 22.64 -54.34
C PHE A 316 6.86 21.76 -55.09
N SER A 317 5.57 22.11 -55.08
CA SER A 317 4.57 21.28 -55.73
C SER A 317 4.84 21.16 -57.22
N GLU A 318 5.38 22.20 -57.85
CA GLU A 318 5.79 22.13 -59.23
C GLU A 318 7.12 21.39 -59.39
N PHE A 319 8.09 21.71 -58.53
CA PHE A 319 9.43 21.18 -58.69
C PHE A 319 9.48 19.66 -58.52
N ARG A 320 8.64 19.11 -57.64
CA ARG A 320 8.64 17.66 -57.45
C ARG A 320 8.13 16.93 -58.68
N GLU A 321 7.23 17.54 -59.44
CA GLU A 321 6.60 16.88 -60.58
C GLU A 321 6.55 17.81 -61.78
N THR A 339 31.20 7.26 -59.26
CA THR A 339 31.18 6.06 -60.08
C THR A 339 30.15 5.04 -59.60
N CYS A 340 29.61 5.27 -58.41
CA CYS A 340 28.57 4.40 -57.86
C CYS A 340 27.78 5.17 -56.82
N ASN A 341 26.60 4.66 -56.51
CA ASN A 341 25.73 5.21 -55.47
C ASN A 341 25.27 6.64 -55.77
N GLN A 342 25.38 7.09 -57.02
CA GLN A 342 24.89 8.40 -57.43
C GLN A 342 24.03 8.28 -58.68
N GLU A 343 23.23 7.22 -58.76
CA GLU A 343 22.42 6.94 -59.93
C GLU A 343 21.19 6.15 -59.49
N CYS A 344 20.13 6.24 -60.29
CA CYS A 344 18.91 5.47 -60.04
C CYS A 344 18.17 5.30 -61.35
N ASP A 345 17.41 4.20 -61.45
CA ASP A 345 16.71 3.85 -62.67
C ASP A 345 15.19 3.90 -62.55
N ASN A 346 14.64 3.85 -61.33
CA ASN A 346 13.21 3.70 -61.15
C ASN A 346 12.58 4.74 -60.23
N CYS A 347 13.29 5.83 -59.91
CA CYS A 347 12.82 6.72 -58.84
C CYS A 347 11.47 7.35 -59.17
N LEU A 348 11.33 7.95 -60.35
CA LEU A 348 10.13 8.70 -60.65
C LEU A 348 8.92 7.79 -60.88
N ASN A 349 9.11 6.72 -61.66
CA ASN A 349 8.00 5.80 -61.90
C ASN A 349 7.61 5.06 -60.64
N ALA A 350 8.55 4.84 -59.72
CA ALA A 350 8.18 4.34 -58.39
C ALA A 350 7.36 5.38 -57.63
N THR A 351 7.74 6.65 -57.74
CA THR A 351 6.94 7.71 -57.13
C THR A 351 5.55 7.77 -57.75
N LEU A 352 5.47 7.68 -59.08
CA LEU A 352 4.19 7.73 -59.78
C LEU A 352 3.58 6.34 -59.88
N GLY A 362 5.61 13.05 -47.41
CA GLY A 362 6.88 13.56 -46.90
C GLY A 362 6.85 15.04 -46.58
N GLU A 363 5.66 15.63 -46.65
CA GLU A 363 5.53 17.08 -46.44
C GLU A 363 6.04 17.52 -45.08
N ARG A 364 5.93 16.65 -44.07
CA ARG A 364 6.21 17.07 -42.70
C ARG A 364 7.72 17.12 -42.40
N VAL A 365 8.55 16.48 -43.23
CA VAL A 365 10.01 16.51 -43.08
C VAL A 365 10.69 17.41 -44.11
N VAL A 366 9.98 17.75 -45.19
CA VAL A 366 10.58 18.52 -46.27
C VAL A 366 11.06 19.87 -45.76
N TYR A 367 10.31 20.49 -44.85
CA TYR A 367 10.73 21.78 -44.32
C TYR A 367 12.01 21.64 -43.50
N SER A 368 12.21 20.53 -42.79
CA SER A 368 13.48 20.32 -42.11
C SER A 368 14.63 20.27 -43.10
N VAL A 369 14.45 19.56 -44.21
CA VAL A 369 15.52 19.49 -45.21
C VAL A 369 15.79 20.89 -45.77
N TYR A 370 14.71 21.60 -46.11
CA TYR A 370 14.81 22.93 -46.71
C TYR A 370 15.53 23.90 -45.78
N SER A 371 15.15 23.90 -44.51
CA SER A 371 15.78 24.78 -43.53
C SER A 371 17.23 24.41 -43.28
N ALA A 372 17.57 23.11 -43.34
CA ALA A 372 18.97 22.74 -43.20
C ALA A 372 19.82 23.34 -44.32
N VAL A 373 19.35 23.21 -45.57
CA VAL A 373 20.12 23.78 -46.68
C VAL A 373 20.22 25.29 -46.55
N TYR A 374 19.12 25.95 -46.20
CA TYR A 374 19.15 27.40 -46.04
C TYR A 374 20.08 27.82 -44.91
N ALA A 375 20.14 27.02 -43.83
CA ALA A 375 21.04 27.31 -42.73
C ALA A 375 22.50 27.26 -43.20
N VAL A 376 22.86 26.23 -43.96
CA VAL A 376 24.22 26.19 -44.50
C VAL A 376 24.49 27.41 -45.37
N ALA A 377 23.52 27.78 -46.21
CA ALA A 377 23.71 28.92 -47.09
C ALA A 377 23.95 30.21 -46.31
N HIS A 378 23.14 30.46 -45.28
CA HIS A 378 23.30 31.67 -44.48
C HIS A 378 24.62 31.66 -43.71
N ALA A 379 25.01 30.51 -43.16
CA ALA A 379 26.28 30.44 -42.45
C ALA A 379 27.44 30.71 -43.38
N LEU A 380 27.37 30.20 -44.61
CA LEU A 380 28.41 30.50 -45.60
C LEU A 380 28.41 31.98 -45.94
N HIS A 381 27.24 32.57 -46.15
CA HIS A 381 27.16 34.00 -46.45
C HIS A 381 27.82 34.83 -45.35
N SER A 382 27.61 34.45 -44.09
CA SER A 382 28.28 35.14 -42.99
C SER A 382 29.77 34.88 -42.99
N LEU A 383 30.17 33.62 -43.24
CA LEU A 383 31.58 33.27 -43.22
C LEU A 383 32.36 34.03 -44.27
N LEU A 384 31.79 34.20 -45.46
CA LEU A 384 32.43 35.00 -46.50
C LEU A 384 32.33 36.49 -46.24
N GLY A 385 31.75 36.92 -45.12
CA GLY A 385 31.67 38.33 -44.82
C GLY A 385 30.98 39.12 -45.90
N CYS A 386 29.94 38.55 -46.48
CA CYS A 386 29.44 39.01 -47.76
C CYS A 386 28.36 40.06 -47.62
N ASP A 387 28.23 40.88 -48.66
CA ASP A 387 27.11 41.78 -48.84
C ASP A 387 26.81 41.82 -50.33
N LYS A 388 25.64 42.30 -50.68
CA LYS A 388 25.18 42.22 -52.07
C LYS A 388 26.25 42.74 -53.01
N SER A 389 26.73 41.84 -53.88
CA SER A 389 27.69 42.16 -54.93
C SER A 389 29.06 42.57 -54.38
N THR A 390 29.45 42.05 -53.22
CA THR A 390 30.77 42.31 -52.65
C THR A 390 31.51 41.02 -52.28
N CYS A 391 31.03 39.87 -52.74
CA CYS A 391 31.56 38.59 -52.26
C CYS A 391 33.02 38.43 -52.64
N THR A 392 33.81 37.98 -51.67
CA THR A 392 35.17 37.53 -51.91
C THR A 392 35.21 36.03 -51.68
N LYS A 393 35.76 35.29 -52.65
CA LYS A 393 35.62 33.83 -52.71
C LYS A 393 36.81 33.16 -52.04
N ARG A 394 36.79 33.16 -50.72
CA ARG A 394 37.83 32.47 -49.95
C ARG A 394 37.76 30.96 -50.16
N VAL A 395 38.88 30.30 -49.89
CA VAL A 395 38.85 28.89 -49.53
C VAL A 395 38.43 28.79 -48.07
N VAL A 396 37.36 28.05 -47.81
CA VAL A 396 36.73 27.99 -46.49
C VAL A 396 37.02 26.62 -45.88
N TYR A 397 37.46 26.63 -44.62
CA TYR A 397 37.71 25.40 -43.87
C TYR A 397 36.48 25.01 -43.08
N PRO A 398 36.07 23.73 -43.07
CA PRO A 398 34.80 23.37 -42.44
C PRO A 398 34.63 23.81 -40.98
N TRP A 399 35.69 23.83 -40.17
CA TRP A 399 35.49 24.14 -38.75
C TRP A 399 35.01 25.58 -38.56
N GLN A 400 35.48 26.51 -39.39
CA GLN A 400 34.96 27.86 -39.36
C GLN A 400 33.51 27.92 -39.80
N LEU A 401 33.15 27.11 -40.79
CA LEU A 401 31.75 27.09 -41.22
C LEU A 401 30.86 26.55 -40.10
N LEU A 402 31.35 25.57 -39.34
CA LEU A 402 30.63 25.12 -38.15
C LEU A 402 30.50 26.26 -37.13
N GLU A 403 31.60 26.96 -36.88
CA GLU A 403 31.58 28.07 -35.94
C GLU A 403 30.55 29.12 -36.33
N GLU A 404 30.30 29.27 -37.63
CA GLU A 404 29.25 30.18 -38.08
C GLU A 404 27.87 29.55 -38.10
N ILE A 405 27.77 28.24 -38.36
CA ILE A 405 26.49 27.57 -38.39
C ILE A 405 25.83 27.60 -37.02
N TRP A 406 26.65 27.62 -35.96
CA TRP A 406 26.06 27.81 -34.64
C TRP A 406 25.40 29.18 -34.48
N LYS A 407 25.65 30.10 -35.42
CA LYS A 407 25.41 31.53 -35.20
C LYS A 407 24.21 32.09 -35.95
N VAL A 408 23.70 31.42 -36.97
CA VAL A 408 22.69 32.00 -37.83
C VAL A 408 21.39 32.23 -37.06
N ASN A 409 20.61 33.21 -37.51
CA ASN A 409 19.30 33.51 -36.93
C ASN A 409 18.51 34.32 -37.95
N PHE A 410 17.52 33.69 -38.59
CA PHE A 410 16.79 34.37 -39.65
C PHE A 410 15.41 33.76 -39.80
N THR A 411 14.55 34.50 -40.51
CA THR A 411 13.18 34.10 -40.78
C THR A 411 13.12 33.42 -42.14
N LEU A 412 12.55 32.22 -42.19
CA LEU A 412 12.44 31.44 -43.42
C LEU A 412 11.01 30.97 -43.57
N LEU A 413 10.37 31.35 -44.67
CA LEU A 413 9.01 30.90 -44.99
C LEU A 413 8.06 31.20 -43.82
N ASP A 414 8.17 32.42 -43.29
CA ASP A 414 7.33 32.88 -42.19
C ASP A 414 7.52 32.02 -40.94
N HIS A 415 8.72 31.46 -40.77
CA HIS A 415 9.10 30.79 -39.54
C HIS A 415 10.56 31.10 -39.26
N GLN A 416 10.88 31.33 -38.00
CA GLN A 416 12.21 31.75 -37.59
C GLN A 416 12.99 30.56 -37.06
N ILE A 417 14.19 30.36 -37.59
CA ILE A 417 15.01 29.20 -37.27
C ILE A 417 16.37 29.66 -36.75
N PHE A 418 16.73 29.16 -35.58
CA PHE A 418 18.05 29.33 -35.00
C PHE A 418 18.34 28.10 -34.16
N PHE A 419 19.62 27.81 -33.96
CA PHE A 419 20.02 26.58 -33.30
C PHE A 419 20.21 26.80 -31.80
N ASP A 420 19.49 26.02 -31.00
CA ASP A 420 19.69 26.04 -29.56
C ASP A 420 21.11 25.55 -29.25
N PRO A 421 21.72 26.03 -28.16
CA PRO A 421 23.08 25.57 -27.82
C PRO A 421 23.21 24.05 -27.78
N GLN A 422 22.10 23.36 -27.53
CA GLN A 422 22.09 21.90 -27.57
C GLN A 422 21.91 21.34 -28.98
N GLY A 423 21.76 22.21 -29.99
CA GLY A 423 21.84 21.82 -31.38
C GLY A 423 20.52 21.66 -32.11
N ASP A 424 19.39 21.98 -31.47
CA ASP A 424 18.08 21.77 -32.06
C ASP A 424 17.45 23.09 -32.50
N VAL A 425 16.81 23.06 -33.67
CA VAL A 425 15.95 24.15 -34.10
C VAL A 425 14.56 23.94 -33.53
N ALA A 426 13.91 25.03 -33.15
CA ALA A 426 12.56 24.97 -32.59
C ALA A 426 11.53 24.99 -33.71
N LEU A 427 10.94 23.83 -33.99
CA LEU A 427 9.81 23.70 -34.91
C LEU A 427 8.61 23.14 -34.16
N HIS A 428 7.43 23.65 -34.50
CA HIS A 428 6.21 23.23 -33.82
C HIS A 428 5.93 21.75 -34.05
N LEU A 429 5.37 21.11 -33.04
CA LEU A 429 4.76 19.80 -33.18
C LEU A 429 3.24 19.93 -33.17
N GLU A 430 2.56 18.87 -33.58
CA GLU A 430 1.10 18.84 -33.56
C GLU A 430 0.62 17.45 -33.21
N ILE A 431 -0.63 17.38 -32.78
CA ILE A 431 -1.32 16.11 -32.53
C ILE A 431 -2.42 15.95 -33.58
N VAL A 432 -2.43 14.81 -34.25
CA VAL A 432 -3.37 14.52 -35.32
C VAL A 432 -4.27 13.37 -34.87
N GLN A 433 -5.58 13.57 -34.99
CA GLN A 433 -6.51 12.46 -34.89
C GLN A 433 -6.72 11.86 -36.27
N TRP A 434 -6.72 10.54 -36.34
CA TRP A 434 -7.04 9.86 -37.58
C TRP A 434 -8.53 9.95 -37.86
N GLN A 435 -8.89 10.35 -39.07
CA GLN A 435 -10.26 10.41 -39.50
C GLN A 435 -10.44 9.57 -40.76
N TRP A 436 -11.54 8.82 -40.81
CA TRP A 436 -11.86 7.97 -41.96
C TRP A 436 -12.89 8.60 -42.88
N ASP A 437 -12.93 9.93 -42.93
CA ASP A 437 -13.64 10.67 -43.97
C ASP A 437 -12.59 11.20 -44.95
N ARG A 438 -12.75 10.86 -46.23
CA ARG A 438 -11.73 11.15 -47.23
C ARG A 438 -12.01 12.41 -48.03
N SER A 439 -13.06 13.16 -47.70
CA SER A 439 -13.21 14.50 -48.29
C SER A 439 -12.10 15.43 -47.78
N GLN A 440 -11.89 15.43 -46.47
CA GLN A 440 -10.77 16.15 -45.87
C GLN A 440 -9.51 15.30 -45.96
N ASN A 441 -8.43 15.80 -45.35
CA ASN A 441 -7.21 15.03 -45.25
C ASN A 441 -7.44 13.82 -44.33
N PRO A 442 -6.69 12.74 -44.51
CA PRO A 442 -6.84 11.60 -43.59
C PRO A 442 -6.60 11.94 -42.13
N PHE A 443 -5.65 12.84 -41.85
CA PHE A 443 -5.26 13.18 -40.49
C PHE A 443 -5.66 14.61 -40.17
N GLN A 444 -6.36 14.78 -39.05
CA GLN A 444 -6.89 16.07 -38.63
C GLN A 444 -6.10 16.57 -37.44
N SER A 445 -5.55 17.78 -37.55
CA SER A 445 -4.85 18.39 -36.43
C SER A 445 -5.83 18.76 -35.32
N VAL A 446 -5.45 18.48 -34.08
CA VAL A 446 -6.28 18.79 -32.92
C VAL A 446 -5.51 19.50 -31.82
N ALA A 447 -4.21 19.72 -31.97
CA ALA A 447 -3.45 20.47 -30.98
C ALA A 447 -2.10 20.84 -31.59
N SER A 448 -1.45 21.81 -30.96
CA SER A 448 -0.14 22.29 -31.38
C SER A 448 0.71 22.51 -30.14
N TYR A 449 1.98 22.08 -30.22
CA TYR A 449 2.91 22.14 -29.10
C TYR A 449 4.03 23.11 -29.45
N TYR A 450 4.22 24.13 -28.60
CA TYR A 450 5.27 25.11 -28.81
C TYR A 450 6.49 24.73 -27.99
N PRO A 451 7.61 24.33 -28.60
CA PRO A 451 8.75 23.86 -27.79
C PRO A 451 9.44 24.96 -27.00
N LEU A 452 9.40 26.22 -27.46
CA LEU A 452 10.07 27.28 -26.71
C LEU A 452 9.25 27.71 -25.50
N GLN A 453 7.95 27.92 -25.68
CA GLN A 453 7.05 28.08 -24.55
C GLN A 453 6.80 26.75 -23.85
N ARG A 454 7.10 25.64 -24.51
CA ARG A 454 7.12 24.31 -23.90
C ARG A 454 5.78 23.94 -23.28
N GLN A 455 4.70 24.15 -24.02
CA GLN A 455 3.40 23.63 -23.59
C GLN A 455 2.48 23.46 -24.78
N LEU A 456 1.45 22.65 -24.57
CA LEU A 456 0.48 22.26 -25.59
C LEU A 456 -0.69 23.23 -25.57
N LYS A 457 -1.06 23.76 -26.74
CA LYS A 457 -1.94 24.92 -26.81
C LYS A 457 -3.06 24.72 -27.82
N ASN A 458 -4.17 25.42 -27.57
CA ASN A 458 -5.34 25.49 -28.46
C ASN A 458 -5.79 24.10 -28.90
N ILE A 459 -6.00 23.21 -27.92
CA ILE A 459 -6.58 21.91 -28.21
C ILE A 459 -7.99 22.09 -28.75
N GLN A 460 -8.32 21.36 -29.80
CA GLN A 460 -9.62 21.45 -30.45
C GLN A 460 -10.47 20.22 -30.14
N ASP A 461 -11.59 20.10 -30.84
CA ASP A 461 -12.50 18.98 -30.65
C ASP A 461 -11.86 17.67 -31.10
N ILE A 462 -11.86 16.68 -30.21
CA ILE A 462 -11.50 15.32 -30.55
C ILE A 462 -12.78 14.49 -30.52
N SER A 463 -13.18 13.94 -31.66
CA SER A 463 -14.42 13.19 -31.78
C SER A 463 -14.18 11.78 -31.25
N TRP A 464 -14.50 11.57 -29.97
CA TRP A 464 -14.17 10.32 -29.31
C TRP A 464 -15.08 9.20 -29.82
N HIS A 465 -14.78 7.98 -29.36
CA HIS A 465 -15.56 6.80 -29.66
C HIS A 465 -16.73 6.60 -28.69
N THR A 466 -16.82 7.41 -27.65
CA THR A 466 -17.82 7.19 -26.61
C THR A 466 -19.21 7.54 -27.12
N ILE A 467 -20.22 7.22 -26.31
CA ILE A 467 -21.60 7.30 -26.76
C ILE A 467 -22.03 8.71 -27.09
N ASN A 468 -21.52 9.71 -26.38
CA ASN A 468 -21.92 11.09 -26.62
C ASN A 468 -20.71 12.02 -26.61
N ASN A 469 -19.56 11.51 -27.04
CA ASN A 469 -18.34 12.30 -27.11
C ASN A 469 -17.89 12.77 -25.72
N THR A 470 -18.31 12.06 -24.68
CA THR A 470 -17.74 12.29 -23.37
C THR A 470 -16.32 11.78 -23.34
N ILE A 471 -15.43 12.52 -22.69
CA ILE A 471 -14.01 12.18 -22.67
C ILE A 471 -13.88 10.76 -22.12
N PRO A 472 -13.19 9.85 -22.83
CA PRO A 472 -13.02 8.50 -22.30
C PRO A 472 -12.09 8.47 -21.10
N MET A 473 -12.64 8.21 -19.92
CA MET A 473 -11.87 8.23 -18.68
C MET A 473 -11.14 6.92 -18.46
N SER A 474 -9.98 7.02 -17.82
CA SER A 474 -9.24 5.85 -17.34
C SER A 474 -8.42 6.28 -16.14
N MET A 475 -8.84 5.86 -14.96
CA MET A 475 -8.10 6.13 -13.73
C MET A 475 -8.13 4.87 -12.87
N CYS A 476 -7.08 4.70 -12.07
CA CYS A 476 -6.97 3.48 -11.27
C CYS A 476 -8.07 3.38 -10.21
N SER A 477 -8.48 4.51 -9.62
CA SER A 477 -9.35 4.48 -8.46
C SER A 477 -10.34 5.63 -8.50
N LYS A 478 -11.49 5.42 -7.85
CA LYS A 478 -12.49 6.45 -7.69
C LYS A 478 -12.08 7.42 -6.59
N ARG A 479 -12.49 8.68 -6.75
CA ARG A 479 -12.10 9.72 -5.80
C ARG A 479 -12.84 9.54 -4.47
N CYS A 480 -12.19 9.96 -3.40
CA CYS A 480 -12.74 9.80 -2.06
C CYS A 480 -14.03 10.60 -1.91
N GLN A 481 -14.97 10.02 -1.17
CA GLN A 481 -16.11 10.79 -0.67
C GLN A 481 -15.69 11.62 0.53
N SER A 482 -16.55 12.58 0.90
CA SER A 482 -16.26 13.45 2.02
C SER A 482 -16.04 12.64 3.28
N GLY A 483 -14.93 12.89 3.96
CA GLY A 483 -14.63 12.22 5.22
C GLY A 483 -13.96 10.87 5.09
N GLN A 484 -13.49 10.50 3.91
CA GLN A 484 -12.85 9.21 3.68
C GLN A 484 -11.34 9.37 3.53
N LYS A 485 -10.59 8.56 4.27
CA LYS A 485 -9.14 8.54 4.12
C LYS A 485 -8.73 7.65 2.94
N LYS A 486 -7.51 7.86 2.47
CA LYS A 486 -6.91 6.97 1.49
C LYS A 486 -6.15 5.84 2.16
N LYS A 487 -6.05 4.72 1.47
CA LYS A 487 -5.23 3.60 1.90
C LYS A 487 -4.47 3.05 0.69
N PRO A 488 -3.17 3.31 0.57
CA PRO A 488 -2.44 2.90 -0.63
C PRO A 488 -2.50 1.40 -0.85
N VAL A 489 -2.45 1.00 -2.13
CA VAL A 489 -2.40 -0.40 -2.53
C VAL A 489 -1.27 -0.57 -3.52
N GLY A 490 -0.50 -1.65 -3.36
CA GLY A 490 0.51 -1.98 -4.34
C GLY A 490 1.61 -0.94 -4.42
N ILE A 491 2.23 -0.87 -5.60
CA ILE A 491 3.38 0.01 -5.81
C ILE A 491 2.95 1.41 -6.22
N HIS A 492 1.92 1.51 -7.06
CA HIS A 492 1.65 2.75 -7.77
C HIS A 492 0.92 3.75 -6.87
N VAL A 493 1.16 5.03 -7.16
CA VAL A 493 0.52 6.10 -6.39
C VAL A 493 -0.98 6.13 -6.62
N CYS A 494 -1.43 5.82 -7.83
CA CYS A 494 -2.85 5.90 -8.15
C CYS A 494 -3.68 4.85 -7.43
N CYS A 495 -3.05 3.77 -6.94
CA CYS A 495 -3.76 2.65 -6.34
C CYS A 495 -4.04 2.93 -4.87
N PHE A 496 -5.31 3.07 -4.50
CA PHE A 496 -5.68 3.22 -3.11
C PHE A 496 -7.14 2.83 -2.90
N GLU A 497 -7.42 2.36 -1.68
CA GLU A 497 -8.79 2.19 -1.21
C GLU A 497 -9.26 3.48 -0.55
N CYS A 498 -10.58 3.62 -0.45
CA CYS A 498 -11.20 4.71 0.29
C CYS A 498 -11.85 4.16 1.54
N ILE A 499 -11.54 4.75 2.70
CA ILE A 499 -11.99 4.24 3.98
C ILE A 499 -12.51 5.39 4.83
N ASP A 500 -13.60 5.15 5.55
CA ASP A 500 -14.24 6.18 6.35
C ASP A 500 -13.42 6.53 7.57
N CYS A 501 -13.45 7.79 7.97
CA CYS A 501 -12.91 8.20 9.25
C CYS A 501 -13.77 7.64 10.38
N LEU A 502 -13.12 7.26 11.48
CA LEU A 502 -13.86 6.76 12.63
C LEU A 502 -14.31 7.90 13.53
N PRO A 503 -15.36 7.71 14.32
CA PRO A 503 -15.74 8.73 15.30
C PRO A 503 -14.56 9.06 16.20
N GLY A 504 -14.38 10.35 16.47
CA GLY A 504 -13.20 10.84 17.15
C GLY A 504 -12.08 11.25 16.22
N THR A 505 -12.30 11.19 14.91
CA THR A 505 -11.32 11.63 13.92
C THR A 505 -12.07 12.27 12.76
N PHE A 506 -11.35 13.07 11.97
CA PHE A 506 -11.96 13.74 10.84
C PHE A 506 -10.92 13.99 9.76
N LEU A 507 -11.41 14.24 8.56
CA LEU A 507 -10.57 14.44 7.39
C LEU A 507 -10.34 15.92 7.17
N ASN A 508 -9.07 16.28 6.91
CA ASN A 508 -8.65 17.67 6.72
C ASN A 508 -7.81 17.72 5.45
N HIS A 509 -8.44 18.13 4.34
CA HIS A 509 -7.74 18.16 3.07
C HIS A 509 -6.53 19.08 3.11
N THR A 510 -6.59 20.15 3.91
CA THR A 510 -5.47 21.09 3.99
C THR A 510 -4.25 20.50 4.69
N GLU A 511 -4.40 19.35 5.34
CA GLU A 511 -3.34 18.85 6.21
C GLU A 511 -2.87 17.46 5.81
N ASP A 512 -3.81 16.58 5.42
CA ASP A 512 -3.45 15.23 5.03
C ASP A 512 -4.68 14.50 4.52
N GLU A 513 -4.45 13.38 3.84
CA GLU A 513 -5.53 12.50 3.41
C GLU A 513 -5.25 11.03 3.68
N TYR A 514 -4.02 10.65 4.04
CA TYR A 514 -3.68 9.25 4.24
C TYR A 514 -3.78 8.80 5.68
N GLU A 515 -4.03 9.72 6.62
CA GLU A 515 -4.43 9.35 7.98
C GLU A 515 -5.35 10.43 8.53
N CYS A 516 -6.20 10.03 9.47
CA CYS A 516 -7.23 10.92 9.99
C CYS A 516 -6.67 11.86 11.04
N GLN A 517 -7.24 13.06 11.11
CA GLN A 517 -6.90 14.01 12.16
C GLN A 517 -7.79 13.76 13.38
N ALA A 518 -7.19 13.89 14.57
CA ALA A 518 -7.89 13.57 15.80
C ALA A 518 -8.76 14.72 16.28
N CYS A 519 -9.90 14.39 16.89
CA CYS A 519 -10.78 15.42 17.43
C CYS A 519 -10.17 16.02 18.69
N PRO A 520 -10.40 17.31 18.95
CA PRO A 520 -10.02 17.88 20.26
C PRO A 520 -10.71 17.14 21.39
N ASN A 521 -10.13 17.22 22.59
CA ASN A 521 -10.59 16.41 23.72
C ASN A 521 -12.01 16.76 24.14
N ASN A 522 -12.56 17.90 23.71
CA ASN A 522 -13.93 18.27 24.04
C ASN A 522 -14.87 18.18 22.84
N GLU A 523 -14.45 17.54 21.76
CA GLU A 523 -15.26 17.42 20.55
C GLU A 523 -15.31 15.97 20.09
N TRP A 524 -16.10 15.73 19.05
CA TRP A 524 -16.33 14.40 18.51
C TRP A 524 -16.71 14.56 17.04
N SER A 525 -16.98 13.43 16.38
CA SER A 525 -17.26 13.45 14.95
C SER A 525 -18.23 12.34 14.61
N TYR A 526 -19.00 12.54 13.54
CA TYR A 526 -19.98 11.57 13.06
C TYR A 526 -19.36 10.64 12.02
N GLN A 527 -18.36 9.87 12.47
CA GLN A 527 -17.67 8.94 11.59
C GLN A 527 -17.05 9.65 10.39
N SER A 528 -17.56 9.39 9.18
CA SER A 528 -17.01 9.96 7.97
C SER A 528 -17.45 11.42 7.81
N GLU A 529 -16.65 12.34 8.32
CA GLU A 529 -17.00 13.76 8.30
C GLU A 529 -15.76 14.60 8.14
N THR A 530 -15.94 15.82 7.63
CA THR A 530 -14.85 16.74 7.37
C THR A 530 -14.51 17.63 8.57
N SER A 531 -15.25 17.55 9.66
CA SER A 531 -15.09 18.50 10.76
C SER A 531 -15.64 17.90 12.04
N CYS A 532 -15.28 18.53 13.16
CA CYS A 532 -15.66 18.09 14.49
C CYS A 532 -16.94 18.79 14.93
N PHE A 533 -17.48 18.35 16.06
CA PHE A 533 -18.59 19.04 16.70
C PHE A 533 -18.42 19.01 18.22
N LYS A 534 -18.96 20.02 18.88
CA LYS A 534 -18.74 20.21 20.31
C LYS A 534 -19.66 19.32 21.12
N ARG A 535 -19.09 18.63 22.11
CA ARG A 535 -19.87 17.81 23.03
C ARG A 535 -20.34 18.62 24.24
N GLN A 536 -21.39 18.12 24.88
CA GLN A 536 -22.08 18.84 25.95
C GLN A 536 -21.97 18.08 27.26
N LEU A 537 -21.61 18.79 28.33
CA LEU A 537 -21.56 18.20 29.66
C LEU A 537 -22.95 18.18 30.28
N VAL A 538 -23.22 17.16 31.08
CA VAL A 538 -24.52 16.96 31.72
C VAL A 538 -24.31 16.63 33.19
N PHE A 539 -25.10 17.26 34.06
CA PHE A 539 -25.12 16.92 35.47
C PHE A 539 -26.38 17.50 36.10
N LEU A 540 -26.68 17.03 37.31
CA LEU A 540 -27.90 17.43 37.99
C LEU A 540 -27.94 18.94 38.21
N GLU A 541 -29.13 19.52 38.01
CA GLU A 541 -29.35 20.91 38.36
C GLU A 541 -30.82 21.09 38.72
N TRP A 542 -31.10 22.19 39.43
CA TRP A 542 -32.41 22.40 40.05
C TRP A 542 -33.52 22.68 39.04
N HIS A 543 -33.20 22.95 37.78
CA HIS A 543 -34.25 23.24 36.81
C HIS A 543 -35.12 22.01 36.56
N GLU A 544 -34.59 20.83 36.81
CA GLU A 544 -35.24 19.58 36.44
C GLU A 544 -36.30 19.19 37.47
N ALA A 545 -37.45 18.74 36.99
CA ALA A 545 -38.55 18.32 37.87
C ALA A 545 -38.12 17.28 38.89
N PRO A 546 -37.48 16.16 38.50
CA PRO A 546 -37.07 15.18 39.52
C PRO A 546 -36.03 15.73 40.46
N THR A 547 -35.16 16.62 40.01
CA THR A 547 -34.12 17.17 40.90
C THR A 547 -34.75 18.00 42.01
N ILE A 548 -35.64 18.92 41.66
CA ILE A 548 -36.32 19.74 42.66
C ILE A 548 -37.20 18.86 43.54
N ALA A 549 -37.83 17.84 42.95
CA ALA A 549 -38.65 16.92 43.74
C ALA A 549 -37.82 16.22 44.80
N VAL A 550 -36.64 15.72 44.42
CA VAL A 550 -35.75 15.05 45.36
C VAL A 550 -35.29 16.02 46.44
N ALA A 551 -34.95 17.26 46.05
CA ALA A 551 -34.53 18.25 47.03
C ALA A 551 -35.64 18.54 48.03
N LEU A 552 -36.87 18.65 47.55
CA LEU A 552 -38.00 18.91 48.44
C LEU A 552 -38.25 17.73 49.38
N LEU A 553 -38.11 16.50 48.87
CA LEU A 553 -38.23 15.32 49.72
C LEU A 553 -37.15 15.34 50.81
N ALA A 554 -35.92 15.67 50.43
CA ALA A 554 -34.84 15.76 51.42
C ALA A 554 -35.10 16.86 52.44
N ALA A 555 -35.70 17.98 52.01
CA ALA A 555 -36.02 19.05 52.95
C ALA A 555 -37.09 18.61 53.94
N LEU A 556 -38.11 17.90 53.46
CA LEU A 556 -39.10 17.32 54.37
C LEU A 556 -38.41 16.43 55.39
N GLY A 557 -37.51 15.57 54.94
CA GLY A 557 -36.78 14.71 55.87
C GLY A 557 -35.96 15.51 56.87
N PHE A 558 -35.30 16.56 56.41
CA PHE A 558 -34.46 17.36 57.31
C PHE A 558 -35.29 18.00 58.41
N LEU A 559 -36.37 18.69 58.03
CA LEU A 559 -37.16 19.37 59.05
C LEU A 559 -37.87 18.39 59.97
N SER A 560 -38.30 17.23 59.45
CA SER A 560 -38.87 16.23 60.34
C SER A 560 -37.83 15.71 61.33
N THR A 561 -36.59 15.48 60.88
CA THR A 561 -35.55 15.04 61.79
C THR A 561 -35.27 16.08 62.86
N LEU A 562 -35.23 17.35 62.48
CA LEU A 562 -35.00 18.40 63.48
C LEU A 562 -36.15 18.48 64.49
N ALA A 563 -37.39 18.35 64.01
CA ALA A 563 -38.52 18.32 64.93
C ALA A 563 -38.41 17.14 65.89
N ILE A 564 -38.01 15.97 65.39
CA ILE A 564 -37.83 14.80 66.24
C ILE A 564 -36.78 15.08 67.30
N LEU A 565 -35.66 15.68 66.89
CA LEU A 565 -34.59 16.00 67.83
C LEU A 565 -35.10 16.90 68.95
N VAL A 566 -35.79 17.98 68.58
CA VAL A 566 -36.20 18.95 69.58
C VAL A 566 -37.28 18.37 70.48
N ILE A 567 -38.19 17.56 69.94
CA ILE A 567 -39.22 16.99 70.80
C ILE A 567 -38.62 15.98 71.76
N PHE A 568 -37.55 15.29 71.33
CA PHE A 568 -36.82 14.46 72.27
C PHE A 568 -36.18 15.30 73.37
N TRP A 569 -35.54 16.40 72.98
CA TRP A 569 -34.89 17.26 73.97
C TRP A 569 -35.90 17.81 74.97
N ARG A 570 -37.09 18.17 74.50
CA ARG A 570 -38.13 18.67 75.38
C ARG A 570 -38.61 17.63 76.38
N HIS A 571 -38.34 16.35 76.11
CA HIS A 571 -38.75 15.26 76.99
C HIS A 571 -37.56 14.40 77.39
N PHE A 572 -36.40 15.02 77.58
CA PHE A 572 -35.20 14.33 78.05
C PHE A 572 -35.45 13.59 79.36
N GLN A 573 -36.38 14.10 80.18
CA GLN A 573 -36.68 13.51 81.49
C GLN A 573 -37.56 12.27 81.43
N THR A 574 -38.16 11.96 80.29
CA THR A 574 -39.14 10.90 80.22
C THR A 574 -38.46 9.52 80.18
N PRO A 575 -39.16 8.47 80.60
CA PRO A 575 -38.62 7.11 80.43
C PRO A 575 -38.35 6.76 78.98
N ILE A 576 -39.14 7.30 78.04
CA ILE A 576 -38.91 6.98 76.63
C ILE A 576 -37.52 7.43 76.21
N VAL A 577 -37.17 8.68 76.52
CA VAL A 577 -35.86 9.20 76.15
C VAL A 577 -34.76 8.63 77.04
N ARG A 578 -35.10 8.18 78.24
CA ARG A 578 -34.11 7.54 79.12
C ARG A 578 -33.71 6.17 78.59
N SER A 579 -34.67 5.42 78.06
CA SER A 579 -34.44 4.06 77.61
C SER A 579 -34.05 3.99 76.13
N ALA A 580 -34.46 4.98 75.34
CA ALA A 580 -34.18 5.00 73.91
C ALA A 580 -33.76 6.39 73.44
N GLY A 581 -32.99 7.10 74.24
CA GLY A 581 -32.55 8.43 73.89
C GLY A 581 -31.14 8.74 74.36
N GLY A 582 -30.92 9.96 74.83
CA GLY A 582 -29.64 10.36 75.36
C GLY A 582 -28.66 10.79 74.29
N PRO A 583 -27.38 10.87 74.64
CA PRO A 583 -26.39 11.40 73.69
C PRO A 583 -26.28 10.60 72.41
N MET A 584 -26.44 9.28 72.46
CA MET A 584 -26.35 8.48 71.24
C MET A 584 -27.39 8.93 70.23
N CYS A 585 -28.65 9.05 70.65
CA CYS A 585 -29.69 9.48 69.72
C CYS A 585 -29.55 10.95 69.36
N PHE A 586 -29.12 11.79 70.31
CA PHE A 586 -28.88 13.19 70.00
C PHE A 586 -27.89 13.34 68.86
N LEU A 587 -26.74 12.68 68.97
CA LEU A 587 -25.73 12.80 67.92
C LEU A 587 -26.13 12.03 66.67
N MET A 588 -26.89 10.94 66.80
CA MET A 588 -27.42 10.27 65.62
C MET A 588 -28.31 11.19 64.81
N LEU A 589 -29.22 11.90 65.48
CA LEU A 589 -30.10 12.83 64.77
C LEU A 589 -29.31 14.00 64.20
N THR A 590 -28.30 14.49 64.92
CA THR A 590 -27.45 15.55 64.36
C THR A 590 -26.76 15.08 63.08
N LEU A 591 -26.12 13.91 63.14
CA LEU A 591 -25.45 13.37 61.95
C LEU A 591 -26.44 13.17 60.82
N LEU A 592 -27.63 12.67 61.12
CA LEU A 592 -28.61 12.40 60.08
C LEU A 592 -29.11 13.68 59.43
N LEU A 593 -29.35 14.73 60.22
CA LEU A 593 -29.86 15.96 59.63
C LEU A 593 -28.79 16.70 58.86
N VAL A 594 -27.51 16.58 59.24
CA VAL A 594 -26.46 17.13 58.38
C VAL A 594 -26.28 16.26 57.14
N ALA A 595 -26.51 14.96 57.24
CA ALA A 595 -26.46 14.09 56.06
C ALA A 595 -27.57 14.45 55.08
N TYR A 596 -28.71 14.89 55.59
CA TYR A 596 -29.79 15.33 54.71
C TYR A 596 -29.39 16.50 53.83
N MET A 597 -28.31 17.20 54.19
CA MET A 597 -27.80 18.31 53.40
C MET A 597 -26.99 17.84 52.19
N VAL A 598 -27.14 16.57 51.81
CA VAL A 598 -26.40 16.03 50.68
C VAL A 598 -26.82 16.70 49.37
N VAL A 599 -28.11 17.03 49.24
CA VAL A 599 -28.65 17.41 47.94
C VAL A 599 -27.93 18.63 47.36
N PRO A 600 -27.63 19.71 48.11
CA PRO A 600 -26.85 20.80 47.51
C PRO A 600 -25.45 20.40 47.12
N VAL A 601 -24.93 19.29 47.67
CA VAL A 601 -23.60 18.82 47.30
C VAL A 601 -23.67 17.90 46.09
N TYR A 602 -24.75 17.13 45.94
CA TYR A 602 -24.93 16.31 44.75
C TYR A 602 -25.24 17.16 43.53
N VAL A 603 -26.10 18.15 43.70
CA VAL A 603 -26.63 18.92 42.60
C VAL A 603 -25.72 20.12 42.32
N GLY A 604 -25.64 20.48 41.05
CA GLY A 604 -24.85 21.61 40.63
C GLY A 604 -23.52 21.17 40.04
N PRO A 605 -22.80 22.09 39.41
CA PRO A 605 -21.52 21.75 38.81
C PRO A 605 -20.58 21.16 39.84
N PRO A 606 -19.88 20.08 39.52
CA PRO A 606 -19.04 19.41 40.52
C PRO A 606 -17.74 20.17 40.79
N LYS A 607 -17.24 19.99 42.01
CA LYS A 607 -15.94 20.50 42.43
C LYS A 607 -15.24 19.43 43.25
N VAL A 608 -13.91 19.47 43.24
CA VAL A 608 -13.12 18.37 43.78
C VAL A 608 -13.51 18.08 45.23
N SER A 609 -13.58 19.12 46.06
CA SER A 609 -13.88 18.91 47.47
C SER A 609 -15.26 18.28 47.66
N THR A 610 -16.26 18.74 46.90
CA THR A 610 -17.57 18.12 46.95
C THR A 610 -17.55 16.70 46.43
N CYS A 611 -16.70 16.40 45.44
CA CYS A 611 -16.56 15.02 44.99
C CYS A 611 -16.01 14.13 46.09
N LEU A 612 -14.98 14.60 46.79
CA LEU A 612 -14.48 13.86 47.95
C LEU A 612 -15.56 13.70 49.02
N CYS A 613 -16.37 14.75 49.23
CA CYS A 613 -17.46 14.66 50.20
C CYS A 613 -18.45 13.57 49.83
N ARG A 614 -18.84 13.52 48.55
CA ARG A 614 -19.76 12.47 48.10
C ARG A 614 -19.14 11.09 48.26
N GLN A 615 -17.89 10.94 47.85
CA GLN A 615 -17.29 9.61 47.76
C GLN A 615 -16.90 9.04 49.13
N ALA A 616 -16.62 9.90 50.12
CA ALA A 616 -16.32 9.38 51.46
C ALA A 616 -17.28 9.87 52.55
N LEU A 617 -17.47 11.19 52.65
CA LEU A 617 -17.93 11.76 53.91
C LEU A 617 -19.40 11.46 54.19
N PHE A 618 -20.27 11.69 53.22
CA PHE A 618 -21.70 11.43 53.46
C PHE A 618 -21.97 9.96 53.75
N PRO A 619 -21.48 9.02 52.95
CA PRO A 619 -21.63 7.60 53.33
C PRO A 619 -21.10 7.30 54.72
N LEU A 620 -19.96 7.88 55.07
CA LEU A 620 -19.35 7.60 56.36
C LEU A 620 -20.24 8.06 57.51
N CYS A 621 -20.69 9.31 57.47
CA CYS A 621 -21.51 9.80 58.57
C CYS A 621 -22.89 9.13 58.59
N PHE A 622 -23.36 8.62 57.45
CA PHE A 622 -24.63 7.91 57.45
C PHE A 622 -24.50 6.50 58.03
N THR A 623 -23.34 5.85 57.83
CA THR A 623 -23.20 4.44 58.18
C THR A 623 -23.30 4.19 59.68
N ILE A 624 -22.69 5.06 60.49
CA ILE A 624 -22.59 4.79 61.92
C ILE A 624 -23.97 4.75 62.57
N CYS A 625 -24.94 5.48 62.03
CA CYS A 625 -26.31 5.40 62.55
C CYS A 625 -26.88 3.99 62.38
N ILE A 626 -26.73 3.43 61.19
CA ILE A 626 -27.15 2.05 60.96
C ILE A 626 -26.43 1.11 61.92
N SER A 627 -25.14 1.35 62.13
CA SER A 627 -24.40 0.52 63.09
C SER A 627 -24.96 0.63 64.50
N CYS A 628 -25.44 1.83 64.88
CA CYS A 628 -26.07 1.99 66.17
C CYS A 628 -27.35 1.16 66.27
N ILE A 629 -28.17 1.20 65.23
CA ILE A 629 -29.36 0.34 65.22
C ILE A 629 -28.95 -1.12 65.37
N ALA A 630 -27.87 -1.52 64.70
CA ALA A 630 -27.41 -2.90 64.78
C ALA A 630 -27.06 -3.28 66.21
N VAL A 631 -26.23 -2.47 66.86
CA VAL A 631 -25.81 -2.84 68.22
C VAL A 631 -26.99 -2.80 69.18
N ARG A 632 -27.97 -1.91 68.96
CA ARG A 632 -29.17 -1.95 69.78
C ARG A 632 -29.96 -3.23 69.54
N SER A 633 -30.01 -3.71 68.29
CA SER A 633 -30.67 -4.98 68.02
C SER A 633 -29.94 -6.12 68.73
N PHE A 634 -28.62 -6.03 68.85
CA PHE A 634 -27.91 -6.99 69.69
C PHE A 634 -28.34 -6.86 71.14
N GLN A 635 -28.28 -5.63 71.68
CA GLN A 635 -28.49 -5.42 73.10
C GLN A 635 -29.88 -5.87 73.54
N ILE A 636 -30.89 -5.73 72.68
CA ILE A 636 -32.24 -5.98 73.14
C ILE A 636 -32.46 -7.45 73.48
N VAL A 637 -31.95 -8.38 72.67
CA VAL A 637 -32.19 -9.80 72.87
C VAL A 637 -30.90 -10.60 72.92
N CYS A 638 -30.04 -10.41 71.93
CA CYS A 638 -28.86 -11.25 71.80
C CYS A 638 -27.93 -11.04 72.98
N ALA A 639 -27.91 -9.84 73.57
CA ALA A 639 -27.09 -9.62 74.75
C ALA A 639 -27.54 -10.50 75.91
N PHE A 640 -28.85 -10.68 76.08
CA PHE A 640 -29.33 -11.58 77.12
C PHE A 640 -29.03 -13.03 76.79
N LYS A 641 -29.13 -13.41 75.51
CA LYS A 641 -28.71 -14.76 75.13
C LYS A 641 -27.25 -14.99 75.50
N MET A 642 -26.41 -13.98 75.26
CA MET A 642 -25.00 -14.06 75.65
C MET A 642 -24.86 -14.18 77.17
N ALA A 643 -25.60 -13.35 77.91
CA ALA A 643 -25.46 -13.34 79.37
C ALA A 643 -25.88 -14.67 79.99
N SER A 644 -26.84 -15.35 79.37
CA SER A 644 -27.29 -16.63 79.92
C SER A 644 -26.43 -17.80 79.45
N ARG A 645 -26.13 -17.87 78.16
CA ARG A 645 -25.39 -19.01 77.63
C ARG A 645 -23.88 -18.84 77.79
N PHE A 646 -23.36 -17.62 77.66
CA PHE A 646 -21.91 -17.39 77.67
C PHE A 646 -21.60 -16.24 78.62
N PRO A 647 -21.79 -16.44 79.92
CA PRO A 647 -21.56 -15.34 80.87
C PRO A 647 -20.13 -14.84 80.89
N ARG A 648 -19.14 -15.65 80.53
CA ARG A 648 -17.77 -15.17 80.43
C ARG A 648 -17.63 -14.13 79.33
N ALA A 649 -18.15 -14.45 78.14
CA ALA A 649 -18.10 -13.51 77.04
C ALA A 649 -18.89 -12.24 77.37
N TYR A 650 -20.02 -12.38 78.05
CA TYR A 650 -20.79 -11.20 78.45
C TYR A 650 -20.03 -10.35 79.47
N SER A 651 -19.33 -11.00 80.41
CA SER A 651 -18.52 -10.26 81.37
C SER A 651 -17.41 -9.50 80.67
N TYR A 652 -16.84 -10.06 79.61
CA TYR A 652 -15.88 -9.30 78.81
C TYR A 652 -16.56 -8.16 78.08
N TRP A 653 -17.70 -8.45 77.45
CA TRP A 653 -18.41 -7.49 76.62
C TRP A 653 -18.80 -6.24 77.40
N VAL A 654 -19.34 -6.43 78.61
CA VAL A 654 -19.71 -5.29 79.43
C VAL A 654 -18.47 -4.56 79.94
N ARG A 655 -17.35 -5.26 80.08
CA ARG A 655 -16.15 -4.63 80.63
C ARG A 655 -15.45 -3.75 79.61
N TYR A 656 -15.24 -4.25 78.39
CA TYR A 656 -14.52 -3.49 77.37
C TYR A 656 -15.45 -2.64 76.51
N GLN A 657 -16.57 -2.18 77.05
CA GLN A 657 -17.41 -1.20 76.35
C GLN A 657 -17.83 -1.73 74.98
N GLY A 658 -18.34 -2.96 74.95
CA GLY A 658 -18.56 -3.69 73.73
C GLY A 658 -19.23 -2.91 72.61
N PRO A 659 -20.43 -2.38 72.85
CA PRO A 659 -21.20 -1.79 71.75
C PRO A 659 -20.55 -0.56 71.14
N TYR A 660 -20.06 0.36 71.97
CA TYR A 660 -19.41 1.56 71.45
C TYR A 660 -18.15 1.19 70.67
N VAL A 661 -17.38 0.25 71.19
CA VAL A 661 -16.19 -0.22 70.48
C VAL A 661 -16.58 -0.84 69.14
N SER A 662 -17.69 -1.58 69.11
CA SER A 662 -18.14 -2.19 67.87
C SER A 662 -18.52 -1.13 66.83
N MET A 663 -19.24 -0.08 67.27
CA MET A 663 -19.57 1.01 66.36
C MET A 663 -18.30 1.67 65.81
N ALA A 664 -17.33 1.95 66.68
CA ALA A 664 -16.09 2.56 66.21
C ALA A 664 -15.34 1.63 65.26
N PHE A 665 -15.34 0.33 65.57
CA PHE A 665 -14.63 -0.66 64.78
C PHE A 665 -15.19 -0.73 63.36
N ILE A 666 -16.52 -0.87 63.25
CA ILE A 666 -17.13 -0.90 61.93
C ILE A 666 -16.96 0.44 61.23
N THR A 667 -16.93 1.55 61.99
CA THR A 667 -16.72 2.85 61.37
C THR A 667 -15.36 2.94 60.71
N VAL A 668 -14.31 2.50 61.41
CA VAL A 668 -12.96 2.56 60.82
C VAL A 668 -12.85 1.61 59.64
N LEU A 669 -13.51 0.44 59.72
CA LEU A 669 -13.55 -0.42 58.55
C LEU A 669 -14.18 0.29 57.36
N LYS A 670 -15.27 1.02 57.60
CA LYS A 670 -15.90 1.79 56.55
C LYS A 670 -14.97 2.87 56.00
N MET A 671 -14.23 3.52 56.89
CA MET A 671 -13.26 4.55 56.46
C MET A 671 -12.25 3.95 55.48
N VAL A 672 -11.66 2.81 55.85
CA VAL A 672 -10.74 2.13 54.95
C VAL A 672 -11.43 1.84 53.63
N ILE A 673 -12.65 1.30 53.69
CA ILE A 673 -13.33 0.84 52.48
C ILE A 673 -13.59 2.01 51.53
N VAL A 674 -13.92 3.18 52.07
CA VAL A 674 -14.18 4.33 51.20
C VAL A 674 -12.88 4.86 50.61
N VAL A 675 -11.83 5.00 51.43
CA VAL A 675 -10.62 5.65 50.93
C VAL A 675 -9.92 4.75 49.92
N ILE A 676 -9.95 3.43 50.12
CA ILE A 676 -9.21 2.57 49.20
C ILE A 676 -9.86 2.58 47.82
N GLY A 677 -11.18 2.78 47.74
CA GLY A 677 -11.82 2.99 46.45
C GLY A 677 -11.54 4.37 45.88
N MET A 678 -11.61 5.41 46.71
CA MET A 678 -11.43 6.76 46.20
C MET A 678 -10.01 6.96 45.66
N LEU A 679 -9.00 6.51 46.41
CA LEU A 679 -7.63 6.63 45.91
C LEU A 679 -7.39 5.77 44.67
N ALA A 680 -8.16 4.70 44.49
CA ALA A 680 -8.07 3.90 43.28
C ALA A 680 -8.81 4.52 42.10
N THR A 681 -9.71 5.49 42.34
CA THR A 681 -10.45 6.10 41.25
C THR A 681 -10.35 7.62 41.18
N GLY A 682 -9.72 8.28 42.14
CA GLY A 682 -9.42 9.69 42.00
C GLY A 682 -10.36 10.58 42.80
N LEU A 683 -9.82 11.71 43.28
CA LEU A 683 -10.61 12.66 44.03
C LEU A 683 -11.46 13.55 43.13
N SER A 684 -11.03 13.79 41.90
CA SER A 684 -11.68 14.74 41.02
C SER A 684 -12.90 14.14 40.33
N PRO A 685 -13.79 14.98 39.82
CA PRO A 685 -14.91 14.47 39.02
C PRO A 685 -14.43 13.87 37.71
N THR A 686 -15.26 12.97 37.16
CA THR A 686 -14.88 12.17 36.00
C THR A 686 -15.94 12.26 34.92
N THR A 687 -15.51 12.02 33.68
CA THR A 687 -16.36 12.14 32.50
C THR A 687 -16.60 10.76 31.90
N ARG A 688 -17.85 10.49 31.52
CA ARG A 688 -18.22 9.24 30.87
C ARG A 688 -19.12 9.52 29.67
N THR A 689 -19.04 8.65 28.67
CA THR A 689 -19.85 8.80 27.46
C THR A 689 -21.29 8.38 27.72
N ASP A 690 -22.22 9.08 27.08
CA ASP A 690 -23.61 8.65 27.07
C ASP A 690 -23.72 7.38 26.23
N PRO A 691 -24.58 6.42 26.61
CA PRO A 691 -24.58 5.13 25.88
C PRO A 691 -24.99 5.24 24.41
N ASP A 692 -25.96 6.09 24.05
CA ASP A 692 -26.40 6.15 22.66
C ASP A 692 -26.65 7.54 22.12
N ASP A 693 -26.43 8.62 22.87
CA ASP A 693 -26.54 9.96 22.34
C ASP A 693 -25.16 10.54 22.13
N PRO A 694 -24.74 10.83 20.90
CA PRO A 694 -23.37 11.32 20.68
C PRO A 694 -23.10 12.70 21.25
N LYS A 695 -24.13 13.49 21.56
CA LYS A 695 -23.92 14.85 22.01
C LYS A 695 -23.45 14.93 23.46
N ILE A 696 -23.82 13.95 24.28
CA ILE A 696 -23.79 14.08 25.74
C ILE A 696 -22.54 13.43 26.30
N THR A 697 -21.88 14.13 27.22
CA THR A 697 -20.87 13.55 28.11
C THR A 697 -21.33 13.73 29.54
N ILE A 698 -21.33 12.64 30.31
CA ILE A 698 -21.88 12.63 31.66
C ILE A 698 -20.76 12.79 32.66
N VAL A 699 -20.93 13.72 33.59
CA VAL A 699 -19.95 14.04 34.62
C VAL A 699 -20.46 13.50 35.95
N SER A 700 -19.64 12.70 36.63
CA SER A 700 -20.04 12.16 37.91
C SER A 700 -18.82 11.68 38.68
N CYS A 701 -19.00 11.47 39.98
CA CYS A 701 -18.02 10.77 40.79
C CYS A 701 -18.09 9.26 40.49
N ASN A 702 -17.13 8.53 41.04
CA ASN A 702 -17.17 7.07 41.11
C ASN A 702 -17.48 6.45 39.75
N PRO A 703 -16.59 6.60 38.77
CA PRO A 703 -16.86 6.04 37.44
C PRO A 703 -17.01 4.53 37.43
N ASN A 704 -16.26 3.84 38.28
CA ASN A 704 -16.47 2.37 38.43
C ASN A 704 -17.68 2.22 39.36
N TYR A 705 -18.87 2.69 38.94
CA TYR A 705 -20.04 2.68 39.86
C TYR A 705 -20.32 1.26 40.36
N ARG A 706 -20.80 0.36 39.49
CA ARG A 706 -21.19 -0.99 39.95
C ARG A 706 -20.15 -1.54 40.94
N ASN A 707 -18.87 -1.52 40.57
CA ASN A 707 -17.82 -2.11 41.45
C ASN A 707 -17.97 -1.54 42.87
N SER A 708 -17.81 -0.24 43.03
CA SER A 708 -17.88 0.39 44.38
C SER A 708 -19.27 0.16 44.99
N LEU A 709 -20.32 0.30 44.18
CA LEU A 709 -21.70 0.10 44.69
C LEU A 709 -21.73 -1.21 45.49
N LEU A 710 -21.28 -2.31 44.87
CA LEU A 710 -21.30 -3.62 45.54
C LEU A 710 -20.43 -3.56 46.81
N PHE A 711 -19.21 -3.03 46.68
CA PHE A 711 -18.27 -3.01 47.84
C PHE A 711 -18.89 -2.23 49.00
N ASN A 712 -19.46 -1.06 48.70
CA ASN A 712 -20.02 -0.19 49.79
C ASN A 712 -21.23 -0.88 50.42
N THR A 713 -22.17 -1.35 49.60
CA THR A 713 -23.41 -1.96 50.14
C THR A 713 -23.07 -3.25 50.86
N SER A 714 -22.25 -4.11 50.25
CA SER A 714 -21.93 -5.43 50.84
C SER A 714 -21.89 -5.34 52.38
N LEU A 715 -21.06 -4.46 52.93
CA LEU A 715 -20.92 -4.42 54.38
C LEU A 715 -22.13 -3.78 55.02
N ASP A 716 -22.65 -2.70 54.42
CA ASP A 716 -23.83 -2.03 54.97
C ASP A 716 -25.03 -2.96 54.99
N LEU A 717 -25.25 -3.70 53.90
CA LEU A 717 -26.41 -4.59 53.85
C LEU A 717 -26.20 -5.82 54.71
N LEU A 718 -24.96 -6.24 54.94
CA LEU A 718 -24.73 -7.30 55.92
C LEU A 718 -25.07 -6.84 57.33
N LEU A 719 -24.65 -5.62 57.69
CA LEU A 719 -25.09 -5.03 58.96
C LEU A 719 -26.61 -4.96 59.03
N SER A 720 -27.24 -4.56 57.92
CA SER A 720 -28.69 -4.47 57.88
C SER A 720 -29.31 -5.83 58.15
N VAL A 721 -28.80 -6.88 57.51
CA VAL A 721 -29.36 -8.21 57.67
C VAL A 721 -29.17 -8.71 59.10
N VAL A 722 -27.99 -8.48 59.68
CA VAL A 722 -27.77 -8.99 61.03
C VAL A 722 -28.67 -8.30 62.04
N GLY A 723 -28.79 -6.97 61.94
CA GLY A 723 -29.70 -6.26 62.82
C GLY A 723 -31.14 -6.70 62.60
N PHE A 724 -31.52 -6.85 61.33
CA PHE A 724 -32.87 -7.27 60.96
C PHE A 724 -33.20 -8.64 61.56
N SER A 725 -32.26 -9.58 61.48
CA SER A 725 -32.49 -10.91 62.00
C SER A 725 -32.50 -10.94 63.54
N PHE A 726 -31.60 -10.17 64.17
CA PHE A 726 -31.63 -10.06 65.62
C PHE A 726 -32.99 -9.55 66.10
N ALA A 727 -33.47 -8.47 65.48
CA ALA A 727 -34.78 -7.94 65.85
C ALA A 727 -35.89 -8.95 65.54
N TYR A 728 -35.74 -9.71 64.46
CA TYR A 728 -36.72 -10.72 64.15
C TYR A 728 -36.73 -11.79 65.24
N MET A 729 -35.55 -12.10 65.79
CA MET A 729 -35.49 -13.08 66.88
C MET A 729 -36.21 -12.52 68.10
N GLY A 730 -35.90 -11.28 68.47
CA GLY A 730 -36.60 -10.63 69.57
C GLY A 730 -37.76 -9.85 69.00
N LYS A 731 -38.61 -10.51 68.22
CA LYS A 731 -39.70 -9.82 67.54
C LYS A 731 -40.63 -9.02 68.41
N GLU A 732 -41.08 -9.60 69.52
CA GLU A 732 -42.08 -8.95 70.36
C GLU A 732 -41.51 -8.35 71.64
N LEU A 733 -40.18 -8.28 71.72
CA LEU A 733 -39.55 -7.73 72.91
C LEU A 733 -40.02 -6.30 73.12
N PRO A 734 -40.66 -6.01 74.27
CA PRO A 734 -41.21 -4.67 74.49
C PRO A 734 -40.36 -3.86 75.45
N THR A 735 -39.20 -4.36 75.83
CA THR A 735 -38.40 -3.68 76.85
C THR A 735 -38.12 -2.23 76.48
N ASN A 736 -37.78 -1.98 75.22
CA ASN A 736 -37.42 -0.63 74.74
C ASN A 736 -38.59 0.05 74.05
N TYR A 737 -39.80 -0.11 74.60
CA TYR A 737 -41.02 0.38 73.96
C TYR A 737 -41.20 -0.26 72.58
N ASN A 738 -41.20 -1.59 72.57
CA ASN A 738 -41.50 -2.36 71.36
C ASN A 738 -40.54 -2.02 70.22
N GLU A 739 -39.25 -1.87 70.55
CA GLU A 739 -38.28 -1.38 69.57
C GLU A 739 -38.11 -2.33 68.39
N ALA A 740 -38.24 -3.63 68.61
CA ALA A 740 -37.93 -4.62 67.58
C ALA A 740 -38.80 -4.44 66.34
N LYS A 741 -40.09 -4.12 66.52
CA LYS A 741 -40.98 -3.95 65.39
C LYS A 741 -40.48 -2.85 64.47
N PHE A 742 -40.06 -1.73 65.05
CA PHE A 742 -39.64 -0.58 64.26
C PHE A 742 -38.26 -0.79 63.64
N ILE A 743 -37.35 -1.48 64.34
CA ILE A 743 -36.10 -1.88 63.70
C ILE A 743 -36.41 -2.72 62.46
N THR A 744 -37.33 -3.69 62.62
CA THR A 744 -37.69 -4.55 61.50
C THR A 744 -38.19 -3.72 60.32
N LEU A 745 -39.13 -2.81 60.57
CA LEU A 745 -39.70 -2.00 59.51
C LEU A 745 -38.62 -1.17 58.80
N SER A 746 -37.82 -0.44 59.58
CA SER A 746 -36.83 0.44 58.99
C SER A 746 -35.81 -0.33 58.15
N MET A 747 -35.28 -1.44 58.70
CA MET A 747 -34.30 -2.20 57.94
C MET A 747 -34.94 -2.93 56.76
N THR A 748 -36.23 -3.24 56.82
CA THR A 748 -36.92 -3.75 55.64
C THR A 748 -36.89 -2.72 54.52
N PHE A 749 -37.23 -1.47 54.86
CA PHE A 749 -37.20 -0.42 53.85
C PHE A 749 -35.79 -0.27 53.27
N TYR A 750 -34.77 -0.24 54.14
CA TYR A 750 -33.40 -0.08 53.66
C TYR A 750 -33.00 -1.23 52.75
N PHE A 751 -33.27 -2.47 53.17
CA PHE A 751 -32.86 -3.64 52.41
C PHE A 751 -33.53 -3.67 51.05
N THR A 752 -34.84 -3.43 51.01
CA THR A 752 -35.55 -3.48 49.74
C THR A 752 -35.11 -2.36 48.81
N SER A 753 -34.87 -1.15 49.34
CA SER A 753 -34.40 -0.07 48.49
C SER A 753 -33.02 -0.37 47.92
N SER A 754 -32.12 -0.92 48.75
CA SER A 754 -30.79 -1.24 48.25
C SER A 754 -30.85 -2.34 47.19
N VAL A 755 -31.65 -3.38 47.40
CA VAL A 755 -31.76 -4.44 46.41
C VAL A 755 -32.38 -3.90 45.13
N SER A 756 -33.36 -3.00 45.25
CA SER A 756 -33.95 -2.40 44.07
C SER A 756 -32.92 -1.57 43.29
N LEU A 757 -32.07 -0.83 44.00
CA LEU A 757 -31.03 -0.07 43.31
C LEU A 757 -30.06 -1.01 42.59
N CYS A 758 -29.62 -2.08 43.26
CA CYS A 758 -28.71 -3.00 42.61
C CYS A 758 -29.35 -3.68 41.42
N THR A 759 -30.67 -3.93 41.48
CA THR A 759 -31.39 -4.47 40.32
C THR A 759 -31.43 -3.47 39.18
N PHE A 760 -31.80 -2.22 39.50
CA PHE A 760 -31.90 -1.18 38.49
C PHE A 760 -30.57 -0.95 37.79
N MET A 761 -29.46 -0.96 38.54
CA MET A 761 -28.16 -0.70 37.94
C MET A 761 -27.72 -1.79 36.98
N SER A 762 -28.34 -2.97 37.03
CA SER A 762 -27.97 -4.05 36.13
C SER A 762 -28.58 -3.90 34.73
N ALA A 763 -29.52 -2.97 34.55
CA ALA A 763 -30.26 -2.85 33.30
C ALA A 763 -30.35 -1.43 32.77
N TYR A 764 -29.55 -0.49 33.30
CA TYR A 764 -29.60 0.89 32.84
C TYR A 764 -28.22 1.51 32.99
N SER A 765 -27.90 2.43 32.08
CA SER A 765 -26.59 3.07 32.07
C SER A 765 -26.62 4.57 31.77
N GLY A 766 -27.79 5.19 31.62
CA GLY A 766 -27.91 6.55 31.15
C GLY A 766 -27.82 7.60 32.23
N VAL A 767 -28.32 8.79 31.89
CA VAL A 767 -28.21 9.97 32.76
C VAL A 767 -28.84 9.73 34.12
N LEU A 768 -29.93 8.98 34.16
CA LEU A 768 -30.71 8.86 35.39
C LEU A 768 -29.97 8.13 36.49
N VAL A 769 -28.80 7.55 36.21
CA VAL A 769 -28.11 6.72 37.21
C VAL A 769 -27.90 7.49 38.50
N THR A 770 -27.22 8.64 38.40
CA THR A 770 -26.82 9.34 39.62
C THR A 770 -28.00 9.97 40.34
N ILE A 771 -29.00 10.43 39.59
CA ILE A 771 -30.16 11.01 40.27
C ILE A 771 -30.97 9.93 40.97
N VAL A 772 -31.06 8.73 40.38
CA VAL A 772 -31.68 7.62 41.10
C VAL A 772 -30.85 7.24 42.31
N ASP A 773 -29.52 7.29 42.19
CA ASP A 773 -28.66 7.08 43.35
C ASP A 773 -29.03 8.05 44.47
N LEU A 774 -29.15 9.33 44.12
CA LEU A 774 -29.49 10.35 45.11
C LEU A 774 -30.88 10.09 45.70
N LEU A 775 -31.83 9.69 44.85
CA LEU A 775 -33.17 9.39 45.32
C LEU A 775 -33.16 8.25 46.33
N VAL A 776 -32.39 7.19 46.05
CA VAL A 776 -32.30 6.07 46.99
C VAL A 776 -31.60 6.51 48.27
N THR A 777 -30.58 7.36 48.15
CA THR A 777 -29.92 7.89 49.35
C THR A 777 -30.92 8.63 50.23
N VAL A 778 -31.69 9.53 49.64
CA VAL A 778 -32.68 10.29 50.39
C VAL A 778 -33.74 9.35 50.96
N LEU A 779 -34.14 8.34 50.19
CA LEU A 779 -35.13 7.39 50.68
C LEU A 779 -34.60 6.61 51.87
N ASN A 780 -33.31 6.28 51.88
CA ASN A 780 -32.73 5.61 53.04
C ASN A 780 -32.65 6.54 54.24
N LEU A 781 -32.29 7.80 54.01
CA LEU A 781 -32.31 8.77 55.11
C LEU A 781 -33.70 8.87 55.71
N LEU A 782 -34.73 8.89 54.86
CA LEU A 782 -36.11 8.87 55.33
C LEU A 782 -36.41 7.58 56.07
N ALA A 783 -35.96 6.43 55.53
CA ALA A 783 -36.21 5.17 56.20
C ALA A 783 -35.73 5.23 57.63
N ILE A 784 -34.50 5.66 57.85
CA ILE A 784 -34.01 5.75 59.22
C ILE A 784 -34.80 6.79 60.00
N SER A 785 -34.72 8.05 59.57
CA SER A 785 -35.22 9.15 60.38
C SER A 785 -36.68 8.93 60.77
N LEU A 786 -37.53 8.54 59.83
CA LEU A 786 -38.92 8.30 60.16
C LEU A 786 -39.15 6.92 60.78
N GLY A 787 -38.80 5.83 60.10
CA GLY A 787 -39.21 4.52 60.57
C GLY A 787 -38.71 4.21 61.96
N TYR A 788 -37.50 4.68 62.32
CA TYR A 788 -37.02 4.34 63.65
C TYR A 788 -37.51 5.31 64.72
N PHE A 789 -37.26 6.61 64.55
CA PHE A 789 -37.57 7.57 65.60
C PHE A 789 -39.04 7.96 65.65
N GLY A 790 -39.73 8.00 64.52
CA GLY A 790 -41.05 8.59 64.43
C GLY A 790 -42.07 8.00 65.37
N PRO A 791 -42.15 6.67 65.45
CA PRO A 791 -43.13 6.07 66.38
C PRO A 791 -42.96 6.51 67.82
N LYS A 792 -41.71 6.66 68.28
CA LYS A 792 -41.49 7.16 69.64
C LYS A 792 -42.05 8.55 69.80
N CYS A 793 -41.80 9.42 68.82
CA CYS A 793 -42.35 10.77 68.88
C CYS A 793 -43.86 10.76 68.80
N TYR A 794 -44.43 9.84 68.02
CA TYR A 794 -45.88 9.73 67.93
C TYR A 794 -46.48 9.36 69.28
N MET A 795 -45.85 8.42 69.99
CA MET A 795 -46.30 8.10 71.34
C MET A 795 -46.16 9.30 72.28
N ILE A 796 -45.03 10.01 72.19
CA ILE A 796 -44.80 11.16 73.05
C ILE A 796 -45.89 12.22 72.82
N LEU A 797 -46.26 12.44 71.56
CA LEU A 797 -47.16 13.53 71.21
C LEU A 797 -48.62 13.17 71.42
N PHE A 798 -49.01 11.95 71.03
CA PHE A 798 -50.42 11.60 70.90
C PHE A 798 -50.85 10.45 71.80
N TYR A 799 -49.93 9.83 72.55
CA TYR A 799 -50.26 8.91 73.62
C TYR A 799 -49.45 9.30 74.86
N PRO A 800 -49.67 10.51 75.37
CA PRO A 800 -48.78 11.03 76.44
C PRO A 800 -48.83 10.22 77.72
N GLU A 801 -49.89 9.43 77.97
CA GLU A 801 -49.91 8.60 79.16
C GLU A 801 -48.75 7.62 79.16
N ARG A 802 -48.22 7.28 77.98
CA ARG A 802 -47.06 6.39 77.89
C ARG A 802 -45.78 7.07 78.35
N ASN A 803 -45.80 8.38 78.56
CA ASN A 803 -44.64 9.08 79.13
C ASN A 803 -44.51 8.87 80.62
N THR A 804 -45.53 8.35 81.28
CA THR A 804 -45.50 8.16 82.72
C THR A 804 -44.59 6.98 83.08
N PRO A 805 -43.92 7.04 84.23
CA PRO A 805 -43.20 5.85 84.71
C PRO A 805 -44.13 4.71 85.06
N ALA A 806 -45.39 5.00 85.38
CA ALA A 806 -46.34 3.94 85.68
C ALA A 806 -46.55 3.03 84.48
N TYR A 807 -46.71 3.61 83.30
CA TYR A 807 -46.84 2.81 82.08
C TYR A 807 -45.55 2.03 81.80
N PHE A 808 -44.40 2.68 81.98
CA PHE A 808 -43.13 2.02 81.71
C PHE A 808 -42.93 0.81 82.61
N ASN A 809 -43.28 0.93 83.90
CA ASN A 809 -43.08 -0.15 84.84
C ASN A 809 -43.98 -1.36 84.56
N SER A 810 -45.05 -1.18 83.79
CA SER A 810 -45.90 -2.31 83.44
C SER A 810 -45.14 -3.35 82.63
N MET A 811 -44.09 -2.94 81.91
CA MET A 811 -43.28 -3.88 81.17
C MET A 811 -42.36 -4.70 82.07
N ILE A 812 -41.97 -4.14 83.21
CA ILE A 812 -41.00 -4.79 84.09
C ILE A 812 -41.68 -5.93 84.84
N LEU B 1 63.18 5.24 -18.45
CA LEU B 1 63.31 3.90 -19.09
C LEU B 1 62.81 3.97 -20.53
N CYS B 2 63.14 2.95 -21.32
CA CYS B 2 62.97 2.96 -22.77
C CYS B 2 61.66 2.30 -23.23
N LEU B 3 60.61 2.31 -22.40
CA LEU B 3 59.41 1.53 -22.71
C LEU B 3 58.82 1.87 -24.08
N SER B 4 58.65 3.16 -24.37
CA SER B 4 57.91 3.55 -25.58
C SER B 4 58.58 3.04 -26.85
N GLN B 5 59.90 2.83 -26.81
CA GLN B 5 60.61 2.35 -28.01
C GLN B 5 60.33 0.89 -28.31
N GLN B 6 59.75 0.15 -27.37
CA GLN B 6 59.53 -1.28 -27.51
C GLN B 6 58.16 -1.64 -28.07
N PHE B 7 57.42 -0.66 -28.58
CA PHE B 7 56.06 -0.87 -29.07
C PHE B 7 56.00 -1.16 -30.56
N LYS B 8 57.12 -1.49 -31.20
CA LYS B 8 57.13 -1.80 -32.62
C LYS B 8 58.17 -2.86 -32.91
N ALA B 9 57.89 -3.71 -33.90
CA ALA B 9 58.84 -4.69 -34.40
C ALA B 9 58.44 -5.08 -35.82
N GLN B 10 59.45 -5.27 -36.67
CA GLN B 10 59.19 -5.63 -38.05
C GLN B 10 58.73 -7.09 -38.17
N GLY B 11 58.23 -7.43 -39.35
CA GLY B 11 57.87 -8.80 -39.65
C GLY B 11 57.35 -8.94 -41.06
N ASP B 12 57.23 -10.20 -41.48
CA ASP B 12 56.59 -10.49 -42.76
C ASP B 12 55.12 -10.10 -42.73
N TYR B 13 54.45 -10.31 -41.60
CA TYR B 13 53.10 -9.81 -41.36
C TYR B 13 53.11 -9.08 -40.02
N ILE B 14 52.26 -8.07 -39.90
CA ILE B 14 52.25 -7.17 -38.75
C ILE B 14 50.85 -7.10 -38.17
N LEU B 15 50.76 -7.20 -36.85
CA LEU B 15 49.51 -7.09 -36.11
C LEU B 15 49.39 -5.70 -35.51
N GLY B 16 48.23 -5.08 -35.70
CA GLY B 16 47.93 -3.85 -35.01
C GLY B 16 47.30 -4.09 -33.66
N GLY B 17 47.39 -3.09 -32.79
CA GLY B 17 46.85 -3.20 -31.45
C GLY B 17 46.39 -1.89 -30.86
N LEU B 18 45.26 -1.91 -30.17
CA LEU B 18 44.73 -0.73 -29.50
C LEU B 18 44.59 -1.05 -28.02
N PHE B 19 45.21 -0.24 -27.18
CA PHE B 19 45.24 -0.50 -25.74
C PHE B 19 45.01 0.79 -24.97
N PRO B 20 44.52 0.70 -23.73
CA PRO B 20 44.34 1.91 -22.91
C PRO B 20 45.64 2.40 -22.28
N LEU B 21 46.71 2.50 -23.07
CA LEU B 21 47.98 2.93 -22.50
C LEU B 21 47.88 4.35 -21.95
N GLY B 22 47.36 5.28 -22.75
CA GLY B 22 47.32 6.68 -22.36
C GLY B 22 45.95 7.15 -21.91
N SER B 23 45.93 8.35 -21.34
CA SER B 23 44.69 9.02 -20.96
C SER B 23 45.02 10.50 -20.76
N THR B 24 43.96 11.31 -20.67
CA THR B 24 44.09 12.75 -20.52
C THR B 24 43.27 13.23 -19.34
N GLU B 25 43.73 14.29 -18.70
CA GLU B 25 43.10 14.80 -17.50
C GLU B 25 41.71 15.37 -17.79
N GLU B 26 40.91 15.50 -16.73
CA GLU B 26 39.54 15.99 -16.87
C GLU B 26 39.49 17.40 -17.44
N ALA B 27 40.52 18.21 -17.21
CA ALA B 27 40.51 19.56 -17.75
C ALA B 27 40.44 19.59 -19.27
N THR B 28 40.78 18.47 -19.93
CA THR B 28 40.81 18.43 -21.39
C THR B 28 39.43 18.27 -22.00
N LEU B 29 38.43 17.87 -21.22
CA LEU B 29 37.21 17.28 -21.75
C LEU B 29 36.13 18.31 -22.05
N ASN B 30 36.51 19.55 -22.34
CA ASN B 30 35.55 20.58 -22.71
C ASN B 30 35.06 20.34 -24.15
N GLN B 31 33.98 21.02 -24.50
CA GLN B 31 33.49 20.99 -25.88
C GLN B 31 34.57 21.50 -26.82
N ARG B 32 34.72 20.83 -27.95
CA ARG B 32 35.84 21.02 -28.86
C ARG B 32 35.37 21.78 -30.10
N THR B 33 36.08 22.85 -30.45
CA THR B 33 35.68 23.75 -31.52
C THR B 33 36.71 23.90 -32.62
N GLN B 34 37.94 23.43 -32.42
CA GLN B 34 39.00 23.55 -33.40
C GLN B 34 39.70 22.20 -33.54
N PRO B 35 39.98 21.73 -34.78
CA PRO B 35 40.44 20.36 -35.02
C PRO B 35 41.91 20.13 -34.65
N ASN B 36 42.27 20.49 -33.41
CA ASN B 36 43.62 20.19 -32.93
C ASN B 36 43.67 18.77 -32.38
N SER B 37 44.88 18.36 -32.00
CA SER B 37 45.08 17.03 -31.43
C SER B 37 44.87 17.04 -29.93
N ILE B 38 44.61 15.86 -29.38
CA ILE B 38 44.30 15.73 -27.95
C ILE B 38 45.60 15.64 -27.16
N PRO B 39 45.74 16.36 -26.04
CA PRO B 39 46.95 16.23 -25.21
C PRO B 39 46.94 15.00 -24.30
N CYS B 40 47.36 13.85 -24.81
CA CYS B 40 47.47 12.65 -23.98
C CYS B 40 48.59 12.85 -22.97
N ASN B 41 48.23 12.86 -21.67
CA ASN B 41 49.20 13.21 -20.63
C ASN B 41 49.09 12.38 -19.36
N ARG B 42 48.57 11.16 -19.40
CA ARG B 42 48.58 10.30 -18.23
C ARG B 42 48.92 8.87 -18.65
N PHE B 43 49.30 8.07 -17.66
CA PHE B 43 49.69 6.69 -17.86
C PHE B 43 48.85 5.78 -16.97
N SER B 44 48.64 4.55 -17.44
CA SER B 44 47.93 3.56 -16.66
C SER B 44 48.73 2.26 -16.64
N PRO B 45 48.69 1.50 -15.54
CA PRO B 45 49.37 0.20 -15.54
C PRO B 45 48.62 -0.87 -16.33
N LEU B 46 47.28 -0.80 -16.34
CA LEU B 46 46.49 -1.79 -17.03
C LEU B 46 46.86 -1.87 -18.51
N GLY B 47 46.96 -0.72 -19.17
CA GLY B 47 47.33 -0.72 -20.58
C GLY B 47 48.69 -1.33 -20.83
N LEU B 48 49.66 -1.02 -19.97
CA LEU B 48 50.99 -1.59 -20.15
C LEU B 48 50.99 -3.10 -19.92
N PHE B 49 50.21 -3.57 -18.94
CA PHE B 49 50.11 -5.01 -18.72
C PHE B 49 49.52 -5.71 -19.95
N LEU B 50 48.46 -5.15 -20.52
CA LEU B 50 47.86 -5.77 -21.69
C LEU B 50 48.81 -5.74 -22.89
N ALA B 51 49.51 -4.62 -23.08
CA ALA B 51 50.49 -4.55 -24.17
C ALA B 51 51.61 -5.56 -23.96
N MET B 52 52.07 -5.72 -22.73
CA MET B 52 53.09 -6.73 -22.44
C MET B 52 52.57 -8.13 -22.70
N ALA B 53 51.29 -8.37 -22.42
CA ALA B 53 50.70 -9.67 -22.73
C ALA B 53 50.75 -9.95 -24.22
N MET B 54 50.37 -8.95 -25.04
CA MET B 54 50.46 -9.14 -26.48
C MET B 54 51.89 -9.37 -26.93
N LYS B 55 52.83 -8.60 -26.38
CA LYS B 55 54.24 -8.78 -26.73
C LYS B 55 54.71 -10.19 -26.39
N MET B 56 54.34 -10.68 -25.20
CA MET B 56 54.69 -12.04 -24.80
C MET B 56 54.10 -13.06 -25.78
N ALA B 57 52.84 -12.89 -26.16
CA ALA B 57 52.21 -13.84 -27.06
C ALA B 57 52.95 -13.89 -28.38
N VAL B 58 53.26 -12.73 -28.96
CA VAL B 58 53.94 -12.72 -30.25
C VAL B 58 55.36 -13.27 -30.11
N GLU B 59 56.04 -12.96 -29.02
CA GLU B 59 57.39 -13.47 -28.82
C GLU B 59 57.38 -15.00 -28.75
N GLU B 60 56.44 -15.55 -27.99
CA GLU B 60 56.32 -17.01 -27.91
C GLU B 60 56.00 -17.61 -29.27
N ILE B 61 55.08 -16.98 -30.02
CA ILE B 61 54.72 -17.50 -31.33
C ILE B 61 55.95 -17.51 -32.24
N ASN B 62 56.80 -16.49 -32.14
CA ASN B 62 58.00 -16.45 -32.96
C ASN B 62 59.09 -17.39 -32.48
N ASN B 63 59.07 -17.80 -31.20
CA ASN B 63 60.07 -18.75 -30.71
C ASN B 63 59.78 -20.17 -31.17
N GLY B 64 58.50 -20.58 -31.14
CA GLY B 64 58.15 -21.95 -31.41
C GLY B 64 58.05 -22.28 -32.88
N SER B 65 58.11 -23.58 -33.16
CA SER B 65 57.89 -24.11 -34.50
C SER B 65 56.45 -24.46 -34.79
N ALA B 66 55.57 -24.42 -33.78
CA ALA B 66 54.20 -24.89 -33.94
C ALA B 66 53.35 -23.95 -34.79
N LEU B 67 53.74 -22.69 -34.92
CA LEU B 67 52.95 -21.71 -35.66
C LEU B 67 53.86 -20.88 -36.56
N LEU B 68 53.41 -20.67 -37.79
CA LEU B 68 54.08 -19.77 -38.74
C LEU B 68 55.58 -20.05 -38.84
N PRO B 69 55.96 -21.28 -39.16
CA PRO B 69 57.39 -21.57 -39.31
C PRO B 69 57.99 -20.82 -40.48
N GLY B 70 59.22 -20.33 -40.29
CA GLY B 70 59.92 -19.64 -41.35
C GLY B 70 59.50 -18.21 -41.58
N LEU B 71 58.62 -17.67 -40.73
CA LEU B 71 58.14 -16.29 -40.86
C LEU B 71 58.30 -15.57 -39.53
N ARG B 72 58.50 -14.25 -39.62
CA ARG B 72 58.61 -13.39 -38.46
C ARG B 72 57.34 -12.55 -38.36
N LEU B 73 56.57 -12.76 -37.30
CA LEU B 73 55.32 -12.05 -37.10
C LEU B 73 55.58 -10.76 -36.31
N GLY B 74 55.31 -9.61 -36.94
CA GLY B 74 55.59 -8.33 -36.35
C GLY B 74 54.37 -7.69 -35.69
N TYR B 75 54.62 -6.55 -35.04
CA TYR B 75 53.57 -5.85 -34.32
C TYR B 75 54.00 -4.40 -34.06
N ASP B 76 52.99 -3.53 -33.95
CA ASP B 76 53.16 -2.19 -33.42
C ASP B 76 51.84 -1.76 -32.81
N LEU B 77 51.91 -0.92 -31.78
CA LEU B 77 50.76 -0.61 -30.95
C LEU B 77 50.44 0.88 -30.97
N PHE B 78 49.17 1.20 -30.77
CA PHE B 78 48.71 2.55 -30.54
C PHE B 78 47.87 2.59 -29.26
N ASP B 79 47.76 3.79 -28.69
CA ASP B 79 46.93 4.02 -27.52
C ASP B 79 45.58 4.58 -27.92
N THR B 80 44.53 4.08 -27.29
CA THR B 80 43.19 4.62 -27.51
C THR B 80 42.99 5.97 -26.81
N CYS B 81 43.67 6.20 -25.70
CA CYS B 81 43.40 7.35 -24.83
C CYS B 81 41.97 7.35 -24.33
N SER B 82 41.28 6.21 -24.45
CA SER B 82 39.86 6.09 -24.09
C SER B 82 39.06 7.20 -24.76
N GLU B 83 39.51 7.65 -25.93
CA GLU B 83 38.96 8.82 -26.61
C GLU B 83 38.63 8.45 -28.04
N PRO B 84 37.38 8.58 -28.49
CA PRO B 84 37.05 8.26 -29.88
C PRO B 84 37.86 9.01 -30.92
N VAL B 85 38.15 10.29 -30.73
CA VAL B 85 38.89 11.05 -31.73
C VAL B 85 40.28 10.46 -31.92
N VAL B 86 41.00 10.26 -30.83
CA VAL B 86 42.33 9.67 -30.90
C VAL B 86 42.24 8.26 -31.46
N THR B 87 41.20 7.52 -31.08
CA THR B 87 41.05 6.16 -31.57
C THR B 87 40.92 6.14 -33.10
N MET B 88 40.10 7.04 -33.65
CA MET B 88 39.93 7.09 -35.10
C MET B 88 41.22 7.53 -35.77
N LYS B 89 41.86 8.57 -35.25
CA LYS B 89 43.11 9.05 -35.86
C LYS B 89 44.16 7.95 -35.86
N SER B 90 44.18 7.13 -34.82
CA SER B 90 45.11 6.00 -34.77
C SER B 90 44.72 4.92 -35.77
N SER B 91 43.48 4.45 -35.71
CA SER B 91 43.06 3.33 -36.54
C SER B 91 43.15 3.64 -38.02
N LEU B 92 43.03 4.92 -38.41
CA LEU B 92 43.17 5.26 -39.82
C LEU B 92 44.54 4.86 -40.35
N MET B 93 45.57 4.87 -39.51
CA MET B 93 46.91 4.53 -39.96
C MET B 93 47.09 3.03 -40.18
N PHE B 94 46.22 2.20 -39.62
CA PHE B 94 46.21 0.79 -40.00
C PHE B 94 45.86 0.64 -41.47
N LEU B 95 44.88 1.40 -41.94
CA LEU B 95 44.33 1.23 -43.27
C LEU B 95 45.11 1.97 -44.34
N ALA B 96 45.84 3.02 -43.98
CA ALA B 96 46.53 3.82 -44.99
C ALA B 96 47.55 2.97 -45.74
N LYS B 97 47.59 3.14 -47.06
CA LYS B 97 48.51 2.39 -47.90
C LYS B 97 49.91 2.37 -47.31
N VAL B 98 50.48 1.16 -47.23
CA VAL B 98 51.79 0.99 -46.61
C VAL B 98 52.82 1.83 -47.36
N GLY B 99 53.75 2.41 -46.59
CA GLY B 99 54.78 3.24 -47.17
C GLY B 99 54.32 4.62 -47.57
N SER B 100 53.13 5.03 -47.16
CA SER B 100 52.59 6.33 -47.52
C SER B 100 51.76 6.86 -46.36
N GLN B 101 51.17 8.04 -46.55
CA GLN B 101 50.52 8.78 -45.47
C GLN B 101 49.06 9.11 -45.80
N SER B 102 48.42 8.34 -46.67
CA SER B 102 47.07 8.68 -47.11
C SER B 102 46.28 7.41 -47.40
N ILE B 103 44.96 7.56 -47.43
CA ILE B 103 44.03 6.48 -47.70
C ILE B 103 43.14 6.92 -48.86
N ALA B 104 42.78 5.97 -49.72
CA ALA B 104 42.01 6.24 -50.92
C ALA B 104 40.60 5.68 -50.78
N ALA B 105 39.62 6.44 -51.25
CA ALA B 105 38.21 6.09 -51.11
C ALA B 105 37.72 5.11 -52.17
N TYR B 106 38.33 3.93 -52.29
CA TYR B 106 37.83 2.92 -53.20
C TYR B 106 36.45 2.47 -52.76
N CYS B 107 35.63 2.05 -53.72
CA CYS B 107 34.23 1.75 -53.43
C CYS B 107 34.03 0.38 -52.79
N ASN B 108 35.01 -0.52 -52.87
CA ASN B 108 34.87 -1.84 -52.26
C ASN B 108 36.23 -2.31 -51.76
N TYR B 109 36.18 -3.30 -50.85
CA TYR B 109 37.32 -3.61 -49.99
C TYR B 109 38.50 -4.18 -50.76
N THR B 110 38.26 -4.90 -51.85
CA THR B 110 39.35 -5.64 -52.51
C THR B 110 40.45 -4.73 -53.01
N GLN B 111 40.19 -3.44 -53.19
CA GLN B 111 41.15 -2.53 -53.78
C GLN B 111 42.19 -2.02 -52.78
N TYR B 112 41.97 -2.22 -51.47
CA TYR B 112 42.87 -1.67 -50.47
C TYR B 112 44.03 -2.61 -50.18
N GLN B 113 45.12 -2.04 -49.69
CA GLN B 113 46.27 -2.80 -49.17
C GLN B 113 46.65 -2.22 -47.81
N PRO B 114 45.98 -2.63 -46.75
CA PRO B 114 46.33 -2.11 -45.42
C PRO B 114 47.68 -2.65 -44.95
N ARG B 115 48.28 -1.92 -44.01
CA ARG B 115 49.62 -2.24 -43.54
C ARG B 115 49.63 -3.17 -42.33
N VAL B 116 48.48 -3.65 -41.87
CA VAL B 116 48.42 -4.64 -40.81
C VAL B 116 47.50 -5.78 -41.24
N LEU B 117 47.84 -6.98 -40.76
CA LEU B 117 47.02 -8.16 -41.06
C LEU B 117 45.72 -8.18 -40.25
N ALA B 118 45.80 -7.81 -38.97
CA ALA B 118 44.62 -7.84 -38.11
C ALA B 118 44.85 -6.87 -36.95
N VAL B 119 43.76 -6.56 -36.25
CA VAL B 119 43.77 -5.59 -35.16
C VAL B 119 43.29 -6.29 -33.91
N ILE B 120 44.14 -6.31 -32.88
CA ILE B 120 43.72 -6.73 -31.54
C ILE B 120 43.00 -5.53 -30.92
N GLY B 121 41.71 -5.72 -30.62
CA GLY B 121 40.78 -4.62 -30.54
C GLY B 121 40.87 -3.84 -29.24
N PRO B 122 40.03 -2.82 -29.14
CA PRO B 122 40.05 -1.92 -27.99
C PRO B 122 39.43 -2.55 -26.75
N HIS B 123 39.59 -1.83 -25.63
CA HIS B 123 39.17 -2.35 -24.33
C HIS B 123 37.66 -2.18 -24.12
N SER B 124 37.15 -0.96 -24.29
CA SER B 124 35.80 -0.61 -23.87
C SER B 124 34.79 -0.87 -24.98
N SER B 125 33.53 -1.05 -24.57
CA SER B 125 32.46 -1.35 -25.52
C SER B 125 32.18 -0.19 -26.47
N GLU B 126 32.25 1.04 -25.98
CA GLU B 126 31.96 2.19 -26.84
C GLU B 126 32.94 2.25 -28.02
N LEU B 127 34.23 2.15 -27.73
CA LEU B 127 35.22 2.12 -28.80
C LEU B 127 35.11 0.86 -29.63
N ALA B 128 34.65 -0.24 -29.04
CA ALA B 128 34.41 -1.44 -29.84
C ALA B 128 33.35 -1.19 -30.90
N LEU B 129 32.22 -0.59 -30.51
CA LEU B 129 31.22 -0.21 -31.50
C LEU B 129 31.82 0.69 -32.57
N ILE B 130 32.48 1.77 -32.13
CA ILE B 130 32.92 2.81 -33.06
C ILE B 130 33.91 2.24 -34.07
N THR B 131 34.85 1.42 -33.60
CA THR B 131 35.88 0.91 -34.50
C THR B 131 35.43 -0.31 -35.28
N GLY B 132 34.51 -1.12 -34.73
CA GLY B 132 34.02 -2.26 -35.48
C GLY B 132 33.21 -1.83 -36.69
N LYS B 133 32.32 -0.84 -36.51
CA LYS B 133 31.59 -0.34 -37.67
C LYS B 133 32.54 0.19 -38.72
N PHE B 134 33.61 0.86 -38.29
CA PHE B 134 34.56 1.46 -39.23
C PHE B 134 35.33 0.39 -39.99
N PHE B 135 35.87 -0.60 -39.27
CA PHE B 135 36.66 -1.64 -39.90
C PHE B 135 35.82 -2.55 -40.78
N SER B 136 34.53 -2.73 -40.46
CA SER B 136 33.74 -3.71 -41.21
C SER B 136 33.73 -3.41 -42.70
N PHE B 137 33.77 -2.14 -43.08
CA PHE B 137 33.77 -1.79 -44.51
C PHE B 137 34.96 -2.40 -45.23
N PHE B 138 36.09 -2.53 -44.55
CA PHE B 138 37.28 -3.14 -45.14
C PHE B 138 37.38 -4.63 -44.84
N LEU B 139 36.45 -5.18 -44.07
CA LEU B 139 36.45 -6.61 -43.75
C LEU B 139 37.78 -7.04 -43.12
N MET B 140 38.43 -6.11 -42.42
CA MET B 140 39.62 -6.47 -41.67
C MET B 140 39.22 -7.11 -40.35
N PRO B 141 39.72 -8.30 -40.03
CA PRO B 141 39.31 -8.96 -38.78
C PRO B 141 39.81 -8.22 -37.55
N GLN B 142 38.96 -8.14 -36.54
CA GLN B 142 39.27 -7.45 -35.29
C GLN B 142 38.90 -8.36 -34.13
N VAL B 143 39.78 -8.41 -33.13
CA VAL B 143 39.64 -9.34 -32.00
C VAL B 143 39.76 -8.51 -30.72
N SER B 144 38.63 -8.17 -30.13
CA SER B 144 38.60 -7.47 -28.85
C SER B 144 38.78 -8.45 -27.70
N TYR B 145 39.57 -8.06 -26.71
CA TYR B 145 39.81 -8.90 -25.54
C TYR B 145 38.89 -8.58 -24.36
N SER B 146 38.11 -7.50 -24.44
CA SER B 146 37.37 -7.03 -23.27
C SER B 146 35.90 -6.70 -23.53
N ALA B 147 35.53 -6.39 -24.77
CA ALA B 147 34.21 -5.84 -25.04
C ALA B 147 33.17 -6.95 -25.05
N SER B 148 32.33 -6.99 -24.03
CA SER B 148 31.35 -8.05 -23.83
C SER B 148 29.94 -7.69 -24.27
N MET B 149 29.67 -6.44 -24.62
CA MET B 149 28.30 -6.03 -24.93
C MET B 149 27.75 -6.85 -26.10
N ASP B 150 26.47 -7.22 -25.99
CA ASP B 150 25.87 -8.17 -26.92
C ASP B 150 25.61 -7.57 -28.30
N ARG B 151 25.39 -6.25 -28.39
CA ARG B 151 25.09 -5.65 -29.69
C ARG B 151 26.20 -5.93 -30.71
N LEU B 152 27.41 -6.18 -30.23
CA LEU B 152 28.54 -6.51 -31.11
C LEU B 152 28.39 -7.89 -31.75
N SER B 153 27.45 -8.71 -31.27
CA SER B 153 27.27 -10.05 -31.85
C SER B 153 26.72 -9.99 -33.26
N ASP B 154 25.96 -8.94 -33.60
CA ASP B 154 25.25 -8.89 -34.87
C ASP B 154 26.19 -9.02 -36.05
N ARG B 155 26.03 -10.08 -36.84
CA ARG B 155 26.89 -10.31 -38.00
C ARG B 155 26.58 -9.36 -39.15
N GLU B 156 25.39 -8.76 -39.17
CA GLU B 156 25.01 -7.91 -40.29
C GLU B 156 25.80 -6.59 -40.27
N THR B 157 25.95 -5.99 -39.09
CA THR B 157 26.69 -4.75 -38.94
C THR B 157 28.14 -4.96 -38.54
N PHE B 158 28.47 -6.09 -37.94
CA PHE B 158 29.82 -6.40 -37.46
C PHE B 158 30.29 -7.73 -38.05
N PRO B 159 30.43 -7.81 -39.38
CA PRO B 159 30.84 -9.09 -39.99
C PRO B 159 32.28 -9.51 -39.70
N SER B 160 33.14 -8.61 -39.25
CA SER B 160 34.56 -8.92 -39.04
C SER B 160 35.01 -8.75 -37.60
N PHE B 161 34.08 -8.55 -36.67
CA PHE B 161 34.43 -8.35 -35.26
C PHE B 161 34.38 -9.68 -34.53
N PHE B 162 35.45 -10.00 -33.80
CA PHE B 162 35.50 -11.18 -32.95
C PHE B 162 35.96 -10.76 -31.56
N ARG B 163 35.80 -11.66 -30.60
CA ARG B 163 36.25 -11.40 -29.25
C ARG B 163 36.52 -12.71 -28.53
N THR B 164 37.39 -12.65 -27.52
CA THR B 164 37.76 -13.80 -26.71
C THR B 164 37.12 -13.79 -25.33
N VAL B 165 36.04 -13.03 -25.16
CA VAL B 165 35.32 -13.01 -23.89
C VAL B 165 33.85 -13.30 -24.16
N PRO B 166 33.14 -13.94 -23.24
CA PRO B 166 31.70 -14.18 -23.44
C PRO B 166 30.92 -12.88 -23.59
N SER B 167 29.84 -12.95 -24.36
CA SER B 167 28.88 -11.85 -24.44
C SER B 167 28.05 -11.78 -23.16
N ASP B 168 27.46 -10.61 -22.93
CA ASP B 168 26.62 -10.41 -21.74
C ASP B 168 25.46 -11.39 -21.71
N ARG B 169 24.98 -11.84 -22.88
CA ARG B 169 23.82 -12.72 -22.90
C ARG B 169 24.11 -14.04 -22.20
N VAL B 170 25.32 -14.57 -22.33
CA VAL B 170 25.67 -15.81 -21.65
C VAL B 170 25.69 -15.62 -20.14
N GLN B 171 26.26 -14.52 -19.68
CA GLN B 171 26.29 -14.25 -18.24
C GLN B 171 24.88 -14.12 -17.69
N LEU B 172 24.01 -13.43 -18.42
CA LEU B 172 22.65 -13.23 -17.93
C LEU B 172 21.81 -14.49 -18.06
N GLN B 173 22.12 -15.36 -19.02
CA GLN B 173 21.52 -16.69 -19.03
C GLN B 173 21.93 -17.47 -17.79
N ALA B 174 23.19 -17.34 -17.39
CA ALA B 174 23.63 -17.97 -16.15
C ALA B 174 22.88 -17.40 -14.95
N VAL B 175 22.72 -16.07 -14.90
CA VAL B 175 22.01 -15.44 -13.79
C VAL B 175 20.55 -15.90 -13.74
N VAL B 176 19.90 -15.95 -14.90
CA VAL B 176 18.51 -16.40 -14.96
C VAL B 176 18.42 -17.85 -14.50
N THR B 177 19.38 -18.68 -14.89
CA THR B 177 19.38 -20.05 -14.40
C THR B 177 19.55 -20.11 -12.88
N LEU B 178 20.37 -19.23 -12.33
CA LEU B 178 20.54 -19.18 -10.88
C LEU B 178 19.23 -18.82 -10.19
N LEU B 179 18.57 -17.75 -10.67
CA LEU B 179 17.27 -17.39 -10.10
C LEU B 179 16.28 -18.53 -10.23
N GLN B 180 16.29 -19.21 -11.38
CA GLN B 180 15.36 -20.30 -11.65
C GLN B 180 15.63 -21.50 -10.76
N ASN B 181 16.87 -21.69 -10.32
CA ASN B 181 17.21 -22.84 -9.49
C ASN B 181 16.62 -22.71 -8.09
N PHE B 182 16.70 -21.52 -7.50
CA PHE B 182 16.18 -21.28 -6.16
C PHE B 182 14.71 -20.86 -6.16
N SER B 183 14.06 -20.84 -7.32
CA SER B 183 12.66 -20.45 -7.40
C SER B 183 12.46 -19.02 -6.91
N TRP B 184 13.43 -18.15 -7.18
CA TRP B 184 13.35 -16.73 -6.84
C TRP B 184 12.56 -15.97 -7.92
N ASN B 185 11.27 -16.24 -7.95
CA ASN B 185 10.43 -15.76 -9.04
C ASN B 185 10.13 -14.27 -8.98
N TRP B 186 10.42 -13.60 -7.87
CA TRP B 186 10.03 -12.21 -7.66
C TRP B 186 11.27 -11.41 -7.28
N VAL B 187 11.73 -10.55 -8.18
CA VAL B 187 12.99 -9.84 -8.02
C VAL B 187 12.88 -8.42 -8.55
N ALA B 188 13.79 -7.56 -8.10
CA ALA B 188 14.01 -6.26 -8.70
C ALA B 188 15.23 -6.33 -9.62
N ALA B 189 15.17 -5.58 -10.70
CA ALA B 189 16.27 -5.52 -11.67
C ALA B 189 16.73 -4.08 -11.80
N LEU B 190 18.02 -3.84 -11.60
CA LEU B 190 18.60 -2.51 -11.66
C LEU B 190 19.82 -2.51 -12.57
N GLY B 191 19.98 -1.42 -13.34
CA GLY B 191 21.13 -1.25 -14.19
C GLY B 191 21.65 0.17 -14.12
N SER B 192 22.90 0.34 -14.53
CA SER B 192 23.53 1.66 -14.55
C SER B 192 23.08 2.44 -15.78
N ASP B 193 23.19 3.76 -15.69
CA ASP B 193 22.62 4.63 -16.73
C ASP B 193 23.41 4.60 -18.03
N ASP B 194 24.66 4.12 -18.02
CA ASP B 194 25.43 4.03 -19.25
C ASP B 194 24.91 2.88 -20.10
N ASP B 195 25.34 2.87 -21.37
CA ASP B 195 24.82 1.89 -22.33
C ASP B 195 24.97 0.45 -21.83
N TYR B 196 26.04 0.15 -21.09
CA TYR B 196 26.23 -1.21 -20.61
C TYR B 196 25.06 -1.63 -19.72
N GLY B 197 24.66 -0.78 -18.78
CA GLY B 197 23.56 -1.11 -17.89
C GLY B 197 22.21 -1.17 -18.57
N ARG B 198 21.94 -0.22 -19.46
CA ARG B 198 20.67 -0.22 -20.17
C ARG B 198 20.54 -1.47 -21.04
N GLU B 199 21.61 -1.83 -21.75
CA GLU B 199 21.58 -3.05 -22.55
C GLU B 199 21.50 -4.28 -21.67
N GLY B 200 22.18 -4.25 -20.52
CA GLY B 200 22.07 -5.36 -19.59
C GLY B 200 20.66 -5.60 -19.12
N LEU B 201 19.96 -4.53 -18.75
CA LEU B 201 18.55 -4.67 -18.40
C LEU B 201 17.74 -5.17 -19.58
N SER B 202 18.03 -4.68 -20.79
CA SER B 202 17.26 -5.14 -21.95
C SER B 202 17.43 -6.64 -22.17
N ILE B 203 18.64 -7.15 -21.99
CA ILE B 203 18.90 -8.58 -22.16
C ILE B 203 18.22 -9.37 -21.03
N PHE B 204 18.47 -8.96 -19.78
CA PHE B 204 18.00 -9.74 -18.66
C PHE B 204 16.47 -9.78 -18.61
N SER B 205 15.81 -8.65 -18.89
CA SER B 205 14.36 -8.64 -18.84
C SER B 205 13.77 -9.56 -19.89
N SER B 206 14.35 -9.59 -21.09
CA SER B 206 13.88 -10.51 -22.11
C SER B 206 14.00 -11.96 -21.63
N LEU B 207 15.17 -12.32 -21.08
CA LEU B 207 15.33 -13.70 -20.63
C LEU B 207 14.38 -14.05 -19.49
N ALA B 208 14.26 -13.14 -18.51
CA ALA B 208 13.40 -13.40 -17.37
C ALA B 208 11.94 -13.53 -17.79
N ASN B 209 11.46 -12.63 -18.65
CA ASN B 209 10.10 -12.73 -19.16
C ASN B 209 9.90 -14.04 -19.90
N ALA B 210 10.88 -14.45 -20.70
CA ALA B 210 10.75 -15.67 -21.47
C ALA B 210 10.67 -16.90 -20.57
N ARG B 211 11.36 -16.87 -19.43
CA ARG B 211 11.35 -18.00 -18.51
C ARG B 211 10.39 -17.81 -17.34
N GLY B 212 9.49 -16.85 -17.42
CA GLY B 212 8.44 -16.71 -16.43
C GLY B 212 8.86 -16.12 -15.10
N ILE B 213 10.07 -15.57 -15.02
CA ILE B 213 10.46 -14.85 -13.82
C ILE B 213 9.82 -13.47 -13.85
N CYS B 214 9.27 -13.04 -12.72
CA CYS B 214 8.51 -11.80 -12.62
C CYS B 214 9.42 -10.73 -12.03
N ILE B 215 9.55 -9.62 -12.75
CA ILE B 215 10.41 -8.51 -12.33
C ILE B 215 9.53 -7.50 -11.60
N ALA B 216 9.77 -7.35 -10.29
CA ALA B 216 8.96 -6.42 -9.50
C ALA B 216 9.17 -4.98 -9.95
N HIS B 217 10.43 -4.59 -10.19
CA HIS B 217 10.73 -3.23 -10.59
C HIS B 217 11.96 -3.22 -11.47
N GLU B 218 11.98 -2.30 -12.43
CA GLU B 218 13.04 -2.17 -13.40
C GLU B 218 13.37 -0.69 -13.56
N GLY B 219 14.64 -0.34 -13.46
CA GLY B 219 15.02 1.06 -13.49
C GLY B 219 16.52 1.21 -13.56
N LEU B 220 16.94 2.46 -13.74
CA LEU B 220 18.34 2.81 -13.93
C LEU B 220 18.82 3.67 -12.77
N VAL B 221 20.04 3.40 -12.31
CA VAL B 221 20.67 4.20 -11.26
C VAL B 221 21.70 5.12 -11.90
N PRO B 222 21.86 6.35 -11.41
CA PRO B 222 22.73 7.31 -12.09
C PRO B 222 24.21 7.02 -11.88
N GLN B 223 25.03 7.59 -12.76
CA GLN B 223 26.48 7.44 -12.72
C GLN B 223 27.19 8.47 -11.85
N HIS B 224 26.46 9.47 -11.33
CA HIS B 224 27.08 10.63 -10.72
C HIS B 224 26.56 10.84 -9.30
N ASP B 225 27.42 11.40 -8.45
CA ASP B 225 27.07 11.80 -7.09
C ASP B 225 27.50 13.25 -6.96
N THR B 226 26.64 14.17 -7.40
CA THR B 226 27.00 15.59 -7.40
C THR B 226 25.90 16.53 -6.93
N SER B 227 24.63 16.14 -6.97
CA SER B 227 23.54 17.08 -6.73
C SER B 227 22.37 16.34 -6.08
N GLY B 228 21.49 17.11 -5.43
CA GLY B 228 20.38 16.53 -4.73
C GLY B 228 19.46 15.69 -5.60
N GLN B 229 19.44 15.95 -6.91
CA GLN B 229 18.61 15.15 -7.80
C GLN B 229 19.03 13.69 -7.79
N GLN B 230 20.34 13.43 -7.82
CA GLN B 230 20.83 12.05 -7.78
C GLN B 230 20.54 11.39 -6.44
N LEU B 231 20.70 12.13 -5.34
CA LEU B 231 20.34 11.59 -4.04
C LEU B 231 18.87 11.20 -4.01
N GLY B 232 18.01 12.08 -4.53
CA GLY B 232 16.60 11.75 -4.59
C GLY B 232 16.31 10.55 -5.46
N LYS B 233 17.04 10.42 -6.58
CA LYS B 233 16.81 9.28 -7.47
C LYS B 233 17.16 7.97 -6.78
N VAL B 234 18.31 7.91 -6.10
CA VAL B 234 18.67 6.68 -5.41
C VAL B 234 17.73 6.43 -4.24
N LEU B 235 17.29 7.48 -3.55
CA LEU B 235 16.29 7.30 -2.51
C LEU B 235 15.01 6.71 -3.08
N ASP B 236 14.61 7.16 -4.27
CA ASP B 236 13.42 6.63 -4.91
C ASP B 236 13.61 5.17 -5.31
N VAL B 237 14.81 4.80 -5.76
CA VAL B 237 15.09 3.40 -6.06
C VAL B 237 14.95 2.55 -4.81
N LEU B 238 15.53 3.03 -3.70
CA LEU B 238 15.39 2.32 -2.43
C LEU B 238 13.92 2.19 -2.03
N ARG B 239 13.15 3.27 -2.24
CA ARG B 239 11.73 3.22 -1.93
C ARG B 239 11.03 2.15 -2.78
N GLN B 240 11.35 2.11 -4.07
CA GLN B 240 10.76 1.10 -4.96
C GLN B 240 11.06 -0.30 -4.46
N VAL B 241 12.31 -0.57 -4.13
CA VAL B 241 12.68 -1.90 -3.67
C VAL B 241 11.99 -2.23 -2.35
N ASN B 242 11.86 -1.23 -1.47
CA ASN B 242 11.25 -1.48 -0.16
C ASN B 242 9.76 -1.76 -0.29
N GLN B 243 9.04 -0.91 -1.02
CA GLN B 243 7.58 -1.04 -1.08
C GLN B 243 7.14 -2.28 -1.85
N SER B 244 7.96 -2.75 -2.79
CA SER B 244 7.63 -3.95 -3.55
C SER B 244 7.91 -5.23 -2.77
N LYS B 245 8.46 -5.13 -1.56
CA LYS B 245 8.68 -6.30 -0.72
C LYS B 245 9.59 -7.31 -1.41
N VAL B 246 10.58 -6.81 -2.15
CA VAL B 246 11.57 -7.67 -2.79
C VAL B 246 12.62 -8.08 -1.77
N GLN B 247 13.25 -9.23 -2.00
CA GLN B 247 14.39 -9.67 -1.21
C GLN B 247 15.61 -10.03 -2.06
N VAL B 248 15.42 -10.35 -3.33
CA VAL B 248 16.52 -10.65 -4.25
C VAL B 248 16.57 -9.55 -5.30
N VAL B 249 17.76 -9.01 -5.54
CA VAL B 249 17.95 -7.92 -6.46
C VAL B 249 19.07 -8.28 -7.44
N VAL B 250 18.86 -7.99 -8.71
CA VAL B 250 19.87 -8.15 -9.75
C VAL B 250 20.39 -6.76 -10.10
N LEU B 251 21.71 -6.60 -10.05
CA LEU B 251 22.34 -5.29 -10.23
C LEU B 251 23.42 -5.44 -11.31
N PHE B 252 23.02 -5.21 -12.56
CA PHE B 252 23.91 -5.30 -13.72
C PHE B 252 24.38 -3.90 -14.05
N ALA B 253 25.55 -3.53 -13.52
CA ALA B 253 26.00 -2.15 -13.62
C ALA B 253 27.52 -2.08 -13.68
N SER B 254 28.02 -0.93 -14.14
CA SER B 254 29.43 -0.60 -14.04
C SER B 254 29.75 -0.12 -12.63
N ALA B 255 31.03 -0.26 -12.24
CA ALA B 255 31.38 -0.24 -10.82
C ALA B 255 31.02 1.07 -10.14
N ARG B 256 31.26 2.21 -10.80
CA ARG B 256 31.06 3.49 -10.13
C ARG B 256 29.60 3.71 -9.75
N ALA B 257 28.67 3.30 -10.61
CA ALA B 257 27.26 3.39 -10.28
C ALA B 257 26.92 2.53 -9.08
N VAL B 258 27.49 1.33 -9.00
CA VAL B 258 27.25 0.46 -7.85
C VAL B 258 27.81 1.08 -6.59
N TYR B 259 28.99 1.69 -6.67
CA TYR B 259 29.56 2.36 -5.50
C TYR B 259 28.65 3.50 -5.04
N SER B 260 28.14 4.30 -5.98
CA SER B 260 27.25 5.39 -5.63
C SER B 260 25.98 4.86 -4.96
N LEU B 261 25.41 3.78 -5.51
CA LEU B 261 24.20 3.21 -4.93
C LEU B 261 24.47 2.66 -3.54
N PHE B 262 25.55 1.90 -3.38
CA PHE B 262 25.82 1.22 -2.11
C PHE B 262 26.18 2.19 -1.01
N SER B 263 26.93 3.25 -1.32
CA SER B 263 27.28 4.21 -0.27
C SER B 263 26.04 4.81 0.37
N TYR B 264 25.06 5.19 -0.45
CA TYR B 264 23.80 5.73 0.08
C TYR B 264 22.91 4.64 0.67
N SER B 265 22.98 3.43 0.13
CA SER B 265 22.19 2.33 0.70
C SER B 265 22.64 2.01 2.13
N ILE B 266 23.94 2.05 2.39
CA ILE B 266 24.45 1.91 3.74
C ILE B 266 23.86 3.00 4.64
N HIS B 267 23.81 4.23 4.12
CA HIS B 267 23.39 5.37 4.94
C HIS B 267 21.90 5.30 5.28
N HIS B 268 21.07 5.01 4.28
CA HIS B 268 19.62 5.16 4.46
C HIS B 268 18.98 4.03 5.27
N GLY B 269 19.73 2.97 5.57
CA GLY B 269 19.26 1.98 6.53
C GLY B 269 18.34 0.92 5.99
N LEU B 270 18.27 0.74 4.66
CA LEU B 270 17.45 -0.32 4.11
C LEU B 270 17.99 -1.69 4.53
N SER B 271 17.08 -2.63 4.73
CA SER B 271 17.46 -3.94 5.25
C SER B 271 18.32 -4.70 4.24
N PRO B 272 19.10 -5.67 4.72
CA PRO B 272 19.97 -6.43 3.81
C PRO B 272 19.18 -7.14 2.71
N LYS B 273 19.80 -7.25 1.54
CA LYS B 273 19.20 -7.91 0.38
C LYS B 273 20.22 -8.84 -0.26
N VAL B 274 19.71 -9.80 -1.01
CA VAL B 274 20.56 -10.64 -1.85
C VAL B 274 20.82 -9.89 -3.15
N TRP B 275 22.09 -9.60 -3.42
CA TRP B 275 22.49 -8.89 -4.63
C TRP B 275 23.24 -9.85 -5.55
N VAL B 276 22.72 -10.01 -6.76
CA VAL B 276 23.39 -10.79 -7.79
C VAL B 276 24.25 -9.82 -8.61
N ALA B 277 25.56 -9.89 -8.43
CA ALA B 277 26.47 -8.93 -9.04
C ALA B 277 26.71 -9.28 -10.50
N SER B 278 27.62 -8.55 -11.13
CA SER B 278 28.05 -8.82 -12.49
C SER B 278 29.57 -8.79 -12.52
N GLU B 279 30.14 -9.45 -13.53
CA GLU B 279 31.59 -9.45 -13.69
C GLU B 279 32.13 -8.03 -13.83
N SER B 280 31.30 -7.09 -14.28
CA SER B 280 31.76 -5.72 -14.48
C SER B 280 32.06 -5.00 -13.17
N TRP B 281 31.51 -5.44 -12.03
CA TRP B 281 31.83 -4.84 -10.74
C TRP B 281 32.11 -5.84 -9.64
N LEU B 282 31.90 -7.15 -9.84
CA LEU B 282 32.20 -8.12 -8.79
C LEU B 282 33.68 -8.16 -8.43
N THR B 283 34.56 -7.61 -9.29
CA THR B 283 35.97 -7.54 -8.92
C THR B 283 36.15 -6.74 -7.64
N SER B 284 35.50 -5.57 -7.55
CA SER B 284 35.20 -4.91 -6.29
C SER B 284 36.44 -4.53 -5.48
N ASP B 285 37.56 -4.20 -6.12
CA ASP B 285 38.63 -3.52 -5.40
C ASP B 285 38.16 -2.14 -4.95
N LEU B 286 37.32 -1.49 -5.75
CA LEU B 286 36.70 -0.23 -5.35
C LEU B 286 35.69 -0.43 -4.22
N VAL B 287 34.79 -1.40 -4.39
CA VAL B 287 33.68 -1.55 -3.45
C VAL B 287 34.18 -1.95 -2.07
N MET B 288 35.32 -2.61 -1.98
CA MET B 288 35.84 -3.04 -0.69
C MET B 288 36.14 -1.86 0.23
N THR B 289 36.25 -0.65 -0.32
CA THR B 289 36.62 0.52 0.47
C THR B 289 35.49 1.05 1.34
N LEU B 290 34.27 0.54 1.18
CA LEU B 290 33.14 1.10 1.90
C LEU B 290 33.33 0.91 3.41
N PRO B 291 32.81 1.84 4.22
CA PRO B 291 32.96 1.70 5.68
C PRO B 291 32.20 0.53 6.27
N ASN B 292 31.11 0.09 5.63
CA ASN B 292 30.38 -1.10 6.04
C ASN B 292 29.91 -1.86 4.81
N ILE B 293 30.08 -3.19 4.85
CA ILE B 293 29.64 -4.05 3.76
C ILE B 293 28.79 -5.21 4.27
N ALA B 294 28.95 -5.57 5.54
CA ALA B 294 28.22 -6.73 6.06
C ALA B 294 26.74 -6.46 6.15
N ARG B 295 26.33 -5.20 6.23
CA ARG B 295 24.91 -4.85 6.28
C ARG B 295 24.26 -4.81 4.92
N VAL B 296 25.03 -4.92 3.84
CA VAL B 296 24.46 -4.89 2.49
C VAL B 296 23.68 -6.16 2.22
N GLY B 297 24.14 -7.29 2.75
CA GLY B 297 23.57 -8.58 2.42
C GLY B 297 24.42 -9.35 1.41
N THR B 298 23.99 -10.58 1.15
CA THR B 298 24.80 -11.51 0.36
C THR B 298 25.02 -10.98 -1.06
N VAL B 299 26.23 -11.16 -1.57
CA VAL B 299 26.60 -10.80 -2.93
C VAL B 299 27.01 -12.07 -3.67
N LEU B 300 26.37 -12.35 -4.80
CA LEU B 300 26.72 -13.47 -5.65
C LEU B 300 26.92 -12.97 -7.07
N GLY B 301 27.73 -13.71 -7.84
CA GLY B 301 27.92 -13.38 -9.24
C GLY B 301 28.85 -14.33 -9.97
N PHE B 302 28.60 -14.52 -11.26
CA PHE B 302 29.39 -15.43 -12.08
C PHE B 302 30.65 -14.73 -12.56
N LEU B 303 31.78 -15.44 -12.52
CA LEU B 303 33.10 -14.89 -12.82
C LEU B 303 33.87 -15.85 -13.71
N GLN B 304 34.56 -15.31 -14.72
CA GLN B 304 35.14 -16.11 -15.78
C GLN B 304 36.28 -17.00 -15.28
N ARG B 305 36.31 -18.24 -15.79
CA ARG B 305 37.41 -19.15 -15.52
C ARG B 305 38.43 -19.21 -16.66
N GLY B 306 39.13 -18.13 -16.93
CA GLY B 306 40.24 -18.17 -17.86
C GLY B 306 41.49 -18.77 -17.24
N ALA B 307 42.37 -19.27 -18.10
CA ALA B 307 43.58 -19.92 -17.61
C ALA B 307 44.57 -18.91 -17.05
N LEU B 308 45.43 -19.40 -16.17
CA LEU B 308 46.45 -18.59 -15.51
C LEU B 308 47.76 -18.61 -16.31
N LEU B 309 48.52 -17.53 -16.18
CA LEU B 309 49.83 -17.39 -16.82
C LEU B 309 50.89 -17.13 -15.75
N PRO B 310 51.42 -18.18 -15.13
CA PRO B 310 52.45 -17.96 -14.10
C PRO B 310 53.68 -17.21 -14.61
N GLU B 311 54.01 -17.35 -15.90
CA GLU B 311 55.23 -16.76 -16.43
C GLU B 311 55.15 -15.24 -16.56
N PHE B 312 53.94 -14.67 -16.49
CA PHE B 312 53.75 -13.31 -16.99
C PHE B 312 54.42 -12.26 -16.11
N SER B 313 54.32 -12.39 -14.79
CA SER B 313 54.93 -11.39 -13.91
C SER B 313 56.44 -11.37 -14.07
N HIS B 314 57.05 -12.56 -14.14
CA HIS B 314 58.49 -12.63 -14.40
C HIS B 314 58.83 -12.02 -15.74
N TYR B 315 58.00 -12.27 -16.76
CA TYR B 315 58.24 -11.66 -18.07
C TYR B 315 58.21 -10.14 -18.00
N VAL B 316 57.18 -9.60 -17.33
CA VAL B 316 57.04 -8.15 -17.23
C VAL B 316 58.24 -7.53 -16.53
N GLU B 317 58.62 -8.09 -15.37
CA GLU B 317 59.76 -7.55 -14.66
C GLU B 317 61.06 -7.70 -15.44
N THR B 318 61.22 -8.81 -16.17
CA THR B 318 62.39 -8.99 -17.00
C THR B 318 62.51 -7.89 -18.05
N HIS B 319 61.42 -7.64 -18.78
CA HIS B 319 61.48 -6.65 -19.84
C HIS B 319 61.61 -5.23 -19.29
N LEU B 320 60.97 -4.95 -18.15
CA LEU B 320 61.16 -3.66 -17.52
C LEU B 320 62.62 -3.46 -17.10
N ALA B 321 63.25 -4.51 -16.56
CA ALA B 321 64.66 -4.42 -16.23
C ALA B 321 65.51 -4.19 -17.47
N LEU B 322 65.20 -4.90 -18.56
CA LEU B 322 65.94 -4.70 -19.81
C LEU B 322 65.79 -3.28 -20.32
N ALA B 323 64.59 -2.70 -20.19
CA ALA B 323 64.34 -1.35 -20.69
C ALA B 323 65.07 -0.27 -19.91
N ALA B 324 65.84 -0.63 -18.87
CA ALA B 324 66.71 0.34 -18.21
C ALA B 324 68.04 0.50 -18.92
N ASP B 325 68.41 -0.44 -19.78
CA ASP B 325 69.71 -0.39 -20.44
C ASP B 325 69.67 0.60 -21.61
N PRO B 326 70.54 1.61 -21.64
CA PRO B 326 70.53 2.55 -22.77
C PRO B 326 71.02 1.96 -24.08
N ALA B 327 71.63 0.77 -24.06
CA ALA B 327 72.20 0.22 -25.29
C ALA B 327 71.14 0.01 -26.36
N PHE B 328 69.90 -0.24 -25.97
CA PHE B 328 68.85 -0.47 -26.96
C PHE B 328 68.62 0.75 -27.84
N CYS B 329 68.85 1.95 -27.31
CA CYS B 329 68.58 3.17 -28.08
C CYS B 329 69.44 3.30 -29.31
N ALA B 330 70.55 2.55 -29.40
CA ALA B 330 71.40 2.62 -30.59
C ALA B 330 70.79 1.89 -31.79
N SER B 331 69.75 1.08 -31.57
CA SER B 331 69.13 0.32 -32.65
C SER B 331 68.39 1.22 -33.62
N GLN B 345 55.67 10.34 -29.63
CA GLN B 345 55.85 8.89 -29.66
C GLN B 345 54.52 8.19 -29.46
N ARG B 346 54.51 6.86 -29.63
CA ARG B 346 53.28 6.10 -29.49
C ARG B 346 52.68 6.24 -28.10
N CYS B 347 53.52 6.28 -27.07
CA CYS B 347 53.09 6.77 -25.77
C CYS B 347 54.29 7.34 -25.02
N PRO B 348 54.47 8.66 -25.00
CA PRO B 348 55.63 9.23 -24.29
C PRO B 348 55.61 8.96 -22.80
N ARG B 349 54.43 8.82 -22.20
CA ARG B 349 54.33 8.78 -20.74
C ARG B 349 54.85 7.49 -20.13
N CYS B 350 55.01 6.43 -20.93
CA CYS B 350 55.51 5.18 -20.38
C CYS B 350 56.97 5.29 -19.93
N ASP B 351 57.74 6.17 -20.56
CA ASP B 351 59.17 6.29 -20.27
C ASP B 351 59.45 6.77 -18.85
N ASP B 352 58.47 7.39 -18.20
CA ASP B 352 58.65 7.94 -16.85
C ASP B 352 58.46 6.91 -15.75
N ILE B 353 58.17 5.66 -16.10
CA ILE B 353 57.69 4.65 -15.15
C ILE B 353 58.83 3.72 -14.79
N MET B 354 58.99 3.48 -13.49
CA MET B 354 59.99 2.56 -12.95
C MET B 354 59.29 1.32 -12.41
N LEU B 355 60.11 0.30 -12.11
CA LEU B 355 59.55 -0.96 -11.64
C LEU B 355 58.75 -0.81 -10.36
N GLN B 356 59.15 0.09 -9.47
CA GLN B 356 58.41 0.26 -8.22
C GLN B 356 56.99 0.76 -8.48
N ASN B 357 56.79 1.49 -9.58
CA ASN B 357 55.45 1.92 -9.97
C ASN B 357 54.62 0.77 -10.55
N LEU B 358 55.25 -0.35 -10.88
CA LEU B 358 54.59 -1.50 -11.48
C LEU B 358 54.76 -2.73 -10.58
N SER B 359 54.52 -2.55 -9.28
CA SER B 359 54.77 -3.60 -8.32
C SER B 359 53.91 -4.82 -8.61
N SER B 360 54.41 -5.97 -8.17
CA SER B 360 53.68 -7.23 -8.36
C SER B 360 52.30 -7.20 -7.72
N GLY B 361 52.10 -6.37 -6.69
CA GLY B 361 50.78 -6.27 -6.08
C GLY B 361 49.73 -5.81 -7.06
N LEU B 362 50.12 -5.01 -8.06
CA LEU B 362 49.19 -4.62 -9.11
C LEU B 362 48.84 -5.78 -10.04
N LEU B 363 49.80 -6.68 -10.29
CA LEU B 363 49.50 -7.85 -11.10
C LEU B 363 48.62 -8.84 -10.34
N GLN B 364 48.69 -8.85 -9.02
CA GLN B 364 47.87 -9.70 -8.18
C GLN B 364 46.49 -9.10 -7.91
N ASN B 365 46.06 -8.15 -8.74
CA ASN B 365 44.77 -7.50 -8.52
C ASN B 365 43.64 -8.52 -8.47
N LEU B 366 43.60 -9.42 -9.45
CA LEU B 366 42.60 -10.49 -9.48
C LEU B 366 43.03 -11.59 -10.43
N LEU B 371 43.26 -8.87 -12.91
CA LEU B 371 43.41 -8.58 -14.33
C LEU B 371 43.83 -9.81 -15.13
N HIS B 372 43.99 -10.95 -14.44
CA HIS B 372 44.39 -12.17 -15.12
C HIS B 372 43.46 -12.52 -16.27
N HIS B 373 42.16 -12.25 -16.09
CA HIS B 373 41.18 -12.58 -17.12
C HIS B 373 41.51 -11.88 -18.44
N GLN B 374 41.67 -10.55 -18.40
CA GLN B 374 41.89 -9.77 -19.61
C GLN B 374 43.30 -9.95 -20.18
N ILE B 375 44.29 -10.16 -19.31
CA ILE B 375 45.64 -10.47 -19.77
C ILE B 375 45.63 -11.76 -20.58
N PHE B 376 45.02 -12.81 -20.02
CA PHE B 376 44.95 -14.07 -20.75
C PHE B 376 44.10 -13.93 -22.01
N ALA B 377 43.05 -13.09 -21.97
CA ALA B 377 42.26 -12.86 -23.17
C ALA B 377 43.10 -12.25 -24.28
N THR B 378 43.98 -11.30 -23.95
CA THR B 378 44.85 -10.73 -24.96
C THR B 378 45.78 -11.78 -25.55
N TYR B 379 46.36 -12.62 -24.68
CA TYR B 379 47.21 -13.71 -25.15
C TYR B 379 46.45 -14.60 -26.13
N ALA B 380 45.24 -15.01 -25.76
CA ALA B 380 44.46 -15.89 -26.60
C ALA B 380 44.06 -15.21 -27.91
N ALA B 381 43.82 -13.90 -27.88
CA ALA B 381 43.52 -13.16 -29.10
C ALA B 381 44.68 -13.22 -30.09
N VAL B 382 45.89 -12.98 -29.60
CA VAL B 382 47.05 -13.06 -30.49
C VAL B 382 47.16 -14.47 -31.05
N TYR B 383 46.98 -15.48 -30.20
CA TYR B 383 47.05 -16.85 -30.69
C TYR B 383 45.97 -17.16 -31.72
N SER B 384 44.78 -16.59 -31.57
CA SER B 384 43.72 -16.79 -32.55
C SER B 384 44.12 -16.22 -33.92
N VAL B 385 44.65 -15.00 -33.94
CA VAL B 385 45.07 -14.43 -35.22
C VAL B 385 46.18 -15.27 -35.83
N ALA B 386 47.16 -15.68 -35.02
CA ALA B 386 48.27 -16.45 -35.55
C ALA B 386 47.80 -17.79 -36.11
N GLN B 387 46.90 -18.48 -35.41
CA GLN B 387 46.39 -19.75 -35.91
C GLN B 387 45.58 -19.56 -37.19
N ALA B 388 44.81 -18.47 -37.28
CA ALA B 388 44.07 -18.23 -38.52
C ALA B 388 45.00 -18.03 -39.69
N LEU B 389 46.08 -17.27 -39.50
CA LEU B 389 47.07 -17.14 -40.58
C LEU B 389 47.72 -18.48 -40.88
N HIS B 390 48.02 -19.26 -39.84
CA HIS B 390 48.63 -20.58 -40.02
C HIS B 390 47.77 -21.47 -40.90
N ASN B 391 46.45 -21.41 -40.70
CA ASN B 391 45.54 -22.11 -41.60
C ASN B 391 45.55 -21.51 -43.00
N THR B 392 45.52 -20.18 -43.08
CA THR B 392 45.47 -19.52 -44.39
C THR B 392 46.69 -19.84 -45.24
N LEU B 393 47.85 -20.00 -44.62
CA LEU B 393 49.06 -20.32 -45.35
C LEU B 393 49.22 -21.81 -45.62
N GLN B 394 48.24 -22.63 -45.23
CA GLN B 394 48.22 -24.05 -45.57
C GLN B 394 49.53 -24.72 -45.16
N CYS B 395 49.95 -24.48 -43.91
CA CYS B 395 51.27 -24.89 -43.48
C CYS B 395 51.37 -26.40 -43.36
N ASN B 396 52.41 -26.96 -43.98
CA ASN B 396 52.92 -28.26 -43.56
C ASN B 396 53.81 -28.06 -42.34
N VAL B 397 54.16 -29.16 -41.68
CA VAL B 397 55.04 -29.06 -40.52
C VAL B 397 56.33 -28.38 -40.96
N SER B 398 56.58 -27.19 -40.41
CA SER B 398 57.81 -26.43 -40.61
C SER B 398 57.90 -25.79 -42.00
N HIS B 399 56.80 -25.73 -42.75
CA HIS B 399 56.82 -25.17 -44.10
C HIS B 399 55.50 -24.49 -44.39
N CYS B 400 55.55 -23.18 -44.61
CA CYS B 400 54.38 -22.44 -45.06
C CYS B 400 54.29 -22.44 -46.59
N HIS B 401 53.08 -22.20 -47.08
CA HIS B 401 52.83 -21.98 -48.51
C HIS B 401 52.99 -20.49 -48.80
N VAL B 402 54.24 -20.09 -49.03
CA VAL B 402 54.63 -18.69 -49.07
C VAL B 402 54.43 -18.10 -50.46
N SER B 403 53.78 -18.84 -51.34
CA SER B 403 53.59 -18.40 -52.73
C SER B 403 52.77 -17.11 -52.84
N GLU B 404 52.13 -16.66 -51.76
CA GLU B 404 51.31 -15.47 -51.79
C GLU B 404 51.55 -14.65 -50.53
N HIS B 405 51.05 -13.41 -50.57
CA HIS B 405 51.02 -12.53 -49.41
C HIS B 405 49.54 -12.27 -49.08
N VAL B 406 49.15 -12.60 -47.85
CA VAL B 406 47.73 -12.62 -47.49
C VAL B 406 47.25 -11.21 -47.19
N LEU B 407 46.04 -10.85 -47.74
CA LEU B 407 45.32 -9.65 -47.33
C LEU B 407 44.25 -10.00 -46.30
N PRO B 408 43.86 -9.06 -45.44
CA PRO B 408 42.95 -9.40 -44.33
C PRO B 408 41.64 -10.05 -44.74
N TRP B 409 41.01 -9.57 -45.82
CA TRP B 409 39.73 -10.14 -46.21
C TRP B 409 39.85 -11.59 -46.64
N GLN B 410 41.07 -12.04 -46.97
CA GLN B 410 41.29 -13.46 -47.24
C GLN B 410 41.40 -14.26 -45.95
N LEU B 411 42.00 -13.65 -44.92
CA LEU B 411 42.11 -14.31 -43.61
C LEU B 411 40.74 -14.44 -42.95
N LEU B 412 39.84 -13.49 -43.23
CA LEU B 412 38.54 -13.49 -42.56
C LEU B 412 37.79 -14.80 -42.79
N GLU B 413 37.79 -15.30 -44.03
CA GLU B 413 37.06 -16.52 -44.33
C GLU B 413 37.66 -17.74 -43.64
N ASN B 414 38.95 -17.74 -43.36
CA ASN B 414 39.55 -18.82 -42.58
C ASN B 414 39.31 -18.66 -41.09
N MET B 415 38.93 -17.46 -40.63
CA MET B 415 38.81 -17.24 -39.19
C MET B 415 37.57 -17.87 -38.56
N TYR B 416 36.46 -18.01 -39.30
CA TYR B 416 35.21 -18.41 -38.66
C TYR B 416 35.19 -19.89 -38.29
N ASN B 417 35.73 -20.76 -39.15
CA ASN B 417 35.52 -22.19 -39.02
C ASN B 417 36.50 -22.87 -38.06
N MET B 418 37.47 -22.13 -37.53
CA MET B 418 38.65 -22.72 -36.93
C MET B 418 38.42 -23.11 -35.47
N SER B 419 39.43 -23.80 -34.93
CA SER B 419 39.68 -23.92 -33.51
C SER B 419 41.13 -23.53 -33.27
N PHE B 420 41.40 -22.96 -32.10
CA PHE B 420 42.76 -22.53 -31.77
C PHE B 420 43.06 -22.81 -30.31
N HIS B 421 44.34 -22.92 -30.00
CA HIS B 421 44.82 -23.33 -28.68
C HIS B 421 45.55 -22.17 -27.99
N ALA B 422 45.12 -21.84 -26.78
CA ALA B 422 45.92 -21.01 -25.89
C ALA B 422 46.86 -21.91 -25.09
N ARG B 423 47.48 -21.35 -24.06
CA ARG B 423 48.34 -22.15 -23.19
C ARG B 423 47.49 -23.15 -22.41
N ASP B 424 47.49 -24.40 -22.87
CA ASP B 424 46.75 -25.49 -22.20
C ASP B 424 45.25 -25.22 -22.15
N LEU B 425 44.71 -24.68 -23.23
CA LEU B 425 43.27 -24.53 -23.38
C LEU B 425 42.94 -24.41 -24.86
N THR B 426 41.76 -24.90 -25.23
CA THR B 426 41.29 -24.93 -26.60
C THR B 426 40.01 -24.12 -26.73
N LEU B 427 39.87 -23.39 -27.83
CA LEU B 427 38.75 -22.49 -28.02
C LEU B 427 38.29 -22.53 -29.47
N GLN B 428 37.06 -22.05 -29.69
CA GLN B 428 36.53 -21.86 -31.03
C GLN B 428 35.73 -20.58 -31.09
N PHE B 429 35.86 -19.85 -32.19
CA PHE B 429 34.91 -18.79 -32.49
C PHE B 429 33.61 -19.42 -32.97
N ASP B 430 32.50 -19.06 -32.32
CA ASP B 430 31.21 -19.66 -32.63
C ASP B 430 30.62 -18.99 -33.88
N ALA B 431 29.37 -19.29 -34.18
CA ALA B 431 28.76 -18.83 -35.43
C ALA B 431 28.67 -17.32 -35.53
N GLU B 432 28.77 -16.59 -34.42
CA GLU B 432 28.70 -15.13 -34.46
C GLU B 432 29.86 -14.47 -33.71
N GLY B 433 31.01 -15.14 -33.62
CA GLY B 433 32.24 -14.49 -33.20
C GLY B 433 32.50 -14.45 -31.72
N ASN B 434 31.76 -15.19 -30.91
CA ASN B 434 32.06 -15.29 -29.48
C ASN B 434 32.84 -16.58 -29.21
N VAL B 435 33.23 -16.78 -27.95
CA VAL B 435 33.92 -17.99 -27.52
C VAL B 435 33.16 -18.62 -26.37
N ASP B 436 33.22 -19.95 -26.31
CA ASP B 436 32.44 -20.75 -25.38
C ASP B 436 33.13 -20.93 -24.02
N MET B 437 33.46 -19.84 -23.34
CA MET B 437 34.12 -19.97 -22.05
C MET B 437 33.10 -20.32 -20.96
N GLU B 438 33.62 -20.61 -19.77
CA GLU B 438 32.81 -21.09 -18.66
C GLU B 438 33.18 -20.33 -17.39
N TYR B 439 32.38 -20.53 -16.34
CA TYR B 439 32.31 -19.60 -15.23
C TYR B 439 32.49 -20.28 -13.87
N ASP B 440 32.83 -19.45 -12.88
CA ASP B 440 32.72 -19.80 -11.47
C ASP B 440 31.67 -18.90 -10.83
N LEU B 441 30.83 -19.48 -9.98
CA LEU B 441 29.91 -18.70 -9.15
C LEU B 441 30.61 -18.39 -7.83
N LYS B 442 30.97 -17.13 -7.62
CA LYS B 442 31.71 -16.70 -6.45
C LYS B 442 30.86 -15.81 -5.56
N MET B 443 30.93 -16.05 -4.25
CA MET B 443 30.12 -15.36 -3.26
C MET B 443 31.00 -14.79 -2.17
N TRP B 444 30.53 -13.70 -1.56
CA TRP B 444 31.25 -13.04 -0.48
C TRP B 444 30.78 -13.55 0.88
N VAL B 445 31.73 -13.76 1.78
CA VAL B 445 31.45 -14.09 3.17
C VAL B 445 32.19 -13.09 4.05
N TRP B 446 31.59 -12.75 5.19
CA TRP B 446 31.94 -11.55 5.93
C TRP B 446 32.81 -11.79 7.17
N GLN B 447 33.14 -13.04 7.49
CA GLN B 447 33.76 -13.30 8.79
C GLN B 447 35.15 -12.68 8.90
N SER B 448 35.85 -12.50 7.80
CA SER B 448 37.21 -12.00 7.85
C SER B 448 37.24 -10.48 7.81
N PRO B 449 38.37 -9.88 8.22
CA PRO B 449 38.46 -8.41 8.18
C PRO B 449 38.17 -7.84 6.80
N THR B 450 38.55 -8.54 5.73
CA THR B 450 38.14 -8.18 4.39
C THR B 450 37.34 -9.32 3.77
N PRO B 451 36.37 -9.00 2.92
CA PRO B 451 35.50 -10.06 2.39
C PRO B 451 36.28 -11.03 1.52
N VAL B 452 35.92 -12.31 1.64
CA VAL B 452 36.62 -13.40 0.99
C VAL B 452 35.73 -13.96 -0.11
N LEU B 453 36.29 -14.12 -1.31
CA LEU B 453 35.58 -14.73 -2.43
C LEU B 453 35.62 -16.25 -2.27
N HIS B 454 34.44 -16.87 -2.18
CA HIS B 454 34.32 -18.32 -2.10
C HIS B 454 33.69 -18.84 -3.38
N THR B 455 34.37 -19.79 -4.03
CA THR B 455 33.74 -20.50 -5.14
C THR B 455 32.68 -21.43 -4.59
N VAL B 456 31.45 -21.31 -5.10
CA VAL B 456 30.33 -22.10 -4.63
C VAL B 456 29.55 -22.77 -5.75
N GLY B 457 29.98 -22.62 -6.99
CA GLY B 457 29.31 -23.29 -8.09
C GLY B 457 29.99 -22.95 -9.40
N THR B 458 29.55 -23.63 -10.46
CA THR B 458 30.10 -23.41 -11.79
C THR B 458 28.98 -23.48 -12.82
N PHE B 459 29.16 -22.77 -13.92
CA PHE B 459 28.21 -22.74 -15.02
C PHE B 459 28.95 -22.97 -16.32
N ASN B 460 28.42 -23.88 -17.15
CA ASN B 460 29.03 -24.19 -18.45
C ASN B 460 27.96 -24.37 -19.53
N GLY B 461 26.84 -23.66 -19.40
CA GLY B 461 25.63 -23.95 -20.14
C GLY B 461 24.54 -24.56 -19.27
N THR B 462 24.91 -25.09 -18.12
CA THR B 462 23.98 -25.46 -17.06
C THR B 462 24.67 -25.21 -15.73
N LEU B 463 23.87 -25.06 -14.68
CA LEU B 463 24.37 -24.62 -13.39
C LEU B 463 24.66 -25.81 -12.50
N GLN B 464 25.94 -26.04 -12.23
CA GLN B 464 26.41 -27.17 -11.41
C GLN B 464 26.62 -26.75 -9.96
N LEU B 465 25.55 -26.31 -9.30
CA LEU B 465 25.68 -25.71 -7.98
C LEU B 465 26.23 -26.71 -6.96
N GLN B 466 27.21 -26.26 -6.18
CA GLN B 466 27.72 -26.99 -5.02
C GLN B 466 26.99 -26.51 -3.75
N GLN B 467 25.72 -26.87 -3.67
CA GLN B 467 24.81 -26.22 -2.72
C GLN B 467 25.24 -26.42 -1.27
N SER B 468 25.91 -27.52 -0.96
CA SER B 468 26.23 -27.81 0.44
C SER B 468 27.22 -26.82 1.03
N LYS B 469 28.02 -26.14 0.19
CA LYS B 469 29.04 -25.21 0.66
C LYS B 469 28.50 -23.81 0.91
N MET B 470 27.22 -23.56 0.65
CA MET B 470 26.67 -22.21 0.63
C MET B 470 26.55 -21.66 2.04
N TYR B 471 27.25 -20.55 2.31
CA TYR B 471 27.22 -19.88 3.61
C TYR B 471 26.15 -18.78 3.62
N TRP B 472 24.88 -19.21 3.68
CA TRP B 472 23.80 -18.24 3.82
C TRP B 472 23.89 -17.55 5.18
N PRO B 473 23.27 -16.38 5.32
CA PRO B 473 22.99 -15.87 6.67
C PRO B 473 22.04 -16.82 7.38
N GLY B 474 22.29 -17.05 8.66
CA GLY B 474 21.62 -18.16 9.32
C GLY B 474 22.10 -19.46 8.70
N ASN B 475 21.17 -20.39 8.45
CA ASN B 475 21.55 -21.65 7.80
C ASN B 475 20.48 -22.10 6.80
N GLN B 476 19.80 -21.16 6.17
CA GLN B 476 18.70 -21.49 5.28
C GLN B 476 18.69 -20.53 4.10
N VAL B 477 18.05 -20.96 3.02
CA VAL B 477 17.98 -20.16 1.80
C VAL B 477 17.12 -18.93 2.04
N PRO B 478 17.53 -17.74 1.59
CA PRO B 478 16.58 -16.62 1.50
C PRO B 478 15.67 -16.77 0.30
N VAL B 479 14.52 -16.10 0.36
CA VAL B 479 13.52 -16.23 -0.71
C VAL B 479 12.73 -14.94 -0.85
N SER B 480 12.37 -14.65 -2.10
CA SER B 480 11.26 -13.77 -2.43
C SER B 480 10.51 -14.44 -3.56
N GLN B 481 9.20 -14.62 -3.40
CA GLN B 481 8.41 -15.36 -4.37
C GLN B 481 7.06 -14.68 -4.55
N CYS B 482 6.30 -15.17 -5.53
CA CYS B 482 5.03 -14.57 -5.89
C CYS B 482 4.06 -15.66 -6.33
N SER B 483 2.78 -15.42 -6.08
CA SER B 483 1.71 -16.39 -6.32
C SER B 483 1.26 -16.30 -7.78
N ARG B 484 1.50 -17.36 -8.54
CA ARG B 484 1.16 -17.34 -9.97
C ARG B 484 -0.34 -17.53 -10.22
N GLN B 485 -1.02 -18.31 -9.37
CA GLN B 485 -2.46 -18.54 -9.53
C GLN B 485 -3.14 -18.45 -8.17
N CYS B 486 -4.30 -17.79 -8.15
CA CYS B 486 -5.11 -17.70 -6.95
C CYS B 486 -5.94 -18.97 -6.77
N LYS B 487 -6.28 -19.26 -5.51
CA LYS B 487 -7.24 -20.31 -5.24
C LYS B 487 -8.64 -19.88 -5.71
N ASP B 488 -9.49 -20.87 -5.96
CA ASP B 488 -10.80 -20.61 -6.57
C ASP B 488 -11.59 -19.58 -5.76
N GLY B 489 -11.41 -19.57 -4.44
CA GLY B 489 -12.21 -18.72 -3.58
C GLY B 489 -11.60 -17.36 -3.31
N GLN B 490 -10.63 -16.95 -4.13
CA GLN B 490 -9.87 -15.73 -3.90
C GLN B 490 -10.00 -14.78 -5.08
N VAL B 491 -9.85 -13.49 -4.79
CA VAL B 491 -9.90 -12.44 -5.80
C VAL B 491 -8.47 -12.03 -6.14
N ARG B 492 -8.18 -11.89 -7.43
CA ARG B 492 -6.84 -11.60 -7.90
C ARG B 492 -6.54 -10.11 -7.86
N ARG B 493 -5.27 -9.80 -7.98
CA ARG B 493 -4.81 -8.42 -8.20
C ARG B 493 -3.40 -8.48 -8.76
N VAL B 494 -3.21 -7.92 -9.96
CA VAL B 494 -1.94 -8.05 -10.66
C VAL B 494 -0.88 -7.16 -10.02
N LYS B 495 0.38 -7.54 -10.19
CA LYS B 495 1.51 -6.71 -9.77
C LYS B 495 2.71 -7.05 -10.62
N GLY B 496 3.69 -6.16 -10.60
CA GLY B 496 4.94 -6.33 -11.33
C GLY B 496 5.09 -5.29 -12.42
N PHE B 497 6.32 -5.24 -12.96
CA PHE B 497 6.59 -4.33 -14.07
C PHE B 497 5.80 -4.73 -15.30
N HIS B 498 5.86 -6.00 -15.68
CA HIS B 498 4.84 -6.61 -16.50
C HIS B 498 3.75 -7.17 -15.59
N SER B 499 2.56 -7.32 -16.15
CA SER B 499 1.44 -7.90 -15.41
C SER B 499 1.57 -9.43 -15.37
N CYS B 500 2.71 -9.88 -14.87
CA CYS B 500 3.09 -11.29 -14.91
C CYS B 500 2.64 -12.08 -13.68
N CYS B 501 2.14 -11.43 -12.63
CA CYS B 501 1.81 -12.17 -11.41
C CYS B 501 0.78 -11.40 -10.60
N TYR B 502 0.22 -12.09 -9.60
CA TYR B 502 -0.87 -11.59 -8.79
C TYR B 502 -0.54 -11.68 -7.31
N ASP B 503 -1.26 -10.90 -6.51
CA ASP B 503 -1.39 -11.12 -5.08
C ASP B 503 -2.86 -11.42 -4.79
N CYS B 504 -3.11 -12.14 -3.71
CA CYS B 504 -4.41 -12.78 -3.47
C CYS B 504 -5.17 -12.06 -2.37
N VAL B 505 -6.49 -11.93 -2.56
CA VAL B 505 -7.40 -11.39 -1.57
C VAL B 505 -8.38 -12.49 -1.17
N ASP B 506 -8.53 -12.70 0.14
CA ASP B 506 -9.52 -13.64 0.66
C ASP B 506 -10.87 -12.94 0.79
N CYS B 507 -11.94 -13.66 0.45
CA CYS B 507 -13.29 -13.16 0.65
C CYS B 507 -13.64 -13.22 2.14
N LYS B 508 -13.70 -12.07 2.79
CA LYS B 508 -14.11 -12.02 4.18
C LYS B 508 -15.58 -12.40 4.31
N ALA B 509 -15.94 -12.92 5.48
CA ALA B 509 -17.34 -13.24 5.75
C ALA B 509 -18.19 -11.99 5.54
N GLY B 510 -19.33 -12.18 4.87
CA GLY B 510 -20.14 -11.04 4.46
C GLY B 510 -19.78 -10.48 3.11
N SER B 511 -18.98 -11.20 2.32
CA SER B 511 -18.62 -10.79 0.97
C SER B 511 -18.37 -12.05 0.17
N TYR B 512 -18.37 -11.91 -1.16
CA TYR B 512 -18.23 -13.09 -2.01
C TYR B 512 -17.56 -12.72 -3.32
N ARG B 513 -17.03 -13.74 -3.99
CA ARG B 513 -16.27 -13.61 -5.22
C ARG B 513 -17.20 -13.51 -6.43
N LYS B 514 -17.97 -12.43 -6.49
CA LYS B 514 -19.00 -12.32 -7.53
C LYS B 514 -18.43 -12.54 -8.93
N HIS B 515 -17.36 -11.84 -9.26
CA HIS B 515 -16.74 -11.90 -10.56
C HIS B 515 -15.23 -11.94 -10.40
N PRO B 516 -14.50 -12.25 -11.47
CA PRO B 516 -13.04 -12.02 -11.44
C PRO B 516 -12.69 -10.55 -11.53
N ASP B 517 -13.30 -9.74 -10.67
CA ASP B 517 -12.99 -8.31 -10.58
C ASP B 517 -11.69 -8.19 -9.80
N ASP B 518 -10.59 -7.99 -10.51
CA ASP B 518 -9.28 -8.14 -9.91
C ASP B 518 -8.86 -6.89 -9.13
N PHE B 519 -9.75 -6.36 -8.28
CA PHE B 519 -9.30 -5.39 -7.30
C PHE B 519 -9.94 -5.60 -5.93
N THR B 520 -11.20 -6.04 -5.90
CA THR B 520 -11.95 -6.03 -4.65
C THR B 520 -13.08 -7.05 -4.68
N CYS B 521 -13.48 -7.48 -3.48
CA CYS B 521 -14.60 -8.39 -3.32
C CYS B 521 -15.93 -7.62 -3.34
N THR B 522 -17.04 -8.38 -3.42
CA THR B 522 -18.39 -7.80 -3.44
C THR B 522 -19.09 -8.04 -2.11
N PRO B 523 -19.68 -7.02 -1.48
CA PRO B 523 -20.40 -7.24 -0.21
C PRO B 523 -21.60 -8.16 -0.38
N CYS B 524 -21.94 -8.85 0.71
CA CYS B 524 -23.07 -9.77 0.73
C CYS B 524 -24.40 -9.02 0.75
N ASN B 525 -25.43 -9.64 0.20
CA ASN B 525 -26.75 -9.03 0.15
C ASN B 525 -27.44 -9.10 1.51
N GLN B 526 -28.31 -8.13 1.77
CA GLN B 526 -28.96 -8.04 3.08
C GLN B 526 -29.76 -9.29 3.41
N ASP B 527 -30.36 -9.93 2.40
CA ASP B 527 -31.14 -11.15 2.62
C ASP B 527 -30.28 -12.38 2.80
N GLN B 528 -28.95 -12.25 2.82
CA GLN B 528 -28.07 -13.40 2.74
C GLN B 528 -26.87 -13.23 3.67
N TRP B 529 -26.08 -14.30 3.77
CA TRP B 529 -24.85 -14.31 4.54
C TRP B 529 -23.83 -15.16 3.79
N SER B 530 -22.56 -15.04 4.18
CA SER B 530 -21.49 -15.80 3.56
C SER B 530 -20.36 -16.01 4.55
N PRO B 531 -19.68 -17.15 4.50
CA PRO B 531 -18.51 -17.37 5.35
C PRO B 531 -17.23 -16.89 4.68
N GLU B 532 -16.10 -17.16 5.34
CA GLU B 532 -14.79 -16.87 4.79
C GLU B 532 -14.53 -17.69 3.53
N LYS B 533 -13.75 -17.13 2.62
CA LYS B 533 -13.32 -17.83 1.41
C LYS B 533 -14.50 -18.27 0.54
N SER B 534 -15.65 -17.62 0.70
CA SER B 534 -16.85 -18.05 0.00
C SER B 534 -16.89 -17.54 -1.43
N THR B 535 -17.34 -18.40 -2.35
CA THR B 535 -17.56 -17.97 -3.72
C THR B 535 -18.90 -17.27 -3.89
N ALA B 536 -19.92 -17.63 -3.10
CA ALA B 536 -21.24 -17.06 -3.26
C ALA B 536 -21.98 -17.11 -1.94
N CYS B 537 -23.02 -16.29 -1.84
CA CYS B 537 -23.75 -16.06 -0.61
C CYS B 537 -24.81 -17.15 -0.39
N LEU B 538 -25.43 -17.11 0.79
CA LEU B 538 -26.46 -18.06 1.17
C LEU B 538 -27.54 -17.33 1.96
N PRO B 539 -28.83 -17.48 1.60
CA PRO B 539 -29.88 -16.79 2.35
C PRO B 539 -29.89 -17.19 3.83
N ARG B 540 -30.25 -16.23 4.68
CA ARG B 540 -30.28 -16.41 6.12
C ARG B 540 -31.72 -16.63 6.58
N ARG B 541 -31.92 -17.67 7.38
CA ARG B 541 -33.27 -18.06 7.76
C ARG B 541 -33.84 -17.15 8.85
N PRO B 542 -35.16 -16.98 8.89
CA PRO B 542 -35.78 -16.25 10.00
C PRO B 542 -35.82 -17.09 11.27
N LYS B 543 -35.67 -16.43 12.42
CA LYS B 543 -35.54 -17.11 13.70
C LYS B 543 -36.52 -16.54 14.72
N PHE B 544 -37.20 -17.43 15.43
CA PHE B 544 -38.06 -17.05 16.54
C PHE B 544 -38.43 -18.31 17.32
N LEU B 545 -39.07 -18.13 18.47
CA LEU B 545 -39.44 -19.24 19.35
C LEU B 545 -40.63 -19.98 18.74
N ALA B 546 -40.34 -20.82 17.75
CA ALA B 546 -41.39 -21.65 17.16
C ALA B 546 -41.84 -22.70 18.16
N TRP B 547 -43.08 -23.15 17.97
CA TRP B 547 -43.62 -24.21 18.82
C TRP B 547 -42.78 -25.47 18.69
N GLY B 548 -42.66 -26.20 19.80
CA GLY B 548 -41.92 -27.44 19.81
C GLY B 548 -40.43 -27.29 20.04
N GLU B 549 -39.94 -26.07 20.25
CA GLU B 549 -38.52 -25.91 20.54
C GLU B 549 -38.20 -26.64 21.84
N PRO B 550 -37.10 -27.40 21.90
CA PRO B 550 -36.95 -28.39 22.99
C PRO B 550 -36.88 -27.79 24.39
N VAL B 551 -36.53 -26.51 24.54
CA VAL B 551 -36.61 -25.88 25.85
C VAL B 551 -38.00 -25.31 26.11
N VAL B 552 -38.61 -24.71 25.08
CA VAL B 552 -39.97 -24.21 25.20
C VAL B 552 -40.94 -25.35 25.50
N LEU B 553 -40.59 -26.57 25.08
CA LEU B 553 -41.47 -27.72 25.36
C LEU B 553 -41.61 -27.95 26.87
N SER B 554 -40.51 -27.78 27.61
CA SER B 554 -40.59 -27.90 29.06
C SER B 554 -41.48 -26.83 29.67
N LEU B 555 -41.43 -25.61 29.14
CA LEU B 555 -42.34 -24.57 29.61
C LEU B 555 -43.78 -24.90 29.28
N LEU B 556 -44.01 -25.50 28.12
CA LEU B 556 -45.37 -25.90 27.76
C LEU B 556 -45.89 -27.00 28.67
N LEU B 557 -45.01 -27.86 29.18
CA LEU B 557 -45.41 -28.82 30.19
C LEU B 557 -45.66 -28.15 31.54
N LEU B 558 -44.79 -27.22 31.92
CA LEU B 558 -44.93 -26.53 33.20
C LEU B 558 -46.21 -25.70 33.23
N LEU B 559 -46.60 -25.14 32.09
CA LEU B 559 -47.87 -24.43 31.99
C LEU B 559 -49.02 -25.33 32.39
N CYS B 560 -49.07 -26.55 31.83
CA CYS B 560 -50.10 -27.50 32.20
C CYS B 560 -50.01 -27.87 33.67
N LEU B 561 -48.80 -28.03 34.21
CA LEU B 561 -48.66 -28.42 35.61
C LEU B 561 -49.22 -27.34 36.54
N VAL B 562 -48.83 -26.09 36.32
CA VAL B 562 -49.27 -25.01 37.20
C VAL B 562 -50.76 -24.75 37.04
N LEU B 563 -51.25 -24.75 35.80
CA LEU B 563 -52.68 -24.60 35.59
C LEU B 563 -53.44 -25.76 36.21
N GLY B 564 -52.86 -26.96 36.21
CA GLY B 564 -53.48 -28.10 36.85
C GLY B 564 -53.59 -27.91 38.36
N LEU B 565 -52.53 -27.40 38.98
CA LEU B 565 -52.61 -27.09 40.39
C LEU B 565 -53.71 -26.07 40.67
N ALA B 566 -53.76 -25.02 39.85
CA ALA B 566 -54.78 -23.99 40.04
C ALA B 566 -56.18 -24.57 39.93
N LEU B 567 -56.42 -25.36 38.88
CA LEU B 567 -57.76 -25.90 38.65
C LEU B 567 -58.11 -26.97 39.68
N ALA B 568 -57.13 -27.75 40.13
CA ALA B 568 -57.40 -28.72 41.20
C ALA B 568 -57.81 -28.01 42.48
N ALA B 569 -57.09 -26.94 42.85
CA ALA B 569 -57.48 -26.17 44.03
C ALA B 569 -58.87 -25.57 43.84
N LEU B 570 -59.15 -25.05 42.65
CA LEU B 570 -60.47 -24.45 42.41
C LEU B 570 -61.58 -25.49 42.53
N GLY B 571 -61.39 -26.66 41.94
CA GLY B 571 -62.37 -27.72 42.05
C GLY B 571 -62.58 -28.19 43.48
N LEU B 572 -61.48 -28.33 44.23
CA LEU B 572 -61.61 -28.72 45.64
C LEU B 572 -62.35 -27.65 46.44
N SER B 573 -62.08 -26.38 46.16
CA SER B 573 -62.79 -25.31 46.85
C SER B 573 -64.27 -25.33 46.53
N VAL B 574 -64.63 -25.52 45.26
CA VAL B 574 -66.04 -25.59 44.89
C VAL B 574 -66.69 -26.81 45.50
N HIS B 575 -65.94 -27.90 45.65
CA HIS B 575 -66.49 -29.12 46.24
C HIS B 575 -66.83 -28.92 47.71
N HIS B 576 -65.94 -28.24 48.45
CA HIS B 576 -66.10 -27.99 49.88
C HIS B 576 -66.62 -26.58 50.16
N TRP B 577 -67.47 -26.05 49.29
CA TRP B 577 -67.81 -24.63 49.32
C TRP B 577 -68.52 -24.24 50.62
N ASP B 578 -69.18 -25.18 51.28
CA ASP B 578 -69.94 -24.89 52.49
C ASP B 578 -69.08 -24.86 53.76
N SER B 579 -67.78 -25.14 53.67
CA SER B 579 -67.02 -25.31 54.88
C SER B 579 -66.31 -24.01 55.27
N PRO B 580 -66.11 -23.78 56.58
CA PRO B 580 -65.53 -22.49 57.01
C PRO B 580 -64.24 -22.09 56.32
N LEU B 581 -63.39 -23.06 55.97
CA LEU B 581 -62.06 -22.73 55.46
C LEU B 581 -62.12 -21.73 54.31
N VAL B 582 -63.04 -21.95 53.36
CA VAL B 582 -63.05 -21.14 52.15
C VAL B 582 -63.53 -19.72 52.45
N GLN B 583 -64.59 -19.58 53.24
CA GLN B 583 -65.03 -18.24 53.63
C GLN B 583 -63.95 -17.50 54.40
N ALA B 584 -63.29 -18.21 55.32
CA ALA B 584 -62.19 -17.59 56.06
C ALA B 584 -61.05 -17.19 55.13
N SER B 585 -60.89 -17.88 54.01
CA SER B 585 -59.84 -17.58 53.06
C SER B 585 -60.21 -16.46 52.10
N GLY B 586 -61.47 -16.03 52.06
CA GLY B 586 -61.89 -14.92 51.24
C GLY B 586 -63.12 -15.19 50.40
N GLY B 587 -63.67 -16.39 50.51
CA GLY B 587 -64.92 -16.70 49.84
C GLY B 587 -64.86 -16.42 48.36
N SER B 588 -65.84 -15.64 47.87
CA SER B 588 -65.92 -15.36 46.44
C SER B 588 -64.69 -14.60 45.94
N GLN B 589 -64.13 -13.73 46.78
CA GLN B 589 -62.90 -13.05 46.40
C GLN B 589 -61.77 -14.04 46.20
N PHE B 590 -61.67 -15.02 47.10
CA PHE B 590 -60.65 -16.06 47.00
C PHE B 590 -60.81 -16.87 45.71
N CYS B 591 -62.04 -17.31 45.43
CA CYS B 591 -62.30 -18.06 44.21
C CYS B 591 -61.97 -17.24 42.97
N PHE B 592 -62.41 -15.97 42.97
CA PHE B 592 -62.15 -15.10 41.83
C PHE B 592 -60.65 -14.90 41.62
N GLY B 593 -59.90 -14.74 42.70
CA GLY B 593 -58.46 -14.59 42.57
C GLY B 593 -57.79 -15.85 42.04
N LEU B 594 -58.24 -17.02 42.48
CA LEU B 594 -57.68 -18.25 41.95
C LEU B 594 -57.97 -18.39 40.45
N ILE B 595 -59.19 -18.03 40.04
CA ILE B 595 -59.52 -18.04 38.61
C ILE B 595 -58.63 -17.05 37.85
N CYS B 596 -58.41 -15.86 38.43
CA CYS B 596 -57.54 -14.88 37.79
C CYS B 596 -56.12 -15.41 37.64
N LEU B 597 -55.63 -16.12 38.65
CA LEU B 597 -54.30 -16.74 38.55
C LEU B 597 -54.25 -17.78 37.44
N GLY B 598 -55.29 -18.61 37.33
CA GLY B 598 -55.34 -19.56 36.23
C GLY B 598 -55.30 -18.86 34.87
N LEU B 599 -56.07 -17.78 34.73
CA LEU B 599 -56.01 -17.00 33.51
C LEU B 599 -54.63 -16.39 33.30
N PHE B 600 -53.98 -15.99 34.39
CA PHE B 600 -52.66 -15.39 34.29
C PHE B 600 -51.65 -16.37 33.69
N CYS B 601 -51.75 -17.64 34.08
CA CYS B 601 -50.84 -18.63 33.51
C CYS B 601 -50.93 -18.68 31.99
N LEU B 602 -52.15 -18.61 31.44
CA LEU B 602 -52.34 -18.81 30.01
C LEU B 602 -51.76 -17.69 29.15
N SER B 603 -51.44 -16.54 29.73
CA SER B 603 -50.85 -15.47 28.93
C SER B 603 -49.54 -15.88 28.28
N VAL B 604 -48.93 -16.96 28.77
CA VAL B 604 -47.67 -17.44 28.20
C VAL B 604 -47.79 -17.64 26.70
N LEU B 605 -48.98 -18.05 26.24
CA LEU B 605 -49.14 -18.48 24.85
C LEU B 605 -49.16 -17.32 23.86
N LEU B 606 -49.11 -16.07 24.30
CA LEU B 606 -49.02 -14.95 23.37
C LEU B 606 -47.61 -14.76 22.82
N PHE B 607 -46.60 -15.25 23.53
CA PHE B 607 -45.20 -14.98 23.19
C PHE B 607 -44.66 -15.88 22.06
N PRO B 608 -44.88 -17.19 22.10
CA PRO B 608 -44.23 -18.06 21.12
C PRO B 608 -44.88 -17.95 19.75
N GLY B 609 -44.21 -18.53 18.76
CA GLY B 609 -44.68 -18.49 17.39
C GLY B 609 -44.22 -17.24 16.67
N ARG B 610 -44.67 -17.12 15.43
CA ARG B 610 -44.29 -15.97 14.63
C ARG B 610 -44.88 -14.70 15.25
N PRO B 611 -44.07 -13.69 15.56
CA PRO B 611 -44.63 -12.46 16.15
C PRO B 611 -45.69 -11.83 15.26
N SER B 612 -46.52 -11.01 15.89
CA SER B 612 -47.60 -10.32 15.19
C SER B 612 -47.79 -8.95 15.83
N SER B 613 -48.37 -8.03 15.07
CA SER B 613 -48.65 -6.69 15.59
C SER B 613 -49.62 -6.73 16.75
N ALA B 614 -50.58 -7.67 16.74
CA ALA B 614 -51.55 -7.76 17.81
C ALA B 614 -50.90 -8.20 19.11
N SER B 615 -50.24 -9.37 19.09
CA SER B 615 -49.63 -9.90 20.30
C SER B 615 -48.53 -8.99 20.83
N CYS B 616 -47.74 -8.39 19.94
CA CYS B 616 -46.65 -7.52 20.38
C CYS B 616 -47.16 -6.44 21.34
N LEU B 617 -48.29 -5.82 21.00
CA LEU B 617 -48.88 -4.82 21.89
C LEU B 617 -49.63 -5.44 23.06
N ALA B 618 -50.31 -6.57 22.83
CA ALA B 618 -51.22 -7.10 23.84
C ALA B 618 -50.50 -7.81 24.99
N GLN B 619 -49.30 -8.34 24.74
CA GLN B 619 -48.74 -9.35 25.63
C GLN B 619 -48.58 -8.85 27.06
N GLN B 620 -48.08 -7.63 27.25
CA GLN B 620 -47.81 -7.17 28.61
C GLN B 620 -49.09 -6.93 29.39
N PRO B 621 -50.05 -6.13 28.92
CA PRO B 621 -51.32 -6.01 29.66
C PRO B 621 -51.99 -7.35 29.90
N MET B 622 -52.01 -8.22 28.88
CA MET B 622 -52.67 -9.50 29.02
C MET B 622 -52.02 -10.36 30.09
N ALA B 623 -50.75 -10.11 30.41
CA ALA B 623 -50.10 -10.80 31.50
C ALA B 623 -50.44 -10.15 32.85
N HIS B 624 -50.25 -8.83 32.95
CA HIS B 624 -50.27 -8.19 34.27
C HIS B 624 -51.67 -7.91 34.78
N LEU B 625 -52.68 -7.75 33.92
CA LEU B 625 -54.03 -7.46 34.41
C LEU B 625 -54.59 -8.61 35.26
N PRO B 626 -54.63 -9.85 34.78
CA PRO B 626 -55.05 -10.95 35.66
C PRO B 626 -54.23 -11.04 36.94
N LEU B 627 -52.92 -10.83 36.85
CA LEU B 627 -52.09 -10.88 38.06
C LEU B 627 -52.47 -9.78 39.03
N THR B 628 -52.79 -8.59 38.53
CA THR B 628 -53.26 -7.53 39.42
C THR B 628 -54.55 -7.94 40.10
N GLY B 629 -55.49 -8.50 39.34
CA GLY B 629 -56.73 -8.97 39.94
C GLY B 629 -56.50 -9.99 41.02
N CYS B 630 -55.60 -10.94 40.77
CA CYS B 630 -55.29 -11.96 41.78
C CYS B 630 -54.65 -11.32 43.01
N LEU B 631 -53.60 -10.52 42.81
CA LEU B 631 -52.85 -9.98 43.94
C LEU B 631 -53.70 -9.06 44.81
N SER B 632 -54.70 -8.39 44.23
CA SER B 632 -55.56 -7.55 45.05
C SER B 632 -56.21 -8.35 46.18
N THR B 633 -56.59 -9.60 45.91
CA THR B 633 -57.26 -10.41 46.93
C THR B 633 -56.30 -10.80 48.05
N LEU B 634 -55.06 -11.14 47.71
CA LEU B 634 -54.08 -11.43 48.76
C LEU B 634 -53.74 -10.18 49.55
N PHE B 635 -53.71 -9.03 48.89
CA PHE B 635 -53.54 -7.77 49.62
C PHE B 635 -54.70 -7.56 50.60
N LEU B 636 -55.92 -7.86 50.17
CA LEU B 636 -57.07 -7.70 51.06
C LEU B 636 -57.02 -8.69 52.23
N GLN B 637 -56.56 -9.91 51.99
CA GLN B 637 -56.38 -10.85 53.08
C GLN B 637 -55.31 -10.39 54.04
N ALA B 638 -54.23 -9.79 53.54
CA ALA B 638 -53.24 -9.19 54.41
C ALA B 638 -53.83 -8.04 55.22
N ALA B 639 -54.70 -7.25 54.59
CA ALA B 639 -55.40 -6.18 55.32
C ALA B 639 -56.27 -6.76 56.43
N GLU B 640 -56.97 -7.85 56.16
CA GLU B 640 -57.74 -8.53 57.20
C GLU B 640 -56.83 -8.97 58.33
N THR B 641 -55.72 -9.61 57.99
CA THR B 641 -54.77 -10.08 59.00
C THR B 641 -54.24 -8.91 59.83
N PHE B 642 -53.99 -7.77 59.18
CA PHE B 642 -53.41 -6.63 59.86
C PHE B 642 -54.42 -5.95 60.78
N VAL B 643 -55.66 -5.78 60.30
CA VAL B 643 -56.68 -5.17 61.13
C VAL B 643 -57.06 -6.08 62.29
N GLU B 644 -56.89 -7.39 62.12
CA GLU B 644 -57.18 -8.32 63.22
C GLU B 644 -56.10 -8.33 64.29
N SER B 645 -54.94 -7.72 64.07
CA SER B 645 -53.82 -7.87 65.00
C SER B 645 -53.12 -6.59 65.41
N GLU B 646 -53.19 -5.49 64.64
CA GLU B 646 -52.30 -4.36 64.86
C GLU B 646 -53.02 -3.01 64.92
N LEU B 647 -54.34 -2.99 64.97
CA LEU B 647 -55.06 -1.72 65.06
C LEU B 647 -56.00 -1.76 66.25
N PRO B 648 -56.22 -0.62 66.92
CA PRO B 648 -57.14 -0.61 68.06
C PRO B 648 -58.51 -1.14 67.67
N LEU B 649 -59.09 -1.93 68.58
CA LEU B 649 -60.35 -2.60 68.30
C LEU B 649 -61.46 -1.61 67.94
N SER B 650 -61.49 -0.46 68.64
CA SER B 650 -62.65 0.43 68.60
C SER B 650 -62.94 0.98 67.21
N TRP B 651 -61.98 0.93 66.30
CA TRP B 651 -62.27 1.15 64.88
C TRP B 651 -61.74 0.03 63.99
N ALA B 652 -60.93 -0.90 64.53
CA ALA B 652 -60.57 -2.08 63.78
C ALA B 652 -61.78 -2.92 63.42
N ASN B 653 -62.73 -3.07 64.36
CA ASN B 653 -63.94 -3.81 64.04
C ASN B 653 -64.74 -3.13 62.93
N TRP B 654 -64.86 -1.80 63.01
CA TRP B 654 -65.59 -1.07 61.97
C TRP B 654 -64.93 -1.28 60.61
N LEU B 655 -63.61 -1.11 60.53
CA LEU B 655 -62.92 -1.31 59.26
C LEU B 655 -63.08 -2.75 58.76
N CYS B 656 -62.95 -3.73 59.66
CA CYS B 656 -63.06 -5.13 59.27
C CYS B 656 -64.44 -5.43 58.67
N SER B 657 -65.50 -4.96 59.33
CA SER B 657 -66.84 -5.20 58.83
C SER B 657 -67.20 -4.34 57.63
N TYR B 658 -66.51 -3.22 57.43
CA TYR B 658 -66.83 -2.30 56.35
C TYR B 658 -66.15 -2.70 55.03
N LEU B 659 -64.88 -3.07 55.09
CA LEU B 659 -64.15 -3.37 53.86
C LEU B 659 -64.59 -4.68 53.24
N ARG B 660 -65.03 -5.64 54.05
CA ARG B 660 -65.48 -6.91 53.51
C ARG B 660 -66.81 -6.74 52.78
N GLY B 661 -66.97 -7.48 51.68
CA GLY B 661 -68.17 -7.41 50.87
C GLY B 661 -68.03 -6.53 49.65
N LEU B 662 -69.05 -5.69 49.40
CA LEU B 662 -69.08 -4.90 48.17
C LEU B 662 -67.82 -4.04 48.03
N TRP B 663 -67.27 -3.56 49.14
CA TRP B 663 -66.09 -2.71 49.06
C TRP B 663 -64.84 -3.48 48.65
N ALA B 664 -64.79 -4.78 48.92
CA ALA B 664 -63.72 -5.60 48.36
C ALA B 664 -63.80 -5.64 46.84
N TRP B 665 -65.01 -5.81 46.28
CA TRP B 665 -65.18 -5.73 44.84
C TRP B 665 -64.82 -4.33 44.34
N LEU B 666 -65.13 -3.30 45.12
CA LEU B 666 -64.74 -1.95 44.75
C LEU B 666 -63.22 -1.84 44.63
N VAL B 667 -62.49 -2.41 45.59
CA VAL B 667 -61.02 -2.40 45.52
C VAL B 667 -60.55 -3.17 44.30
N VAL B 668 -61.14 -4.32 44.03
CA VAL B 668 -60.76 -5.10 42.86
C VAL B 668 -60.93 -4.27 41.59
N LEU B 669 -62.10 -3.64 41.45
CA LEU B 669 -62.37 -2.84 40.26
C LEU B 669 -61.40 -1.67 40.17
N LEU B 670 -61.13 -1.01 41.30
CA LEU B 670 -60.23 0.15 41.29
C LEU B 670 -58.83 -0.25 40.86
N ALA B 671 -58.31 -1.36 41.41
CA ALA B 671 -57.00 -1.84 40.99
C ALA B 671 -56.98 -2.19 39.52
N THR B 672 -58.02 -2.88 39.03
CA THR B 672 -58.08 -3.22 37.62
C THR B 672 -58.08 -1.97 36.75
N PHE B 673 -58.84 -0.94 37.16
CA PHE B 673 -58.93 0.28 36.38
C PHE B 673 -57.60 1.02 36.35
N VAL B 674 -56.92 1.10 37.49
CA VAL B 674 -55.62 1.76 37.51
C VAL B 674 -54.64 1.01 36.61
N GLU B 675 -54.64 -0.32 36.70
CA GLU B 675 -53.75 -1.10 35.85
C GLU B 675 -54.06 -0.87 34.37
N ALA B 676 -55.35 -0.84 34.01
CA ALA B 676 -55.73 -0.63 32.62
C ALA B 676 -55.32 0.76 32.13
N ALA B 677 -55.51 1.77 32.98
CA ALA B 677 -55.10 3.12 32.59
C ALA B 677 -53.60 3.19 32.35
N LEU B 678 -52.81 2.58 33.23
CA LEU B 678 -51.37 2.56 33.00
C LEU B 678 -51.01 1.72 31.78
N CYS B 679 -51.79 0.68 31.48
CA CYS B 679 -51.57 -0.08 30.25
C CYS B 679 -51.78 0.79 29.03
N ALA B 680 -52.85 1.60 29.02
CA ALA B 680 -53.04 2.53 27.91
C ALA B 680 -51.92 3.55 27.82
N TRP B 681 -51.46 4.05 28.97
CA TRP B 681 -50.37 5.01 28.96
C TRP B 681 -49.11 4.38 28.39
N TYR B 682 -48.87 3.11 28.70
CA TYR B 682 -47.76 2.38 28.10
C TYR B 682 -47.96 2.19 26.60
N LEU B 683 -49.19 1.87 26.18
CA LEU B 683 -49.48 1.63 24.78
C LEU B 683 -49.40 2.88 23.93
N ILE B 684 -49.42 4.07 24.54
CA ILE B 684 -49.30 5.32 23.82
C ILE B 684 -47.89 5.90 23.94
N ALA B 685 -47.37 5.97 25.16
CA ALA B 685 -46.07 6.62 25.37
C ALA B 685 -44.89 5.72 25.01
N PHE B 686 -44.96 4.41 25.32
CA PHE B 686 -43.84 3.51 25.07
C PHE B 686 -44.28 2.20 24.42
N PRO B 687 -45.07 2.23 23.35
CA PRO B 687 -45.52 0.97 22.73
C PRO B 687 -44.39 0.23 22.05
N PRO B 688 -44.34 -1.10 22.18
CA PRO B 688 -43.33 -1.89 21.44
C PRO B 688 -43.75 -2.10 19.99
N GLU B 689 -42.88 -2.81 19.26
CA GLU B 689 -43.11 -3.06 17.84
C GLU B 689 -42.43 -4.36 17.43
N VAL B 690 -42.99 -5.02 16.42
CA VAL B 690 -42.38 -6.19 15.81
C VAL B 690 -41.23 -5.72 14.92
N VAL B 691 -40.01 -6.12 15.28
CA VAL B 691 -38.79 -5.65 14.60
C VAL B 691 -38.12 -6.82 13.92
N THR B 692 -37.72 -6.62 12.66
CA THR B 692 -36.93 -7.60 11.92
C THR B 692 -35.49 -7.08 11.83
N ASP B 693 -34.55 -7.90 12.30
CA ASP B 693 -33.13 -7.53 12.35
C ASP B 693 -32.34 -8.47 11.46
N TRP B 694 -31.62 -7.90 10.49
CA TRP B 694 -30.80 -8.68 9.56
C TRP B 694 -29.34 -8.76 9.98
N SER B 695 -28.98 -8.21 11.14
CA SER B 695 -27.57 -8.07 11.52
C SER B 695 -27.22 -8.65 12.88
N VAL B 696 -28.18 -8.79 13.80
CA VAL B 696 -27.85 -9.19 15.18
C VAL B 696 -27.53 -10.67 15.31
N LEU B 697 -27.78 -11.46 14.25
CA LEU B 697 -27.45 -12.88 14.26
C LEU B 697 -26.51 -13.20 13.10
N PRO B 698 -25.69 -14.24 13.25
CA PRO B 698 -24.64 -14.49 12.25
C PRO B 698 -25.16 -15.10 10.95
N THR B 699 -26.13 -16.00 11.04
CA THR B 699 -26.67 -16.69 9.86
C THR B 699 -28.19 -16.65 9.81
N GLU B 700 -28.82 -15.75 10.55
CA GLU B 700 -30.27 -15.75 10.66
C GLU B 700 -30.79 -14.32 10.66
N VAL B 701 -32.11 -14.20 10.50
CA VAL B 701 -32.82 -12.94 10.64
C VAL B 701 -33.70 -13.06 11.88
N LEU B 702 -33.52 -12.14 12.82
CA LEU B 702 -34.26 -12.19 14.07
C LEU B 702 -35.62 -11.52 13.92
N GLU B 703 -36.67 -12.21 14.37
CA GLU B 703 -38.00 -11.65 14.50
C GLU B 703 -38.34 -11.60 15.98
N HIS B 704 -38.53 -10.39 16.51
CA HIS B 704 -38.78 -10.24 17.93
C HIS B 704 -39.55 -8.95 18.20
N CYS B 705 -40.21 -8.93 19.36
CA CYS B 705 -40.95 -7.75 19.82
C CYS B 705 -39.97 -6.82 20.53
N HIS B 706 -39.61 -5.72 19.88
CA HIS B 706 -38.62 -4.81 20.42
C HIS B 706 -39.24 -3.90 21.48
N VAL B 707 -38.50 -3.70 22.57
CA VAL B 707 -38.88 -2.78 23.64
C VAL B 707 -37.94 -1.58 23.57
N ARG B 708 -38.50 -0.38 23.62
CA ARG B 708 -37.71 0.82 23.42
C ARG B 708 -36.60 0.95 24.45
N SER B 709 -36.92 0.72 25.72
CA SER B 709 -35.91 0.67 26.77
C SER B 709 -36.52 0.00 27.99
N TRP B 710 -35.77 -0.92 28.59
CA TRP B 710 -36.32 -1.78 29.63
C TRP B 710 -36.84 -1.02 30.84
N VAL B 711 -36.33 0.19 31.09
CA VAL B 711 -36.85 0.97 32.22
C VAL B 711 -38.27 1.45 31.97
N SER B 712 -38.73 1.46 30.71
CA SER B 712 -40.11 1.84 30.42
C SER B 712 -41.10 0.76 30.79
N LEU B 713 -40.64 -0.46 31.08
CA LEU B 713 -41.51 -1.57 31.42
C LEU B 713 -42.12 -1.46 32.82
N GLY B 714 -41.67 -0.51 33.63
CA GLY B 714 -42.17 -0.38 34.99
C GLY B 714 -43.61 0.07 35.11
N LEU B 715 -44.19 0.59 34.02
CA LEU B 715 -45.56 1.09 34.08
C LEU B 715 -46.53 -0.01 34.48
N VAL B 716 -46.40 -1.20 33.89
CA VAL B 716 -47.29 -2.31 34.21
C VAL B 716 -46.84 -3.08 35.44
N HIS B 717 -45.65 -2.78 35.99
CA HIS B 717 -45.16 -3.47 37.18
C HIS B 717 -45.49 -2.73 38.46
N ILE B 718 -45.36 -1.40 38.47
CA ILE B 718 -45.39 -0.67 39.73
C ILE B 718 -46.65 -1.00 40.54
N THR B 719 -47.80 -1.15 39.88
CA THR B 719 -49.03 -1.48 40.60
C THR B 719 -48.88 -2.80 41.37
N ASN B 720 -48.50 -3.87 40.65
CA ASN B 720 -48.38 -5.17 41.28
C ASN B 720 -47.28 -5.17 42.35
N ALA B 721 -46.16 -4.53 42.06
CA ALA B 721 -45.07 -4.47 43.03
C ALA B 721 -45.51 -3.76 44.31
N MET B 722 -46.25 -2.65 44.18
CA MET B 722 -46.70 -1.95 45.37
C MET B 722 -47.70 -2.79 46.16
N LEU B 723 -48.63 -3.47 45.46
CA LEU B 723 -49.55 -4.34 46.18
C LEU B 723 -48.81 -5.43 46.92
N ALA B 724 -47.81 -6.04 46.28
CA ALA B 724 -47.04 -7.10 46.92
C ALA B 724 -46.30 -6.58 48.15
N PHE B 725 -45.66 -5.40 48.01
CA PHE B 725 -44.90 -4.84 49.13
C PHE B 725 -45.82 -4.50 50.30
N LEU B 726 -46.98 -3.93 50.01
CA LEU B 726 -47.93 -3.63 51.09
C LEU B 726 -48.42 -4.91 51.76
N CYS B 727 -48.67 -5.96 50.99
CA CYS B 727 -49.06 -7.24 51.58
C CYS B 727 -47.97 -7.75 52.50
N PHE B 728 -46.72 -7.70 52.03
CA PHE B 728 -45.61 -8.21 52.84
C PHE B 728 -45.49 -7.44 54.14
N LEU B 729 -45.58 -6.11 54.06
CA LEU B 729 -45.52 -5.30 55.28
C LEU B 729 -46.69 -5.58 56.20
N GLY B 730 -47.86 -5.91 55.63
CA GLY B 730 -49.02 -6.22 56.45
C GLY B 730 -48.98 -7.59 57.09
N THR B 731 -48.11 -8.49 56.60
CA THR B 731 -48.07 -9.85 57.14
C THR B 731 -46.79 -10.19 57.91
N PHE B 732 -45.67 -9.53 57.67
CA PHE B 732 -44.39 -10.03 58.18
C PHE B 732 -44.32 -10.02 59.70
N LEU B 733 -44.92 -9.03 60.36
CA LEU B 733 -44.79 -8.87 61.80
C LEU B 733 -45.81 -9.66 62.61
N VAL B 734 -46.79 -10.27 61.97
CA VAL B 734 -47.96 -10.80 62.67
C VAL B 734 -47.65 -12.15 63.29
N GLN B 735 -48.31 -12.44 64.41
CA GLN B 735 -48.21 -13.73 65.10
C GLN B 735 -49.58 -14.04 65.70
N SER B 736 -49.83 -15.33 65.93
CA SER B 736 -51.16 -15.79 66.32
C SER B 736 -51.07 -16.84 67.42
N GLN B 737 -52.21 -17.09 68.06
CA GLN B 737 -52.30 -18.13 69.07
C GLN B 737 -52.18 -19.52 68.45
N PRO B 738 -51.80 -20.52 69.25
CA PRO B 738 -51.93 -21.91 68.80
C PRO B 738 -53.40 -22.32 68.71
N GLY B 739 -53.66 -23.35 67.91
CA GLY B 739 -55.01 -23.80 67.71
C GLY B 739 -55.83 -22.96 66.76
N ARG B 740 -55.18 -22.15 65.93
CA ARG B 740 -55.85 -21.34 64.93
C ARG B 740 -55.01 -21.34 63.65
N TYR B 741 -55.67 -21.11 62.52
CA TYR B 741 -54.98 -21.08 61.25
C TYR B 741 -54.21 -19.77 61.10
N ASN B 742 -52.93 -19.87 60.75
CA ASN B 742 -52.05 -18.70 60.60
C ASN B 742 -52.02 -18.30 59.14
N ARG B 743 -52.78 -17.25 58.79
CA ARG B 743 -52.73 -16.70 57.43
C ARG B 743 -51.38 -16.06 57.12
N ALA B 744 -50.71 -15.54 58.16
CA ALA B 744 -49.52 -14.73 57.95
C ALA B 744 -48.41 -15.52 57.27
N ARG B 745 -48.19 -16.76 57.71
CA ARG B 745 -47.13 -17.57 57.11
C ARG B 745 -47.32 -17.71 55.60
N GLY B 746 -48.53 -18.09 55.19
CA GLY B 746 -48.80 -18.27 53.77
C GLY B 746 -48.62 -16.99 52.98
N LEU B 747 -49.22 -15.89 53.46
CA LEU B 747 -49.10 -14.63 52.72
C LEU B 747 -47.64 -14.18 52.64
N THR B 748 -46.90 -14.33 53.74
CA THR B 748 -45.49 -13.93 53.77
C THR B 748 -44.69 -14.70 52.75
N PHE B 749 -44.81 -16.04 52.75
CA PHE B 749 -44.06 -16.82 51.77
C PHE B 749 -44.47 -16.48 50.35
N ALA B 750 -45.76 -16.23 50.12
CA ALA B 750 -46.20 -15.88 48.77
C ALA B 750 -45.53 -14.61 48.27
N MET B 751 -45.58 -13.54 49.06
CA MET B 751 -44.98 -12.29 48.61
C MET B 751 -43.47 -12.39 48.50
N LEU B 752 -42.83 -13.14 49.41
CA LEU B 752 -41.39 -13.34 49.32
C LEU B 752 -41.02 -14.04 48.02
N ALA B 753 -41.78 -15.07 47.64
CA ALA B 753 -41.53 -15.75 46.38
C ALA B 753 -41.73 -14.81 45.20
N TYR B 754 -42.77 -14.00 45.24
CA TYR B 754 -43.00 -13.03 44.16
C TYR B 754 -41.77 -12.14 43.97
N PHE B 755 -41.29 -11.55 45.06
CA PHE B 755 -40.17 -10.62 44.95
C PHE B 755 -38.90 -11.33 44.51
N ILE B 756 -38.65 -12.55 45.01
CA ILE B 756 -37.48 -13.29 44.55
C ILE B 756 -37.57 -13.52 43.04
N THR B 757 -38.74 -13.92 42.55
CA THR B 757 -38.91 -14.19 41.13
C THR B 757 -38.59 -12.96 40.31
N TRP B 758 -39.22 -11.83 40.63
CA TRP B 758 -39.07 -10.67 39.76
C TRP B 758 -37.78 -9.90 40.03
N VAL B 759 -37.08 -10.18 41.12
CA VAL B 759 -35.70 -9.71 41.25
C VAL B 759 -34.78 -10.54 40.38
N SER B 760 -35.05 -11.85 40.25
CA SER B 760 -34.29 -12.67 39.32
C SER B 760 -34.58 -12.30 37.87
N PHE B 761 -35.79 -11.82 37.60
CA PHE B 761 -36.21 -11.59 36.22
C PHE B 761 -35.30 -10.60 35.49
N VAL B 762 -35.01 -9.46 36.11
CA VAL B 762 -34.31 -8.38 35.40
C VAL B 762 -32.92 -8.80 34.93
N PRO B 763 -32.02 -9.25 35.79
CA PRO B 763 -30.65 -9.53 35.32
C PRO B 763 -30.61 -10.62 34.26
N LEU B 764 -31.52 -11.59 34.32
CA LEU B 764 -31.55 -12.62 33.29
C LEU B 764 -31.98 -12.04 31.95
N LEU B 765 -33.06 -11.26 31.94
CA LEU B 765 -33.50 -10.64 30.70
C LEU B 765 -32.42 -9.73 30.12
N ALA B 766 -31.61 -9.10 30.97
CA ALA B 766 -30.57 -8.22 30.48
C ALA B 766 -29.37 -8.94 29.89
N ASN B 767 -29.28 -10.27 30.04
CA ASN B 767 -28.04 -10.96 29.69
C ASN B 767 -28.20 -12.24 28.88
N VAL B 768 -29.41 -12.80 28.72
CA VAL B 768 -29.54 -13.96 27.87
C VAL B 768 -29.24 -13.57 26.42
N GLN B 769 -28.84 -14.56 25.63
CA GLN B 769 -28.60 -14.30 24.21
C GLN B 769 -29.89 -13.79 23.57
N VAL B 770 -29.74 -12.90 22.59
CA VAL B 770 -30.85 -12.06 22.15
C VAL B 770 -32.05 -12.91 21.72
N ALA B 771 -31.80 -14.00 20.98
CA ALA B 771 -32.89 -14.76 20.40
C ALA B 771 -33.79 -15.41 21.44
N TYR B 772 -33.31 -15.65 22.66
CA TYR B 772 -34.05 -16.39 23.66
C TYR B 772 -34.87 -15.52 24.61
N GLN B 773 -34.83 -14.19 24.44
CA GLN B 773 -35.42 -13.30 25.45
C GLN B 773 -36.88 -13.59 25.77
N PRO B 774 -37.76 -13.85 24.81
CA PRO B 774 -39.16 -14.16 25.17
C PRO B 774 -39.31 -15.32 26.13
N ALA B 775 -38.42 -16.31 26.05
CA ALA B 775 -38.51 -17.45 26.95
C ALA B 775 -38.33 -17.02 28.40
N VAL B 776 -37.52 -15.99 28.66
CA VAL B 776 -37.35 -15.52 30.02
C VAL B 776 -38.66 -14.96 30.56
N GLN B 777 -39.38 -14.19 29.75
CA GLN B 777 -40.65 -13.64 30.20
C GLN B 777 -41.66 -14.75 30.46
N MET B 778 -41.75 -15.72 29.56
CA MET B 778 -42.66 -16.84 29.79
C MET B 778 -42.32 -17.57 31.09
N GLY B 779 -41.03 -17.84 31.30
CA GLY B 779 -40.61 -18.54 32.50
C GLY B 779 -40.89 -17.75 33.76
N ALA B 780 -40.65 -16.44 33.71
CA ALA B 780 -40.94 -15.59 34.86
C ALA B 780 -42.41 -15.65 35.24
N ILE B 781 -43.30 -15.54 34.24
CA ILE B 781 -44.73 -15.61 34.54
C ILE B 781 -45.06 -16.96 35.16
N LEU B 782 -44.58 -18.05 34.56
CA LEU B 782 -44.90 -19.38 35.06
C LEU B 782 -44.41 -19.57 36.49
N VAL B 783 -43.15 -19.21 36.75
CA VAL B 783 -42.58 -19.43 38.08
C VAL B 783 -43.29 -18.57 39.11
N CYS B 784 -43.64 -17.33 38.77
CA CYS B 784 -44.36 -16.48 39.71
C CYS B 784 -45.70 -17.09 40.10
N ALA B 785 -46.47 -17.52 39.10
CA ALA B 785 -47.76 -18.14 39.41
C ALA B 785 -47.58 -19.40 40.24
N LEU B 786 -46.57 -20.20 39.89
CA LEU B 786 -46.31 -21.43 40.65
C LEU B 786 -45.98 -21.11 42.10
N GLY B 787 -45.15 -20.10 42.34
CA GLY B 787 -44.84 -19.72 43.71
C GLY B 787 -46.07 -19.31 44.48
N ILE B 788 -46.91 -18.46 43.88
CA ILE B 788 -48.12 -18.02 44.59
C ILE B 788 -48.99 -19.22 44.94
N LEU B 789 -49.19 -20.11 43.98
CA LEU B 789 -50.01 -21.30 44.25
C LEU B 789 -49.41 -22.16 45.34
N VAL B 790 -48.10 -22.41 45.27
CA VAL B 790 -47.46 -23.34 46.19
C VAL B 790 -47.45 -22.79 47.61
N THR B 791 -47.49 -21.48 47.78
CA THR B 791 -47.40 -20.89 49.11
C THR B 791 -48.75 -20.58 49.75
N PHE B 792 -49.71 -20.08 48.98
CA PHE B 792 -50.96 -19.57 49.54
C PHE B 792 -52.11 -20.56 49.46
N HIS B 793 -52.24 -21.29 48.35
CA HIS B 793 -53.37 -22.21 48.14
C HIS B 793 -53.03 -23.65 48.50
N LEU B 794 -51.83 -24.09 48.12
CA LEU B 794 -51.48 -25.50 48.26
C LEU B 794 -51.58 -26.01 49.69
N PRO B 795 -51.03 -25.32 50.70
CA PRO B 795 -51.18 -25.84 52.07
C PRO B 795 -52.63 -25.87 52.54
N LYS B 796 -53.45 -24.92 52.10
CA LYS B 796 -54.87 -24.94 52.43
C LYS B 796 -55.53 -26.20 51.90
N CYS B 797 -55.32 -26.49 50.61
CA CYS B 797 -55.93 -27.70 50.07
C CYS B 797 -55.33 -28.95 50.69
N TYR B 798 -54.05 -28.91 51.06
CA TYR B 798 -53.43 -30.05 51.71
C TYR B 798 -54.13 -30.37 53.03
N VAL B 799 -54.33 -29.36 53.87
CA VAL B 799 -55.04 -29.57 55.14
C VAL B 799 -56.48 -29.99 54.88
N LEU B 800 -57.12 -29.39 53.86
CA LEU B 800 -58.50 -29.75 53.56
C LEU B 800 -58.62 -31.23 53.18
N LEU B 801 -57.63 -31.75 52.45
CA LEU B 801 -57.67 -33.14 52.00
C LEU B 801 -57.28 -34.11 53.11
N TRP B 802 -56.17 -33.85 53.79
CA TRP B 802 -55.59 -34.85 54.69
C TRP B 802 -55.98 -34.67 56.15
N LEU B 803 -56.46 -33.50 56.54
CA LEU B 803 -56.86 -33.27 57.92
C LEU B 803 -58.06 -32.33 57.97
N PRO B 804 -59.20 -32.73 57.41
CA PRO B 804 -60.38 -31.86 57.43
C PRO B 804 -60.93 -31.63 58.83
N LYS B 805 -60.50 -32.38 59.83
CA LYS B 805 -61.06 -32.24 61.17
C LYS B 805 -60.87 -30.83 61.72
N LEU B 806 -59.86 -30.10 61.24
CA LEU B 806 -59.62 -28.75 61.68
C LEU B 806 -60.52 -27.72 61.03
N ASN B 807 -61.30 -28.12 60.01
CA ASN B 807 -62.08 -27.17 59.23
C ASN B 807 -63.28 -26.72 60.05
N THR B 808 -63.05 -25.69 60.88
CA THR B 808 -64.04 -25.24 61.83
C THR B 808 -63.99 -23.72 61.95
N GLN B 809 -65.10 -23.14 62.42
CA GLN B 809 -65.14 -21.70 62.67
C GLN B 809 -64.15 -21.29 63.75
N GLU B 810 -63.98 -22.14 64.77
CA GLU B 810 -63.08 -21.79 65.87
C GLU B 810 -61.63 -21.76 65.41
N PHE B 811 -61.22 -22.72 64.60
CA PHE B 811 -59.83 -22.79 64.16
C PHE B 811 -59.51 -21.73 63.12
N PHE B 812 -60.39 -21.52 62.15
CA PHE B 812 -60.10 -20.65 61.02
C PHE B 812 -60.59 -19.22 61.23
N LEU B 813 -61.53 -18.99 62.14
CA LEU B 813 -61.96 -17.63 62.49
C LEU B 813 -62.18 -17.51 63.99
#